data_2DHM
#
_entry.id   2DHM
#
_entity_poly.entity_id   1
_entity_poly.type   'polypeptide(L)'
_entity_poly.pdbx_seq_one_letter_code
;GSSGSSGMMIRERIEEKLRAAFQPVFLEVVDESYRHNVPAGSESHFKVVLVSDRFTGERFLNRHRMIYSTLAEELSTTVH
ALALHTYTIKEWEGLQDTVFASPPCRG
;
_entity_poly.pdbx_strand_id   A
#
# COMPACT_ATOMS: atom_id res chain seq x y z
N GLY A 1 -22.19 -3.97 2.73
CA GLY A 1 -22.88 -3.52 1.54
C GLY A 1 -23.99 -4.47 1.11
N SER A 2 -25.20 -3.94 1.00
CA SER A 2 -26.36 -4.75 0.61
C SER A 2 -26.19 -5.26 -0.82
N SER A 3 -26.52 -6.53 -1.03
CA SER A 3 -26.40 -7.14 -2.35
C SER A 3 -27.15 -6.31 -3.40
N GLY A 4 -26.82 -6.53 -4.67
CA GLY A 4 -27.45 -5.79 -5.74
C GLY A 4 -26.52 -4.79 -6.37
N SER A 5 -26.43 -3.60 -5.76
CA SER A 5 -25.56 -2.54 -6.27
C SER A 5 -24.11 -2.77 -5.86
N SER A 6 -23.29 -3.16 -6.83
CA SER A 6 -21.88 -3.41 -6.57
C SER A 6 -21.02 -2.95 -7.74
N GLY A 7 -19.70 -2.96 -7.54
CA GLY A 7 -18.79 -2.54 -8.59
C GLY A 7 -17.61 -3.48 -8.75
N MET A 8 -16.81 -3.25 -9.78
CA MET A 8 -15.64 -4.08 -10.05
C MET A 8 -14.37 -3.24 -10.10
N MET A 9 -14.29 -2.25 -9.21
CA MET A 9 -13.13 -1.38 -9.15
C MET A 9 -11.95 -2.09 -8.50
N ILE A 10 -10.83 -2.17 -9.24
CA ILE A 10 -9.63 -2.83 -8.74
C ILE A 10 -9.20 -2.22 -7.40
N ARG A 11 -9.06 -0.91 -7.37
CA ARG A 11 -8.66 -0.20 -6.16
C ARG A 11 -9.30 -0.85 -4.92
N GLU A 12 -10.62 -0.99 -4.96
CA GLU A 12 -11.35 -1.58 -3.84
C GLU A 12 -10.92 -3.03 -3.62
N ARG A 13 -11.11 -3.87 -4.63
CA ARG A 13 -10.75 -5.28 -4.55
C ARG A 13 -9.40 -5.44 -3.85
N ILE A 14 -8.44 -4.61 -4.23
CA ILE A 14 -7.10 -4.67 -3.64
C ILE A 14 -7.16 -4.49 -2.13
N GLU A 15 -7.61 -3.32 -1.70
CA GLU A 15 -7.71 -3.01 -0.28
C GLU A 15 -8.63 -4.01 0.42
N GLU A 16 -9.88 -4.07 -0.01
CA GLU A 16 -10.86 -4.98 0.57
C GLU A 16 -10.19 -6.29 0.99
N LYS A 17 -9.23 -6.75 0.19
CA LYS A 17 -8.52 -7.98 0.47
C LYS A 17 -7.50 -7.78 1.59
N LEU A 18 -6.59 -6.84 1.38
CA LEU A 18 -5.56 -6.55 2.38
C LEU A 18 -6.17 -6.41 3.77
N ARG A 19 -7.31 -5.74 3.85
CA ARG A 19 -7.99 -5.54 5.12
C ARG A 19 -7.92 -6.81 5.98
N ALA A 20 -8.40 -7.92 5.42
CA ALA A 20 -8.41 -9.19 6.13
C ALA A 20 -7.13 -9.97 5.84
N ALA A 21 -6.45 -9.62 4.75
CA ALA A 21 -5.21 -10.29 4.37
C ALA A 21 -4.17 -10.19 5.48
N PHE A 22 -3.89 -8.96 5.91
CA PHE A 22 -2.91 -8.73 6.97
C PHE A 22 -3.55 -8.02 8.15
N GLN A 23 -4.49 -7.12 7.87
CA GLN A 23 -5.17 -6.37 8.92
C GLN A 23 -4.23 -5.38 9.58
N PRO A 24 -3.56 -4.56 8.76
CA PRO A 24 -2.62 -3.55 9.24
C PRO A 24 -3.32 -2.40 9.97
N VAL A 25 -2.60 -1.29 10.15
CA VAL A 25 -3.16 -0.13 10.83
C VAL A 25 -3.57 0.94 9.82
N PHE A 26 -2.77 1.09 8.76
CA PHE A 26 -3.05 2.08 7.73
C PHE A 26 -3.31 1.41 6.38
N LEU A 27 -4.10 2.06 5.54
CA LEU A 27 -4.42 1.53 4.22
C LEU A 27 -4.90 2.64 3.29
N GLU A 28 -4.31 2.71 2.10
CA GLU A 28 -4.69 3.73 1.13
C GLU A 28 -4.05 3.43 -0.23
N VAL A 29 -4.89 3.34 -1.26
CA VAL A 29 -4.40 3.06 -2.60
C VAL A 29 -4.63 4.26 -3.53
N VAL A 30 -3.66 4.52 -4.41
CA VAL A 30 -3.76 5.64 -5.34
C VAL A 30 -3.92 5.14 -6.77
N ASP A 31 -5.17 5.09 -7.23
CA ASP A 31 -5.46 4.63 -8.59
C ASP A 31 -5.58 5.81 -9.55
N GLU A 32 -5.08 5.64 -10.76
CA GLU A 32 -5.13 6.69 -11.76
C GLU A 32 -5.96 6.25 -12.97
N SER A 33 -6.96 7.06 -13.32
CA SER A 33 -7.83 6.76 -14.45
C SER A 33 -7.25 7.32 -15.74
N TYR A 34 -7.95 7.08 -16.85
CA TYR A 34 -7.51 7.56 -18.15
C TYR A 34 -7.41 9.08 -18.17
N ARG A 35 -6.32 9.59 -18.73
CA ARG A 35 -6.10 11.02 -18.82
C ARG A 35 -6.12 11.50 -20.27
N HIS A 36 -5.53 10.73 -21.15
CA HIS A 36 -5.48 11.06 -22.57
C HIS A 36 -6.36 10.11 -23.39
N ASN A 37 -6.86 10.59 -24.51
CA ASN A 37 -7.71 9.79 -25.37
C ASN A 37 -6.91 8.68 -26.05
N VAL A 38 -5.75 9.05 -26.60
CA VAL A 38 -4.89 8.09 -27.27
C VAL A 38 -4.69 6.84 -26.42
N PRO A 39 -4.53 5.69 -27.09
CA PRO A 39 -4.34 4.40 -26.42
C PRO A 39 -2.97 4.31 -25.74
N ALA A 40 -2.98 4.05 -24.43
CA ALA A 40 -1.75 3.92 -23.67
C ALA A 40 -1.55 2.50 -23.17
N GLY A 41 -0.55 1.81 -23.72
CA GLY A 41 -0.28 0.45 -23.31
C GLY A 41 1.19 0.21 -23.03
N SER A 42 1.80 1.12 -22.28
CA SER A 42 3.22 1.01 -21.94
C SER A 42 3.41 0.78 -20.44
N GLU A 43 2.94 1.74 -19.65
CA GLU A 43 3.06 1.64 -18.19
C GLU A 43 1.73 1.99 -17.52
N SER A 44 1.55 1.49 -16.30
CA SER A 44 0.33 1.74 -15.55
C SER A 44 0.64 2.27 -14.14
N HIS A 45 0.77 3.60 -14.04
CA HIS A 45 1.07 4.22 -12.75
C HIS A 45 0.15 3.70 -11.66
N PHE A 46 0.74 3.16 -10.61
CA PHE A 46 -0.02 2.62 -9.49
C PHE A 46 0.79 2.64 -8.20
N LYS A 47 0.13 2.99 -7.10
CA LYS A 47 0.80 3.05 -5.80
C LYS A 47 -0.14 2.61 -4.68
N VAL A 48 0.41 1.98 -3.66
CA VAL A 48 -0.37 1.51 -2.53
C VAL A 48 0.36 1.73 -1.21
N VAL A 49 -0.38 2.15 -0.19
CA VAL A 49 0.21 2.40 1.12
C VAL A 49 -0.33 1.41 2.16
N LEU A 50 0.58 0.83 2.93
CA LEU A 50 0.20 -0.14 3.95
C LEU A 50 1.23 -0.17 5.08
N VAL A 51 0.87 0.38 6.23
CA VAL A 51 1.75 0.41 7.39
C VAL A 51 1.55 -0.80 8.28
N SER A 52 2.64 -1.49 8.59
CA SER A 52 2.57 -2.68 9.44
C SER A 52 3.92 -2.94 10.11
N ASP A 53 3.87 -3.46 11.33
CA ASP A 53 5.08 -3.77 12.08
C ASP A 53 5.87 -4.90 11.42
N ARG A 54 5.15 -5.84 10.82
CA ARG A 54 5.77 -6.98 10.16
C ARG A 54 6.93 -6.53 9.27
N PHE A 55 6.86 -5.28 8.82
CA PHE A 55 7.91 -4.71 7.96
C PHE A 55 8.99 -4.06 8.80
N THR A 56 9.25 -4.61 9.98
CA THR A 56 10.26 -4.07 10.88
C THR A 56 11.66 -4.27 10.30
N GLY A 57 12.04 -3.41 9.36
CA GLY A 57 13.35 -3.50 8.75
C GLY A 57 13.77 -4.94 8.51
N GLU A 58 12.86 -5.74 7.96
CA GLU A 58 13.14 -7.13 7.68
C GLU A 58 13.87 -7.29 6.35
N ARG A 59 13.21 -6.88 5.26
CA ARG A 59 13.79 -6.97 3.93
C ARG A 59 13.10 -6.01 2.97
N PHE A 60 13.71 -5.81 1.81
CA PHE A 60 13.16 -4.90 0.80
C PHE A 60 12.24 -5.66 -0.15
N LEU A 61 12.57 -6.91 -0.42
CA LEU A 61 11.78 -7.74 -1.33
C LEU A 61 10.65 -8.44 -0.57
N ASN A 62 10.95 -8.90 0.64
CA ASN A 62 9.96 -9.58 1.46
C ASN A 62 8.70 -8.73 1.61
N ARG A 63 8.84 -7.43 1.39
CA ARG A 63 7.72 -6.51 1.50
C ARG A 63 6.73 -6.70 0.35
N HIS A 64 7.25 -7.16 -0.79
CA HIS A 64 6.42 -7.40 -1.96
C HIS A 64 5.90 -8.83 -1.98
N ARG A 65 6.80 -9.79 -1.72
CA ARG A 65 6.43 -11.20 -1.71
C ARG A 65 5.15 -11.42 -0.90
N MET A 66 5.06 -10.75 0.24
CA MET A 66 3.89 -10.88 1.10
C MET A 66 2.65 -10.28 0.43
N ILE A 67 2.77 -9.05 -0.03
CA ILE A 67 1.66 -8.37 -0.70
C ILE A 67 1.21 -9.13 -1.94
N TYR A 68 2.12 -9.29 -2.90
CA TYR A 68 1.80 -10.00 -4.13
C TYR A 68 1.05 -11.28 -3.84
N SER A 69 1.64 -12.14 -2.99
CA SER A 69 1.02 -13.40 -2.63
C SER A 69 -0.50 -13.25 -2.53
N THR A 70 -0.94 -12.21 -1.86
CA THR A 70 -2.37 -11.95 -1.68
C THR A 70 -3.06 -11.72 -3.02
N LEU A 71 -2.62 -10.68 -3.72
CA LEU A 71 -3.19 -10.34 -5.02
C LEU A 71 -2.35 -10.93 -6.16
N ALA A 72 -1.82 -12.12 -5.92
CA ALA A 72 -1.01 -12.80 -6.93
C ALA A 72 -1.56 -12.58 -8.33
N GLU A 73 -2.74 -13.13 -8.59
CA GLU A 73 -3.38 -12.99 -9.90
C GLU A 73 -4.30 -11.77 -9.93
N GLU A 74 -5.00 -11.54 -8.83
CA GLU A 74 -5.91 -10.41 -8.73
C GLU A 74 -5.34 -9.19 -9.43
N LEU A 75 -4.12 -8.82 -9.05
CA LEU A 75 -3.46 -7.66 -9.64
C LEU A 75 -2.94 -7.98 -11.04
N SER A 76 -2.38 -9.18 -11.20
CA SER A 76 -1.85 -9.60 -12.49
C SER A 76 -2.91 -9.47 -13.58
N THR A 77 -4.17 -9.48 -13.18
CA THR A 77 -5.28 -9.36 -14.11
C THR A 77 -5.07 -8.19 -15.06
N THR A 78 -5.05 -6.99 -14.51
CA THR A 78 -4.87 -5.78 -15.31
C THR A 78 -3.58 -5.05 -14.92
N VAL A 79 -3.27 -5.08 -13.62
CA VAL A 79 -2.07 -4.43 -13.12
C VAL A 79 -0.86 -5.34 -13.23
N HIS A 80 0.31 -4.74 -13.48
CA HIS A 80 1.54 -5.50 -13.61
C HIS A 80 2.60 -5.00 -12.62
N ALA A 81 2.85 -3.69 -12.64
CA ALA A 81 3.84 -3.10 -11.75
C ALA A 81 3.16 -2.21 -10.71
N LEU A 82 3.66 -2.26 -9.48
CA LEU A 82 3.10 -1.47 -8.39
C LEU A 82 4.19 -1.03 -7.42
N ALA A 83 4.14 0.23 -7.00
CA ALA A 83 5.12 0.77 -6.07
C ALA A 83 4.64 0.65 -4.62
N LEU A 84 5.02 -0.44 -3.97
CA LEU A 84 4.62 -0.67 -2.59
C LEU A 84 5.38 0.25 -1.64
N HIS A 85 4.67 0.80 -0.65
CA HIS A 85 5.28 1.69 0.32
C HIS A 85 4.99 1.22 1.74
N THR A 86 5.73 0.20 2.18
CA THR A 86 5.54 -0.34 3.53
C THR A 86 6.36 0.43 4.55
N TYR A 87 5.68 0.97 5.56
CA TYR A 87 6.35 1.74 6.61
C TYR A 87 6.07 1.14 7.98
N THR A 88 6.82 1.60 8.98
CA THR A 88 6.65 1.12 10.35
C THR A 88 5.97 2.16 11.23
N ILE A 89 5.45 1.73 12.37
CA ILE A 89 4.78 2.63 13.30
C ILE A 89 5.66 3.84 13.61
N LYS A 90 6.86 3.58 14.11
CA LYS A 90 7.79 4.65 14.46
C LYS A 90 8.01 5.58 13.26
N GLU A 91 8.69 5.06 12.24
CA GLU A 91 8.97 5.85 11.04
C GLU A 91 7.80 6.76 10.70
N TRP A 92 6.59 6.23 10.84
CA TRP A 92 5.38 6.99 10.55
C TRP A 92 5.17 8.10 11.58
N GLU A 93 5.40 7.76 12.85
CA GLU A 93 5.22 8.72 13.93
C GLU A 93 5.84 10.06 13.57
N GLY A 94 6.89 10.04 12.77
CA GLY A 94 7.55 11.26 12.36
C GLY A 94 8.28 11.12 11.03
N LEU A 95 7.55 10.71 10.00
CA LEU A 95 8.13 10.53 8.67
C LEU A 95 8.83 11.81 8.20
N GLN A 96 8.07 12.88 8.06
CA GLN A 96 8.61 14.16 7.64
C GLN A 96 9.24 14.91 8.80
N ASP A 97 8.42 15.27 9.78
CA ASP A 97 8.89 15.99 10.95
C ASP A 97 9.78 15.10 11.82
N THR A 98 10.85 15.68 12.36
CA THR A 98 11.76 14.94 13.21
C THR A 98 12.15 15.74 14.45
N VAL A 99 11.87 15.18 15.62
CA VAL A 99 12.18 15.84 16.88
C VAL A 99 13.59 15.46 17.36
N PHE A 100 14.34 16.46 17.81
CA PHE A 100 15.70 16.22 18.30
C PHE A 100 15.67 15.42 19.60
N ALA A 101 15.57 14.10 19.47
CA ALA A 101 15.54 13.22 20.63
C ALA A 101 16.81 12.37 20.71
N SER A 102 17.78 12.86 21.48
CA SER A 102 19.05 12.16 21.63
C SER A 102 19.42 12.02 23.11
N PRO A 103 18.77 11.06 23.79
CA PRO A 103 19.01 10.80 25.21
C PRO A 103 20.38 10.19 25.47
N PRO A 104 20.95 10.48 26.65
CA PRO A 104 22.27 9.98 27.05
C PRO A 104 22.26 8.48 27.31
N CYS A 105 23.39 7.83 27.08
CA CYS A 105 23.51 6.40 27.29
C CYS A 105 24.04 6.10 28.69
N ARG A 106 24.05 4.82 29.05
CA ARG A 106 24.53 4.40 30.37
C ARG A 106 25.53 3.26 30.24
N GLY A 107 26.35 3.08 31.27
CA GLY A 107 27.34 2.02 31.26
C GLY A 107 26.79 0.71 30.74
N GLY A 1 -30.08 7.90 4.19
CA GLY A 1 -30.62 6.66 3.67
C GLY A 1 -29.54 5.66 3.30
N SER A 2 -29.24 4.75 4.22
CA SER A 2 -28.21 3.74 3.98
C SER A 2 -28.79 2.56 3.22
N SER A 3 -29.60 2.85 2.21
CA SER A 3 -30.21 1.81 1.40
C SER A 3 -29.20 0.73 1.04
N GLY A 4 -28.01 1.16 0.65
CA GLY A 4 -26.96 0.21 0.28
C GLY A 4 -25.80 0.89 -0.42
N SER A 5 -24.78 0.09 -0.76
CA SER A 5 -23.60 0.62 -1.43
C SER A 5 -22.86 -0.49 -2.18
N SER A 6 -22.43 -0.17 -3.40
CA SER A 6 -21.71 -1.13 -4.23
C SER A 6 -20.50 -0.49 -4.89
N GLY A 7 -19.56 -1.33 -5.32
CA GLY A 7 -18.36 -0.83 -5.97
C GLY A 7 -17.51 -1.94 -6.56
N MET A 8 -17.45 -1.99 -7.89
CA MET A 8 -16.67 -3.01 -8.58
C MET A 8 -15.45 -2.39 -9.25
N MET A 9 -14.38 -2.25 -8.49
CA MET A 9 -13.14 -1.68 -9.02
C MET A 9 -11.92 -2.35 -8.40
N ILE A 10 -10.88 -2.53 -9.21
CA ILE A 10 -9.65 -3.18 -8.75
C ILE A 10 -9.22 -2.61 -7.39
N ARG A 11 -9.09 -1.30 -7.31
CA ARG A 11 -8.69 -0.64 -6.08
C ARG A 11 -9.32 -1.31 -4.87
N GLU A 12 -10.63 -1.58 -4.97
CA GLU A 12 -11.36 -2.23 -3.88
C GLU A 12 -10.86 -3.65 -3.66
N ARG A 13 -10.99 -4.48 -4.70
CA ARG A 13 -10.56 -5.87 -4.62
C ARG A 13 -9.22 -5.99 -3.90
N ILE A 14 -8.31 -5.06 -4.19
CA ILE A 14 -6.99 -5.06 -3.57
C ILE A 14 -7.09 -4.89 -2.06
N GLU A 15 -7.65 -3.76 -1.64
CA GLU A 15 -7.81 -3.47 -0.22
C GLU A 15 -8.69 -4.52 0.46
N GLU A 16 -9.92 -4.65 -0.04
CA GLU A 16 -10.86 -5.61 0.52
C GLU A 16 -10.14 -6.87 0.99
N LYS A 17 -9.10 -7.26 0.26
CA LYS A 17 -8.32 -8.44 0.60
C LYS A 17 -7.34 -8.14 1.72
N LEU A 18 -6.52 -7.11 1.53
CA LEU A 18 -5.53 -6.72 2.53
C LEU A 18 -6.18 -6.52 3.89
N ARG A 19 -7.29 -5.78 3.92
CA ARG A 19 -8.01 -5.53 5.16
C ARG A 19 -7.95 -6.74 6.09
N ALA A 20 -8.31 -7.90 5.56
CA ALA A 20 -8.29 -9.14 6.34
C ALA A 20 -6.95 -9.86 6.19
N ALA A 21 -6.26 -9.59 5.09
CA ALA A 21 -4.97 -10.21 4.83
C ALA A 21 -3.99 -9.94 5.97
N PHE A 22 -3.71 -8.65 6.21
CA PHE A 22 -2.79 -8.26 7.27
C PHE A 22 -3.52 -7.52 8.38
N GLN A 23 -4.50 -6.71 8.00
CA GLN A 23 -5.28 -5.95 8.97
C GLN A 23 -4.43 -4.85 9.61
N PRO A 24 -3.82 -4.01 8.75
CA PRO A 24 -2.97 -2.91 9.21
C PRO A 24 -3.78 -1.80 9.87
N VAL A 25 -3.13 -0.66 10.12
CA VAL A 25 -3.78 0.48 10.75
C VAL A 25 -4.25 1.49 9.71
N PHE A 26 -3.41 1.72 8.70
CA PHE A 26 -3.73 2.66 7.64
C PHE A 26 -3.95 1.95 6.31
N LEU A 27 -4.74 2.55 5.44
CA LEU A 27 -5.03 1.97 4.13
C LEU A 27 -5.50 3.03 3.15
N GLU A 28 -4.91 3.04 1.96
CA GLU A 28 -5.28 4.01 0.93
C GLU A 28 -4.62 3.67 -0.39
N VAL A 29 -5.45 3.50 -1.43
CA VAL A 29 -4.95 3.16 -2.75
C VAL A 29 -5.05 4.36 -3.69
N VAL A 30 -4.07 4.48 -4.59
CA VAL A 30 -4.04 5.58 -5.55
C VAL A 30 -3.81 5.08 -6.97
N ASP A 31 -4.88 4.83 -7.70
CA ASP A 31 -4.80 4.34 -9.06
C ASP A 31 -5.27 5.40 -10.06
N GLU A 32 -4.85 5.26 -11.30
CA GLU A 32 -5.23 6.21 -12.35
C GLU A 32 -6.26 5.60 -13.29
N SER A 33 -7.54 5.76 -12.95
CA SER A 33 -8.62 5.22 -13.76
C SER A 33 -8.75 5.99 -15.08
N TYR A 34 -9.02 5.27 -16.16
CA TYR A 34 -9.17 5.88 -17.47
C TYR A 34 -10.63 5.87 -17.92
N ARG A 35 -11.06 6.96 -18.56
CA ARG A 35 -12.43 7.08 -19.03
C ARG A 35 -12.69 6.10 -20.19
N HIS A 36 -11.67 5.89 -21.01
CA HIS A 36 -11.78 4.99 -22.15
C HIS A 36 -11.80 3.54 -21.70
N ASN A 37 -12.94 2.87 -21.88
CA ASN A 37 -13.09 1.48 -21.50
C ASN A 37 -11.86 0.67 -21.87
N VAL A 38 -11.52 0.66 -23.16
CA VAL A 38 -10.37 -0.07 -23.65
C VAL A 38 -9.19 0.09 -22.71
N PRO A 39 -8.34 -0.96 -22.65
CA PRO A 39 -7.15 -0.96 -21.78
C PRO A 39 -6.08 0.01 -22.28
N ALA A 40 -6.10 1.23 -21.74
CA ALA A 40 -5.12 2.24 -22.12
C ALA A 40 -3.98 2.32 -21.11
N GLY A 41 -2.90 2.99 -21.50
CA GLY A 41 -1.76 3.12 -20.61
C GLY A 41 -0.92 4.35 -20.93
N SER A 42 -1.41 5.51 -20.55
CA SER A 42 -0.71 6.77 -20.80
C SER A 42 -0.52 7.55 -19.51
N GLU A 43 0.68 7.45 -18.93
CA GLU A 43 0.99 8.15 -17.69
C GLU A 43 0.08 7.69 -16.56
N SER A 44 -0.17 6.39 -16.50
CA SER A 44 -1.03 5.81 -15.47
C SER A 44 -0.22 4.96 -14.50
N HIS A 45 0.20 5.57 -13.39
CA HIS A 45 0.97 4.87 -12.37
C HIS A 45 0.07 4.32 -11.27
N PHE A 46 0.57 3.35 -10.53
CA PHE A 46 -0.19 2.74 -9.45
C PHE A 46 0.61 2.75 -8.14
N LYS A 47 -0.04 3.20 -7.07
CA LYS A 47 0.61 3.27 -5.76
C LYS A 47 -0.37 2.91 -4.65
N VAL A 48 0.10 2.12 -3.69
CA VAL A 48 -0.74 1.70 -2.57
C VAL A 48 -0.05 1.99 -1.24
N VAL A 49 -0.82 2.56 -0.30
CA VAL A 49 -0.29 2.89 1.01
C VAL A 49 -0.82 1.94 2.07
N LEU A 50 0.07 1.47 2.95
CA LEU A 50 -0.31 0.55 4.01
C LEU A 50 0.70 0.59 5.15
N VAL A 51 0.30 1.22 6.26
CA VAL A 51 1.18 1.33 7.42
C VAL A 51 1.02 0.11 8.34
N SER A 52 2.12 -0.56 8.61
CA SER A 52 2.11 -1.74 9.48
C SER A 52 3.52 -2.13 9.90
N ASP A 53 3.62 -2.93 10.95
CA ASP A 53 4.91 -3.39 11.45
C ASP A 53 5.37 -4.64 10.72
N ARG A 54 4.42 -5.51 10.40
CA ARG A 54 4.73 -6.75 9.70
C ARG A 54 5.67 -6.50 8.53
N PHE A 55 5.71 -5.26 8.06
CA PHE A 55 6.55 -4.89 6.93
C PHE A 55 7.93 -4.44 7.43
N THR A 56 8.43 -5.11 8.47
CA THR A 56 9.73 -4.77 9.04
C THR A 56 10.74 -4.44 7.94
N GLY A 57 11.80 -3.73 8.31
CA GLY A 57 12.82 -3.36 7.35
C GLY A 57 13.97 -4.35 7.31
N GLU A 58 13.68 -5.57 6.84
CA GLU A 58 14.69 -6.61 6.76
C GLU A 58 15.23 -6.73 5.34
N ARG A 59 14.41 -7.28 4.44
CA ARG A 59 14.80 -7.45 3.05
C ARG A 59 13.96 -6.57 2.14
N PHE A 60 14.25 -6.63 0.84
CA PHE A 60 13.52 -5.83 -0.13
C PHE A 60 12.30 -6.59 -0.65
N LEU A 61 12.43 -7.90 -0.76
CA LEU A 61 11.32 -8.74 -1.24
C LEU A 61 10.39 -9.11 -0.10
N ASN A 62 10.96 -9.43 1.06
CA ASN A 62 10.18 -9.80 2.22
C ASN A 62 8.96 -8.90 2.36
N ARG A 63 9.11 -7.63 2.00
CA ARG A 63 8.02 -6.67 2.09
C ARG A 63 7.02 -6.88 0.96
N HIS A 64 7.54 -7.05 -0.25
CA HIS A 64 6.69 -7.25 -1.42
C HIS A 64 5.99 -8.61 -1.35
N ARG A 65 6.78 -9.68 -1.32
CA ARG A 65 6.24 -11.03 -1.24
C ARG A 65 4.96 -11.06 -0.43
N MET A 66 4.91 -10.26 0.63
CA MET A 66 3.75 -10.19 1.50
C MET A 66 2.52 -9.69 0.73
N ILE A 67 2.66 -8.52 0.12
CA ILE A 67 1.57 -7.94 -0.65
C ILE A 67 1.24 -8.78 -1.88
N TYR A 68 2.25 -9.02 -2.70
CA TYR A 68 2.06 -9.82 -3.91
C TYR A 68 1.39 -11.14 -3.60
N SER A 69 2.04 -11.95 -2.76
CA SER A 69 1.50 -13.24 -2.37
C SER A 69 -0.02 -13.19 -2.26
N THR A 70 -0.53 -12.13 -1.64
CA THR A 70 -1.96 -11.96 -1.45
C THR A 70 -2.67 -11.79 -2.80
N LEU A 71 -2.20 -10.84 -3.60
CA LEU A 71 -2.78 -10.58 -4.91
C LEU A 71 -1.87 -11.08 -6.02
N ALA A 72 -1.28 -12.26 -5.82
CA ALA A 72 -0.39 -12.84 -6.80
C ALA A 72 -0.93 -12.68 -8.21
N GLU A 73 -2.07 -13.32 -8.48
CA GLU A 73 -2.71 -13.25 -9.78
C GLU A 73 -3.69 -12.09 -9.84
N GLU A 74 -4.48 -11.93 -8.79
CA GLU A 74 -5.47 -10.86 -8.71
C GLU A 74 -4.95 -9.59 -9.39
N LEU A 75 -3.78 -9.14 -8.95
CA LEU A 75 -3.17 -7.94 -9.51
C LEU A 75 -2.60 -8.20 -10.90
N SER A 76 -1.96 -9.35 -11.06
CA SER A 76 -1.38 -9.73 -12.34
C SER A 76 -2.42 -9.66 -13.45
N THR A 77 -3.69 -9.72 -13.07
CA THR A 77 -4.78 -9.67 -14.04
C THR A 77 -4.62 -8.47 -14.97
N THR A 78 -4.67 -7.27 -14.40
CA THR A 78 -4.54 -6.05 -15.18
C THR A 78 -3.32 -5.25 -14.75
N VAL A 79 -3.11 -5.16 -13.44
CA VAL A 79 -1.98 -4.42 -12.88
C VAL A 79 -0.70 -5.23 -12.99
N HIS A 80 0.31 -4.65 -13.64
CA HIS A 80 1.60 -5.33 -13.82
C HIS A 80 2.56 -4.93 -12.70
N ALA A 81 2.80 -3.63 -12.58
CA ALA A 81 3.70 -3.12 -11.56
C ALA A 81 2.97 -2.26 -10.54
N LEU A 82 3.61 -2.00 -9.40
CA LEU A 82 3.01 -1.19 -8.35
C LEU A 82 4.06 -0.70 -7.37
N ALA A 83 3.98 0.58 -7.00
CA ALA A 83 4.92 1.17 -6.06
C ALA A 83 4.40 1.08 -4.63
N LEU A 84 4.71 -0.03 -3.96
CA LEU A 84 4.28 -0.23 -2.59
C LEU A 84 4.98 0.74 -1.64
N HIS A 85 4.20 1.37 -0.77
CA HIS A 85 4.74 2.33 0.19
C HIS A 85 4.20 2.07 1.58
N THR A 86 4.76 1.07 2.26
CA THR A 86 4.32 0.71 3.60
C THR A 86 5.28 1.27 4.65
N TYR A 87 4.73 1.95 5.64
CA TYR A 87 5.52 2.55 6.70
C TYR A 87 5.15 1.96 8.07
N THR A 88 6.16 1.64 8.86
CA THR A 88 5.93 1.07 10.19
C THR A 88 5.39 2.11 11.15
N ILE A 89 4.77 1.64 12.23
CA ILE A 89 4.20 2.54 13.23
C ILE A 89 5.23 3.57 13.69
N LYS A 90 6.50 3.18 13.68
CA LYS A 90 7.58 4.06 14.09
C LYS A 90 8.02 4.97 12.94
N GLU A 91 8.45 4.34 11.85
CA GLU A 91 8.89 5.09 10.67
C GLU A 91 7.98 6.27 10.40
N TRP A 92 6.69 6.08 10.66
CA TRP A 92 5.70 7.14 10.44
C TRP A 92 5.61 8.05 11.65
N GLU A 93 5.61 7.46 12.84
CA GLU A 93 5.52 8.24 14.08
C GLU A 93 6.40 9.49 14.00
N GLY A 94 7.46 9.41 13.21
CA GLY A 94 8.36 10.52 13.06
C GLY A 94 9.42 10.29 12.01
N LEU A 95 8.99 10.06 10.78
CA LEU A 95 9.90 9.81 9.67
C LEU A 95 10.96 10.91 9.59
N GLN A 96 10.53 12.15 9.79
CA GLN A 96 11.44 13.29 9.74
C GLN A 96 12.62 13.09 10.68
N ASP A 97 12.32 12.65 11.90
CA ASP A 97 13.37 12.42 12.90
C ASP A 97 13.92 11.00 12.78
N THR A 98 15.23 10.90 12.60
CA THR A 98 15.88 9.60 12.48
C THR A 98 16.47 9.15 13.81
N VAL A 99 17.28 10.01 14.42
CA VAL A 99 17.90 9.72 15.69
C VAL A 99 16.99 8.85 16.57
N PHE A 100 17.48 7.69 16.96
CA PHE A 100 16.71 6.77 17.79
C PHE A 100 17.31 6.68 19.20
N ALA A 101 16.44 6.61 20.21
CA ALA A 101 16.88 6.51 21.59
C ALA A 101 17.50 5.15 21.87
N SER A 102 18.19 5.05 23.00
CA SER A 102 18.83 3.80 23.40
C SER A 102 18.59 3.50 24.87
N PRO A 103 18.44 2.20 25.19
CA PRO A 103 18.20 1.76 26.57
C PRO A 103 19.42 1.93 27.46
N PRO A 104 19.18 2.18 28.75
CA PRO A 104 20.25 2.37 29.73
C PRO A 104 21.01 1.08 30.03
N CYS A 105 21.95 1.15 30.96
CA CYS A 105 22.75 -0.01 31.33
C CYS A 105 22.68 -0.25 32.84
N ARG A 106 22.72 -1.52 33.23
CA ARG A 106 22.68 -1.89 34.64
C ARG A 106 23.68 -1.06 35.46
N GLY A 107 24.96 -1.24 35.14
CA GLY A 107 26.00 -0.52 35.86
C GLY A 107 27.05 -1.43 36.44
N GLY A 1 -28.09 3.22 11.99
CA GLY A 1 -28.26 3.70 10.63
C GLY A 1 -28.00 2.61 9.60
N SER A 2 -28.42 2.86 8.36
CA SER A 2 -28.24 1.89 7.28
C SER A 2 -27.75 2.58 6.02
N SER A 3 -26.74 1.99 5.39
CA SER A 3 -26.17 2.55 4.17
C SER A 3 -25.63 1.44 3.26
N GLY A 4 -25.21 1.82 2.06
CA GLY A 4 -24.68 0.85 1.12
C GLY A 4 -23.67 1.45 0.16
N SER A 5 -22.85 0.60 -0.44
CA SER A 5 -21.83 1.06 -1.38
C SER A 5 -21.94 0.32 -2.71
N SER A 6 -21.25 0.83 -3.72
CA SER A 6 -21.27 0.22 -5.05
C SER A 6 -20.04 0.62 -5.85
N GLY A 7 -19.34 -0.37 -6.38
CA GLY A 7 -18.14 -0.10 -7.17
C GLY A 7 -16.97 -0.96 -6.74
N MET A 8 -16.98 -2.22 -7.14
CA MET A 8 -15.89 -3.14 -6.79
C MET A 8 -14.71 -2.97 -7.74
N MET A 9 -14.26 -1.73 -7.90
CA MET A 9 -13.14 -1.43 -8.77
C MET A 9 -11.86 -2.08 -8.26
N ILE A 10 -10.85 -2.16 -9.12
CA ILE A 10 -9.57 -2.76 -8.73
C ILE A 10 -9.17 -2.37 -7.32
N ARG A 11 -9.27 -1.08 -7.02
CA ARG A 11 -8.93 -0.58 -5.69
C ARG A 11 -9.60 -1.41 -4.60
N GLU A 12 -10.93 -1.51 -4.67
CA GLU A 12 -11.69 -2.28 -3.70
C GLU A 12 -11.20 -3.72 -3.64
N ARG A 13 -11.04 -4.34 -4.81
CA ARG A 13 -10.59 -5.72 -4.90
C ARG A 13 -9.28 -5.91 -4.13
N ILE A 14 -8.31 -5.03 -4.39
CA ILE A 14 -7.01 -5.09 -3.73
C ILE A 14 -7.16 -4.97 -2.22
N GLU A 15 -7.46 -3.77 -1.75
CA GLU A 15 -7.62 -3.53 -0.32
C GLU A 15 -8.50 -4.61 0.32
N GLU A 16 -9.67 -4.85 -0.27
CA GLU A 16 -10.58 -5.86 0.25
C GLU A 16 -9.82 -7.05 0.82
N LYS A 17 -8.79 -7.49 0.09
CA LYS A 17 -7.98 -8.61 0.51
C LYS A 17 -7.07 -8.22 1.68
N LEU A 18 -6.09 -7.37 1.39
CA LEU A 18 -5.16 -6.92 2.41
C LEU A 18 -5.85 -6.76 3.76
N ARG A 19 -7.02 -6.13 3.76
CA ARG A 19 -7.79 -5.92 4.98
C ARG A 19 -7.71 -7.16 5.88
N ALA A 20 -8.14 -8.30 5.36
CA ALA A 20 -8.12 -9.54 6.12
C ALA A 20 -6.80 -10.28 5.93
N ALA A 21 -6.06 -9.90 4.89
CA ALA A 21 -4.78 -10.53 4.60
C ALA A 21 -3.78 -10.29 5.72
N PHE A 22 -3.51 -9.02 6.00
CA PHE A 22 -2.56 -8.65 7.04
C PHE A 22 -3.28 -7.95 8.20
N GLN A 23 -4.27 -7.14 7.86
CA GLN A 23 -5.04 -6.41 8.87
C GLN A 23 -4.20 -5.30 9.49
N PRO A 24 -3.61 -4.45 8.63
CA PRO A 24 -2.78 -3.33 9.08
C PRO A 24 -3.59 -2.23 9.75
N VAL A 25 -2.93 -1.12 10.05
CA VAL A 25 -3.59 0.01 10.70
C VAL A 25 -4.03 1.05 9.68
N PHE A 26 -3.17 1.30 8.69
CA PHE A 26 -3.46 2.27 7.64
C PHE A 26 -3.67 1.59 6.30
N LEU A 27 -4.57 2.16 5.49
CA LEU A 27 -4.88 1.60 4.19
C LEU A 27 -5.39 2.67 3.23
N GLU A 28 -4.75 2.80 2.08
CA GLU A 28 -5.15 3.79 1.09
C GLU A 28 -4.51 3.49 -0.27
N VAL A 29 -5.36 3.40 -1.29
CA VAL A 29 -4.88 3.11 -2.64
C VAL A 29 -5.27 4.22 -3.61
N VAL A 30 -4.29 4.73 -4.35
CA VAL A 30 -4.54 5.79 -5.32
C VAL A 30 -4.71 5.23 -6.72
N ASP A 31 -5.93 5.27 -7.23
CA ASP A 31 -6.22 4.77 -8.57
C ASP A 31 -6.00 5.85 -9.62
N GLU A 32 -5.63 5.44 -10.83
CA GLU A 32 -5.39 6.37 -11.92
C GLU A 32 -6.63 6.55 -12.77
N SER A 33 -7.60 7.29 -12.25
CA SER A 33 -8.86 7.52 -12.96
C SER A 33 -8.63 8.48 -14.15
N TYR A 34 -9.40 8.28 -15.21
CA TYR A 34 -9.29 9.10 -16.40
C TYR A 34 -10.67 9.57 -16.87
N ARG A 35 -10.93 10.86 -16.69
CA ARG A 35 -12.21 11.44 -17.09
C ARG A 35 -12.32 11.51 -18.61
N HIS A 36 -11.30 12.09 -19.24
CA HIS A 36 -11.27 12.23 -20.69
C HIS A 36 -10.74 10.97 -21.35
N ASN A 37 -11.64 10.19 -21.97
CA ASN A 37 -11.26 8.96 -22.63
C ASN A 37 -9.96 9.13 -23.41
N VAL A 38 -9.89 10.20 -24.21
CA VAL A 38 -8.70 10.48 -25.01
C VAL A 38 -7.46 10.55 -24.14
N PRO A 39 -6.31 10.19 -24.71
CA PRO A 39 -5.02 10.20 -24.01
C PRO A 39 -4.55 11.62 -23.71
N ALA A 40 -4.89 12.12 -22.53
CA ALA A 40 -4.50 13.46 -22.12
C ALA A 40 -3.13 13.45 -21.43
N GLY A 41 -2.72 14.60 -20.93
CA GLY A 41 -1.44 14.69 -20.25
C GLY A 41 -1.58 14.67 -18.74
N SER A 42 -2.12 13.57 -18.22
CA SER A 42 -2.32 13.43 -16.78
C SER A 42 -1.61 12.17 -16.27
N GLU A 43 -0.57 12.38 -15.47
CA GLU A 43 0.20 11.27 -14.91
C GLU A 43 -0.73 10.21 -14.32
N SER A 44 -0.79 9.06 -14.99
CA SER A 44 -1.64 7.97 -14.53
C SER A 44 -0.80 6.81 -14.00
N HIS A 45 -0.50 6.85 -12.70
CA HIS A 45 0.30 5.80 -12.06
C HIS A 45 -0.44 5.20 -10.88
N PHE A 46 -0.12 3.95 -10.57
CA PHE A 46 -0.77 3.26 -9.45
C PHE A 46 0.15 3.22 -8.23
N LYS A 47 -0.45 3.35 -7.05
CA LYS A 47 0.31 3.34 -5.80
C LYS A 47 -0.57 2.91 -4.63
N VAL A 48 -0.04 2.04 -3.78
CA VAL A 48 -0.78 1.56 -2.63
C VAL A 48 -0.01 1.82 -1.33
N VAL A 49 -0.71 2.35 -0.33
CA VAL A 49 -0.10 2.65 0.96
C VAL A 49 -0.65 1.75 2.06
N LEU A 50 0.24 1.07 2.76
CA LEU A 50 -0.16 0.17 3.84
C LEU A 50 0.84 0.23 5.00
N VAL A 51 0.40 0.75 6.14
CA VAL A 51 1.26 0.85 7.31
C VAL A 51 0.98 -0.28 8.30
N SER A 52 2.04 -0.89 8.79
CA SER A 52 1.92 -1.99 9.74
C SER A 52 3.23 -2.23 10.48
N ASP A 53 3.14 -2.62 11.74
CA ASP A 53 4.31 -2.88 12.56
C ASP A 53 4.98 -4.19 12.15
N ARG A 54 4.17 -5.12 11.63
CA ARG A 54 4.69 -6.42 11.20
C ARG A 54 5.98 -6.25 10.40
N PHE A 55 6.16 -5.09 9.80
CA PHE A 55 7.34 -4.81 9.01
C PHE A 55 8.46 -4.26 9.88
N THR A 56 8.56 -4.78 11.10
CA THR A 56 9.59 -4.34 12.05
C THR A 56 10.73 -5.34 12.11
N GLY A 57 11.96 -4.84 12.00
CA GLY A 57 13.12 -5.71 12.06
C GLY A 57 13.02 -6.87 11.09
N GLU A 58 12.78 -6.57 9.82
CA GLU A 58 12.66 -7.61 8.81
C GLU A 58 13.48 -7.26 7.57
N ARG A 59 13.36 -8.08 6.53
CA ARG A 59 14.09 -7.86 5.29
C ARG A 59 13.37 -6.86 4.39
N PHE A 60 14.13 -6.17 3.57
CA PHE A 60 13.56 -5.18 2.66
C PHE A 60 13.11 -5.83 1.35
N LEU A 61 13.58 -7.06 1.12
CA LEU A 61 13.21 -7.80 -0.08
C LEU A 61 11.83 -8.45 0.07
N ASN A 62 11.64 -9.16 1.18
CA ASN A 62 10.38 -9.83 1.44
C ASN A 62 9.23 -8.82 1.50
N ARG A 63 9.57 -7.57 1.72
CA ARG A 63 8.57 -6.50 1.80
C ARG A 63 7.49 -6.71 0.74
N HIS A 64 7.87 -6.61 -0.52
CA HIS A 64 6.93 -6.78 -1.63
C HIS A 64 6.48 -8.24 -1.74
N ARG A 65 7.43 -9.16 -1.59
CA ARG A 65 7.12 -10.58 -1.67
C ARG A 65 5.74 -10.87 -1.11
N MET A 66 5.61 -10.78 0.21
CA MET A 66 4.35 -11.04 0.88
C MET A 66 3.21 -10.31 0.19
N ILE A 67 3.39 -9.01 -0.03
CA ILE A 67 2.37 -8.19 -0.69
C ILE A 67 1.97 -8.79 -2.03
N TYR A 68 2.89 -8.72 -3.00
CA TYR A 68 2.62 -9.26 -4.34
C TYR A 68 1.99 -10.64 -4.25
N SER A 69 2.46 -11.44 -3.29
CA SER A 69 1.96 -12.79 -3.10
C SER A 69 0.45 -12.79 -2.91
N THR A 70 -0.03 -11.89 -2.05
CA THR A 70 -1.46 -11.78 -1.78
C THR A 70 -2.26 -11.61 -3.07
N LEU A 71 -1.88 -10.61 -3.86
CA LEU A 71 -2.55 -10.33 -5.12
C LEU A 71 -1.73 -10.84 -6.31
N ALA A 72 -1.08 -11.98 -6.12
CA ALA A 72 -0.26 -12.57 -7.17
C ALA A 72 -0.99 -12.55 -8.51
N GLU A 73 -2.13 -13.21 -8.57
CA GLU A 73 -2.93 -13.27 -9.79
C GLU A 73 -3.84 -12.06 -9.90
N GLU A 74 -4.53 -11.75 -8.81
CA GLU A 74 -5.45 -10.61 -8.79
C GLU A 74 -4.84 -9.41 -9.48
N LEU A 75 -3.60 -9.08 -9.10
CA LEU A 75 -2.90 -7.94 -9.69
C LEU A 75 -2.56 -8.21 -11.15
N SER A 76 -2.45 -9.48 -11.51
CA SER A 76 -2.13 -9.87 -12.88
C SER A 76 -3.38 -9.88 -13.75
N THR A 77 -4.42 -9.19 -13.28
CA THR A 77 -5.68 -9.12 -14.02
C THR A 77 -5.69 -7.95 -14.98
N THR A 78 -5.59 -6.74 -14.44
CA THR A 78 -5.58 -5.53 -15.26
C THR A 78 -4.38 -4.66 -14.94
N VAL A 79 -3.95 -4.69 -13.69
CA VAL A 79 -2.79 -3.90 -13.25
C VAL A 79 -1.48 -4.53 -13.72
N HIS A 80 -0.60 -3.70 -14.25
CA HIS A 80 0.70 -4.17 -14.74
C HIS A 80 1.83 -3.72 -13.82
N ALA A 81 1.85 -2.43 -13.52
CA ALA A 81 2.88 -1.87 -12.64
C ALA A 81 2.27 -1.21 -11.42
N LEU A 82 2.72 -1.62 -10.24
CA LEU A 82 2.20 -1.07 -8.99
C LEU A 82 3.33 -0.83 -8.00
N ALA A 83 3.36 0.36 -7.42
CA ALA A 83 4.39 0.71 -6.44
C ALA A 83 3.92 0.44 -5.02
N LEU A 84 4.44 -0.63 -4.41
CA LEU A 84 4.07 -1.00 -3.06
C LEU A 84 4.88 -0.21 -2.03
N HIS A 85 4.20 0.53 -1.18
CA HIS A 85 4.86 1.33 -0.15
C HIS A 85 4.52 0.80 1.24
N THR A 86 5.42 0.00 1.80
CA THR A 86 5.23 -0.57 3.13
C THR A 86 6.01 0.20 4.18
N TYR A 87 5.30 0.74 5.17
CA TYR A 87 5.94 1.50 6.24
C TYR A 87 5.40 1.07 7.60
N THR A 88 6.08 1.51 8.66
CA THR A 88 5.67 1.16 10.02
C THR A 88 5.02 2.36 10.71
N ILE A 89 4.61 2.16 11.96
CA ILE A 89 3.98 3.23 12.73
C ILE A 89 4.99 4.30 13.11
N LYS A 90 6.26 3.93 13.18
CA LYS A 90 7.31 4.87 13.52
C LYS A 90 7.91 5.51 12.27
N GLU A 91 8.52 4.68 11.42
CA GLU A 91 9.13 5.16 10.18
C GLU A 91 8.29 6.28 9.56
N TRP A 92 6.97 6.09 9.57
CA TRP A 92 6.06 7.07 9.01
C TRP A 92 5.93 8.28 9.92
N GLU A 93 5.71 8.03 11.21
CA GLU A 93 5.57 9.10 12.18
C GLU A 93 6.57 10.22 11.91
N GLY A 94 7.72 9.86 11.36
CA GLY A 94 8.74 10.85 11.06
C GLY A 94 9.83 10.30 10.15
N LEU A 95 9.47 10.04 8.90
CA LEU A 95 10.42 9.52 7.93
C LEU A 95 11.63 10.44 7.77
N GLN A 96 11.38 11.74 7.93
CA GLN A 96 12.44 12.73 7.80
C GLN A 96 12.72 13.39 9.15
N ASP A 97 12.62 12.60 10.22
CA ASP A 97 12.86 13.11 11.57
C ASP A 97 14.27 12.74 12.03
N THR A 98 14.62 13.20 13.23
CA THR A 98 15.94 12.92 13.79
C THR A 98 15.98 13.24 15.29
N VAL A 99 16.72 12.43 16.03
CA VAL A 99 16.84 12.62 17.48
C VAL A 99 18.29 12.88 17.88
N PHE A 100 18.49 13.83 18.79
CA PHE A 100 19.81 14.18 19.25
C PHE A 100 20.55 12.94 19.77
N ALA A 101 21.77 13.16 20.28
CA ALA A 101 22.57 12.06 20.80
C ALA A 101 22.56 12.05 22.33
N SER A 102 23.13 11.00 22.92
CA SER A 102 23.18 10.87 24.37
C SER A 102 24.51 11.35 24.92
N PRO A 103 24.50 11.82 26.17
CA PRO A 103 25.71 12.32 26.83
C PRO A 103 26.69 11.20 27.16
N PRO A 104 27.93 11.59 27.52
CA PRO A 104 28.99 10.64 27.86
C PRO A 104 28.72 9.92 29.18
N CYS A 105 29.54 8.90 29.46
CA CYS A 105 29.39 8.13 30.69
C CYS A 105 29.94 8.90 31.89
N ARG A 106 29.87 8.28 33.07
CA ARG A 106 30.37 8.91 34.29
C ARG A 106 31.74 9.51 34.07
N GLY A 107 32.10 10.48 34.91
CA GLY A 107 33.40 11.12 34.80
C GLY A 107 34.53 10.12 34.69
N GLY A 1 -21.19 -2.21 10.04
CA GLY A 1 -21.10 -1.05 9.17
C GLY A 1 -21.95 -1.20 7.92
N SER A 2 -21.93 -0.18 7.07
CA SER A 2 -22.72 -0.21 5.83
C SER A 2 -21.98 0.53 4.72
N SER A 3 -21.93 -0.09 3.54
CA SER A 3 -21.26 0.51 2.40
C SER A 3 -22.06 0.29 1.12
N GLY A 4 -21.82 1.13 0.12
CA GLY A 4 -22.53 1.01 -1.15
C GLY A 4 -21.74 1.59 -2.31
N SER A 5 -20.59 0.98 -2.59
CA SER A 5 -19.74 1.44 -3.69
C SER A 5 -20.20 0.85 -5.01
N SER A 6 -20.64 1.71 -5.92
CA SER A 6 -21.11 1.27 -7.23
C SER A 6 -19.96 1.20 -8.22
N GLY A 7 -19.72 0.00 -8.76
CA GLY A 7 -18.65 -0.19 -9.71
C GLY A 7 -17.76 -1.37 -9.37
N MET A 8 -17.02 -1.86 -10.35
CA MET A 8 -16.13 -3.00 -10.16
C MET A 8 -14.69 -2.64 -10.52
N MET A 9 -13.99 -2.01 -9.59
CA MET A 9 -12.61 -1.61 -9.81
C MET A 9 -11.65 -2.46 -8.97
N ILE A 10 -10.42 -2.59 -9.43
CA ILE A 10 -9.41 -3.37 -8.72
C ILE A 10 -8.99 -2.68 -7.43
N ARG A 11 -8.69 -1.40 -7.53
CA ARG A 11 -8.27 -0.62 -6.36
C ARG A 11 -9.01 -1.08 -5.11
N GLU A 12 -10.34 -1.05 -5.16
CA GLU A 12 -11.16 -1.47 -4.04
C GLU A 12 -10.90 -2.92 -3.68
N ARG A 13 -10.82 -3.78 -4.70
CA ARG A 13 -10.57 -5.20 -4.49
C ARG A 13 -9.26 -5.42 -3.75
N ILE A 14 -8.25 -4.63 -4.08
CA ILE A 14 -6.94 -4.74 -3.45
C ILE A 14 -7.04 -4.50 -1.94
N GLU A 15 -7.32 -3.26 -1.56
CA GLU A 15 -7.45 -2.91 -0.16
C GLU A 15 -8.39 -3.87 0.57
N GLU A 16 -9.59 -4.04 0.01
CA GLU A 16 -10.57 -4.94 0.61
C GLU A 16 -9.93 -6.24 1.07
N LYS A 17 -8.98 -6.73 0.29
CA LYS A 17 -8.28 -7.97 0.61
C LYS A 17 -7.26 -7.73 1.72
N LEU A 18 -6.32 -6.84 1.46
CA LEU A 18 -5.27 -6.53 2.44
C LEU A 18 -5.87 -6.33 3.83
N ARG A 19 -7.08 -5.77 3.87
CA ARG A 19 -7.76 -5.53 5.14
C ARG A 19 -7.68 -6.77 6.04
N ALA A 20 -8.08 -7.91 5.49
CA ALA A 20 -8.05 -9.16 6.24
C ALA A 20 -6.74 -9.90 6.04
N ALA A 21 -6.12 -9.70 4.88
CA ALA A 21 -4.86 -10.34 4.56
C ALA A 21 -3.83 -10.11 5.66
N PHE A 22 -3.50 -8.85 5.90
CA PHE A 22 -2.53 -8.48 6.92
C PHE A 22 -3.21 -7.83 8.12
N GLN A 23 -4.14 -6.93 7.84
CA GLN A 23 -4.87 -6.24 8.90
C GLN A 23 -4.00 -5.17 9.56
N PRO A 24 -3.39 -4.32 8.73
CA PRO A 24 -2.52 -3.24 9.21
C PRO A 24 -3.28 -2.14 9.94
N VAL A 25 -2.59 -1.07 10.31
CA VAL A 25 -3.21 0.04 11.01
C VAL A 25 -3.61 1.15 10.04
N PHE A 26 -2.87 1.26 8.94
CA PHE A 26 -3.14 2.28 7.94
C PHE A 26 -3.38 1.64 6.57
N LEU A 27 -4.21 2.30 5.76
CA LEU A 27 -4.52 1.80 4.42
C LEU A 27 -5.00 2.93 3.52
N GLU A 28 -4.37 3.05 2.35
CA GLU A 28 -4.75 4.09 1.40
C GLU A 28 -4.10 3.83 0.04
N VAL A 29 -4.93 3.56 -0.96
CA VAL A 29 -4.44 3.30 -2.31
C VAL A 29 -4.74 4.46 -3.24
N VAL A 30 -3.80 4.78 -4.11
CA VAL A 30 -3.96 5.87 -5.07
C VAL A 30 -4.11 5.34 -6.49
N ASP A 31 -5.34 5.29 -6.97
CA ASP A 31 -5.62 4.81 -8.32
C ASP A 31 -5.55 5.95 -9.33
N GLU A 32 -5.16 5.63 -10.56
CA GLU A 32 -5.05 6.63 -11.61
C GLU A 32 -6.08 6.38 -12.71
N SER A 33 -6.89 7.39 -13.01
CA SER A 33 -7.91 7.27 -14.03
C SER A 33 -7.30 7.33 -15.43
N TYR A 34 -8.10 6.99 -16.43
CA TYR A 34 -7.63 7.00 -17.81
C TYR A 34 -8.28 8.13 -18.61
N ARG A 35 -7.46 8.93 -19.27
CA ARG A 35 -7.95 10.06 -20.06
C ARG A 35 -8.16 9.64 -21.51
N HIS A 36 -7.20 8.90 -22.07
CA HIS A 36 -7.30 8.44 -23.45
C HIS A 36 -8.61 7.70 -23.69
N ASN A 37 -9.07 7.71 -24.93
CA ASN A 37 -10.32 7.05 -25.28
C ASN A 37 -10.06 5.64 -25.82
N VAL A 38 -9.18 4.91 -25.12
CA VAL A 38 -8.85 3.55 -25.51
C VAL A 38 -8.43 2.71 -24.31
N PRO A 39 -8.73 1.41 -24.36
CA PRO A 39 -8.40 0.48 -23.28
C PRO A 39 -6.90 0.22 -23.18
N ALA A 40 -6.27 0.84 -22.20
CA ALA A 40 -4.83 0.68 -21.98
C ALA A 40 -4.53 -0.63 -21.24
N GLY A 41 -5.55 -1.19 -20.61
CA GLY A 41 -5.37 -2.43 -19.87
C GLY A 41 -4.01 -2.53 -19.22
N SER A 42 -3.59 -1.45 -18.56
CA SER A 42 -2.30 -1.42 -17.90
C SER A 42 -2.20 -0.21 -16.97
N GLU A 43 -1.92 -0.47 -15.70
CA GLU A 43 -1.81 0.59 -14.70
C GLU A 43 -0.45 1.29 -14.81
N SER A 44 -0.47 2.53 -15.27
CA SER A 44 0.76 3.30 -15.43
C SER A 44 1.18 3.91 -14.10
N HIS A 45 0.21 4.39 -13.33
CA HIS A 45 0.49 5.01 -12.04
C HIS A 45 -0.31 4.32 -10.93
N PHE A 46 0.33 3.42 -10.22
CA PHE A 46 -0.32 2.69 -9.13
C PHE A 46 0.53 2.73 -7.86
N LYS A 47 -0.10 3.11 -6.74
CA LYS A 47 0.58 3.20 -5.47
C LYS A 47 -0.34 2.77 -4.33
N VAL A 48 0.24 2.12 -3.32
CA VAL A 48 -0.52 1.67 -2.17
C VAL A 48 0.20 1.97 -0.86
N VAL A 49 -0.52 2.54 0.09
CA VAL A 49 0.07 2.88 1.39
C VAL A 49 -0.40 1.91 2.47
N LEU A 50 0.55 1.14 3.01
CA LEU A 50 0.25 0.16 4.06
C LEU A 50 1.24 0.27 5.21
N VAL A 51 0.78 0.80 6.34
CA VAL A 51 1.62 0.96 7.51
C VAL A 51 1.46 -0.23 8.47
N SER A 52 2.56 -0.92 8.71
CA SER A 52 2.55 -2.08 9.61
C SER A 52 3.95 -2.38 10.14
N ASP A 53 4.03 -2.66 11.43
CA ASP A 53 5.32 -2.97 12.05
C ASP A 53 5.93 -4.23 11.46
N ARG A 54 5.08 -5.19 11.10
CA ARG A 54 5.53 -6.44 10.52
C ARG A 54 6.66 -6.20 9.52
N PHE A 55 6.69 -4.99 8.96
CA PHE A 55 7.72 -4.64 8.00
C PHE A 55 8.95 -4.05 8.69
N THR A 56 9.25 -4.55 9.89
CA THR A 56 10.38 -4.07 10.65
C THR A 56 11.67 -4.80 10.25
N GLY A 57 11.58 -6.12 10.16
CA GLY A 57 12.74 -6.91 9.78
C GLY A 57 12.46 -7.82 8.61
N GLU A 58 11.91 -7.26 7.53
CA GLU A 58 11.59 -8.02 6.34
C GLU A 58 12.80 -8.13 5.42
N ARG A 59 12.60 -8.73 4.26
CA ARG A 59 13.68 -8.90 3.28
C ARG A 59 13.40 -8.09 2.01
N PHE A 60 14.46 -7.70 1.32
CA PHE A 60 14.32 -6.92 0.09
C PHE A 60 13.19 -7.46 -0.78
N LEU A 61 13.27 -8.75 -1.09
CA LEU A 61 12.24 -9.40 -1.91
C LEU A 61 10.96 -9.62 -1.11
N ASN A 62 11.07 -10.39 -0.03
CA ASN A 62 9.92 -10.68 0.82
C ASN A 62 8.98 -9.48 0.88
N ARG A 63 9.55 -8.28 0.94
CA ARG A 63 8.76 -7.06 1.00
C ARG A 63 7.54 -7.16 0.09
N HIS A 64 7.78 -7.47 -1.18
CA HIS A 64 6.69 -7.59 -2.15
C HIS A 64 6.02 -8.95 -2.04
N ARG A 65 6.82 -10.01 -2.09
CA ARG A 65 6.30 -11.37 -2.00
C ARG A 65 5.10 -11.43 -1.05
N MET A 66 5.23 -10.82 0.12
CA MET A 66 4.17 -10.80 1.11
C MET A 66 2.88 -10.24 0.50
N ILE A 67 2.96 -9.04 -0.04
CA ILE A 67 1.80 -8.40 -0.66
C ILE A 67 1.39 -9.12 -1.93
N TYR A 68 2.27 -9.11 -2.92
CA TYR A 68 1.99 -9.76 -4.20
C TYR A 68 1.32 -11.12 -3.98
N SER A 69 1.92 -11.94 -3.13
CA SER A 69 1.37 -13.26 -2.84
C SER A 69 -0.13 -13.21 -2.68
N THR A 70 -0.62 -12.21 -1.93
CA THR A 70 -2.05 -12.06 -1.70
C THR A 70 -2.80 -11.88 -3.02
N LEU A 71 -2.42 -10.86 -3.78
CA LEU A 71 -3.06 -10.60 -5.07
C LEU A 71 -2.18 -11.07 -6.22
N ALA A 72 -1.52 -12.21 -6.02
CA ALA A 72 -0.66 -12.78 -7.05
C ALA A 72 -1.29 -12.67 -8.43
N GLU A 73 -2.40 -13.38 -8.62
CA GLU A 73 -3.11 -13.37 -9.89
C GLU A 73 -4.10 -12.20 -9.96
N GLU A 74 -4.87 -12.03 -8.89
CA GLU A 74 -5.84 -10.95 -8.82
C GLU A 74 -5.33 -9.69 -9.53
N LEU A 75 -4.17 -9.21 -9.08
CA LEU A 75 -3.56 -8.02 -9.66
C LEU A 75 -3.07 -8.30 -11.08
N SER A 76 -2.49 -9.48 -11.28
CA SER A 76 -1.96 -9.87 -12.58
C SER A 76 -2.99 -9.61 -13.67
N THR A 77 -4.26 -9.79 -13.34
CA THR A 77 -5.34 -9.59 -14.29
C THR A 77 -5.06 -8.40 -15.20
N THR A 78 -5.05 -7.21 -14.62
CA THR A 78 -4.80 -5.99 -15.38
C THR A 78 -3.58 -5.25 -14.83
N VAL A 79 -3.31 -5.44 -13.54
CA VAL A 79 -2.17 -4.79 -12.90
C VAL A 79 -0.89 -5.58 -13.13
N HIS A 80 0.20 -4.86 -13.40
CA HIS A 80 1.49 -5.48 -13.65
C HIS A 80 2.55 -4.95 -12.69
N ALA A 81 2.67 -3.63 -12.61
CA ALA A 81 3.64 -2.99 -11.72
C ALA A 81 2.94 -2.13 -10.68
N LEU A 82 3.54 -2.04 -9.50
CA LEU A 82 2.98 -1.25 -8.42
C LEU A 82 4.08 -0.77 -7.46
N ALA A 83 3.89 0.41 -6.90
CA ALA A 83 4.87 0.98 -5.97
C ALA A 83 4.39 0.83 -4.53
N LEU A 84 4.78 -0.27 -3.89
CA LEU A 84 4.39 -0.52 -2.51
C LEU A 84 5.18 0.36 -1.55
N HIS A 85 4.47 1.27 -0.88
CA HIS A 85 5.11 2.18 0.07
C HIS A 85 4.77 1.79 1.51
N THR A 86 5.47 0.78 2.02
CA THR A 86 5.26 0.30 3.37
C THR A 86 6.06 1.12 4.37
N TYR A 87 5.37 1.67 5.37
CA TYR A 87 6.03 2.47 6.40
C TYR A 87 5.74 1.92 7.79
N THR A 88 6.65 2.18 8.72
CA THR A 88 6.49 1.71 10.10
C THR A 88 5.90 2.78 10.99
N ILE A 89 5.01 2.38 11.89
CA ILE A 89 4.36 3.31 12.80
C ILE A 89 5.35 4.36 13.31
N LYS A 90 6.58 3.93 13.54
CA LYS A 90 7.63 4.84 14.03
C LYS A 90 7.91 5.93 13.00
N GLU A 91 8.16 5.52 11.76
CA GLU A 91 8.44 6.46 10.68
C GLU A 91 7.31 7.46 10.52
N TRP A 92 6.09 6.95 10.33
CA TRP A 92 4.92 7.80 10.16
C TRP A 92 4.72 8.69 11.38
N GLU A 93 4.83 8.10 12.57
CA GLU A 93 4.65 8.84 13.81
C GLU A 93 5.25 10.24 13.69
N GLY A 94 6.42 10.33 13.08
CA GLY A 94 7.08 11.61 12.91
C GLY A 94 8.07 11.62 11.77
N LEU A 95 7.56 11.45 10.55
CA LEU A 95 8.41 11.44 9.37
C LEU A 95 8.99 12.82 9.08
N GLN A 96 8.12 13.84 9.14
CA GLN A 96 8.54 15.21 8.89
C GLN A 96 8.68 15.98 10.19
N ASP A 97 9.26 15.34 11.19
CA ASP A 97 9.47 15.96 12.50
C ASP A 97 10.95 16.00 12.87
N THR A 98 11.28 16.83 13.86
CA THR A 98 12.66 16.96 14.31
C THR A 98 12.85 16.32 15.68
N VAL A 99 13.49 15.15 15.69
CA VAL A 99 13.75 14.43 16.93
C VAL A 99 14.85 15.11 17.75
N PHE A 100 14.62 15.27 19.05
CA PHE A 100 15.58 15.90 19.93
C PHE A 100 16.14 14.90 20.93
N ALA A 101 15.25 14.13 21.55
CA ALA A 101 15.64 13.13 22.53
C ALA A 101 15.65 11.73 21.92
N SER A 102 16.72 10.98 22.17
CA SER A 102 16.84 9.63 21.64
C SER A 102 17.41 8.69 22.69
N PRO A 103 17.03 7.40 22.60
CA PRO A 103 17.48 6.37 23.54
C PRO A 103 18.96 6.05 23.36
N PRO A 104 19.67 5.91 24.50
CA PRO A 104 21.11 5.59 24.49
C PRO A 104 21.39 4.17 24.02
N CYS A 105 22.66 3.89 23.72
CA CYS A 105 23.05 2.57 23.27
C CYS A 105 22.35 1.48 24.07
N ARG A 106 22.11 0.34 23.43
CA ARG A 106 21.44 -0.78 24.08
C ARG A 106 22.42 -1.92 24.35
N GLY A 107 22.17 -2.67 25.43
CA GLY A 107 23.04 -3.77 25.78
C GLY A 107 22.26 -4.99 26.26
N GLY A 1 -16.85 -3.84 11.54
CA GLY A 1 -17.43 -4.64 10.47
C GLY A 1 -18.42 -3.84 9.63
N SER A 2 -18.25 -3.89 8.33
CA SER A 2 -19.13 -3.16 7.41
C SER A 2 -18.90 -3.60 5.97
N SER A 3 -19.85 -4.35 5.43
CA SER A 3 -19.75 -4.84 4.06
C SER A 3 -21.13 -4.92 3.41
N GLY A 4 -21.25 -4.30 2.24
CA GLY A 4 -22.52 -4.30 1.52
C GLY A 4 -22.34 -4.29 0.02
N SER A 5 -21.77 -3.20 -0.49
CA SER A 5 -21.54 -3.05 -1.92
C SER A 5 -20.08 -3.30 -2.27
N SER A 6 -19.81 -4.42 -2.95
CA SER A 6 -18.45 -4.77 -3.35
C SER A 6 -17.92 -3.80 -4.40
N GLY A 7 -18.80 -3.38 -5.31
CA GLY A 7 -18.41 -2.46 -6.36
C GLY A 7 -17.33 -3.03 -7.26
N MET A 8 -17.31 -2.59 -8.51
CA MET A 8 -16.33 -3.07 -9.47
C MET A 8 -15.08 -2.19 -9.45
N MET A 9 -14.65 -1.81 -8.26
CA MET A 9 -13.47 -0.97 -8.11
C MET A 9 -12.24 -1.82 -7.78
N ILE A 10 -11.12 -1.49 -8.43
CA ILE A 10 -9.89 -2.23 -8.19
C ILE A 10 -9.41 -2.07 -6.75
N ARG A 11 -9.16 -0.83 -6.35
CA ARG A 11 -8.70 -0.55 -5.00
C ARG A 11 -9.33 -1.51 -4.00
N GLU A 12 -10.56 -1.93 -4.26
CA GLU A 12 -11.27 -2.85 -3.39
C GLU A 12 -10.72 -4.27 -3.53
N ARG A 13 -10.77 -4.80 -4.76
CA ARG A 13 -10.27 -6.14 -5.03
C ARG A 13 -8.87 -6.33 -4.47
N ILE A 14 -8.12 -5.23 -4.36
CA ILE A 14 -6.77 -5.27 -3.85
C ILE A 14 -6.76 -5.16 -2.33
N GLU A 15 -7.25 -4.02 -1.82
CA GLU A 15 -7.30 -3.78 -0.39
C GLU A 15 -8.02 -4.92 0.33
N GLU A 16 -9.22 -5.24 -0.14
CA GLU A 16 -10.01 -6.30 0.46
C GLU A 16 -9.11 -7.42 0.98
N LYS A 17 -8.17 -7.85 0.15
CA LYS A 17 -7.25 -8.91 0.52
C LYS A 17 -6.27 -8.44 1.60
N LEU A 18 -5.67 -7.28 1.37
CA LEU A 18 -4.73 -6.71 2.32
C LEU A 18 -5.39 -6.44 3.66
N ARG A 19 -6.72 -6.32 3.65
CA ARG A 19 -7.48 -6.07 4.86
C ARG A 19 -7.35 -7.22 5.84
N ALA A 20 -7.87 -8.38 5.46
CA ALA A 20 -7.82 -9.56 6.30
C ALA A 20 -6.45 -10.24 6.21
N ALA A 21 -5.82 -10.12 5.04
CA ALA A 21 -4.51 -10.72 4.83
C ALA A 21 -3.56 -10.42 5.98
N PHE A 22 -3.38 -9.12 6.25
CA PHE A 22 -2.50 -8.69 7.34
C PHE A 22 -3.28 -7.93 8.40
N GLN A 23 -4.13 -7.02 7.95
CA GLN A 23 -4.93 -6.21 8.86
C GLN A 23 -4.09 -5.13 9.53
N PRO A 24 -3.42 -4.32 8.71
CA PRO A 24 -2.56 -3.23 9.20
C PRO A 24 -3.36 -2.09 9.82
N VAL A 25 -2.70 -0.98 10.09
CA VAL A 25 -3.34 0.18 10.69
C VAL A 25 -3.86 1.14 9.62
N PHE A 26 -3.06 1.32 8.57
CA PHE A 26 -3.44 2.21 7.47
C PHE A 26 -3.60 1.43 6.17
N LEU A 27 -4.42 1.98 5.27
CA LEU A 27 -4.67 1.34 3.98
C LEU A 27 -5.21 2.34 2.96
N GLU A 28 -4.62 2.35 1.77
CA GLU A 28 -5.04 3.27 0.72
C GLU A 28 -4.42 2.88 -0.61
N VAL A 29 -5.11 3.21 -1.70
CA VAL A 29 -4.63 2.89 -3.05
C VAL A 29 -4.94 4.02 -4.02
N VAL A 30 -3.95 4.37 -4.85
CA VAL A 30 -4.13 5.44 -5.82
C VAL A 30 -4.49 4.87 -7.19
N ASP A 31 -5.76 5.00 -7.56
CA ASP A 31 -6.24 4.50 -8.84
C ASP A 31 -5.65 5.30 -9.99
N GLU A 32 -5.59 4.70 -11.17
CA GLU A 32 -5.05 5.36 -12.34
C GLU A 32 -6.03 5.29 -13.51
N SER A 33 -5.60 5.77 -14.67
CA SER A 33 -6.44 5.76 -15.87
C SER A 33 -5.61 5.54 -17.12
N TYR A 34 -6.28 5.31 -18.24
CA TYR A 34 -5.60 5.08 -19.51
C TYR A 34 -6.24 5.90 -20.63
N ARG A 35 -5.43 6.71 -21.29
CA ARG A 35 -5.90 7.55 -22.38
C ARG A 35 -5.57 6.92 -23.73
N HIS A 36 -4.37 6.37 -23.85
CA HIS A 36 -3.94 5.74 -25.10
C HIS A 36 -3.58 4.27 -24.86
N ASN A 37 -3.63 3.48 -25.92
CA ASN A 37 -3.31 2.06 -25.83
C ASN A 37 -1.81 1.83 -25.97
N VAL A 38 -1.03 2.83 -25.56
CA VAL A 38 0.43 2.73 -25.63
C VAL A 38 1.07 3.11 -24.30
N PRO A 39 2.22 2.50 -24.00
CA PRO A 39 2.95 2.75 -22.76
C PRO A 39 3.58 4.14 -22.74
N ALA A 40 2.95 5.06 -22.02
CA ALA A 40 3.44 6.43 -21.91
C ALA A 40 3.47 6.89 -20.46
N GLY A 41 4.51 7.64 -20.11
CA GLY A 41 4.65 8.14 -18.75
C GLY A 41 5.71 7.41 -17.97
N SER A 42 6.72 8.16 -17.50
CA SER A 42 7.81 7.57 -16.74
C SER A 42 7.44 7.43 -15.27
N GLU A 43 6.26 6.85 -15.01
CA GLU A 43 5.79 6.66 -13.65
C GLU A 43 4.60 5.71 -13.61
N SER A 44 4.18 5.34 -12.41
CA SER A 44 3.05 4.43 -12.24
C SER A 44 1.89 5.12 -11.54
N HIS A 45 0.90 5.55 -12.31
CA HIS A 45 -0.28 6.22 -11.77
C HIS A 45 -0.93 5.37 -10.68
N PHE A 46 -0.55 4.10 -10.62
CA PHE A 46 -1.11 3.19 -9.64
C PHE A 46 -0.15 2.99 -8.47
N LYS A 47 -0.62 3.26 -7.26
CA LYS A 47 0.20 3.12 -6.06
C LYS A 47 -0.62 2.53 -4.92
N VAL A 48 0.07 1.93 -3.95
CA VAL A 48 -0.58 1.32 -2.80
C VAL A 48 0.15 1.67 -1.51
N VAL A 49 -0.58 2.23 -0.55
CA VAL A 49 -0.01 2.60 0.73
C VAL A 49 -0.55 1.72 1.86
N LEU A 50 0.35 1.07 2.57
CA LEU A 50 -0.03 0.20 3.68
C LEU A 50 0.97 0.29 4.82
N VAL A 51 0.57 0.92 5.91
CA VAL A 51 1.43 1.08 7.08
C VAL A 51 1.29 -0.12 8.02
N SER A 52 2.43 -0.59 8.53
CA SER A 52 2.43 -1.72 9.45
C SER A 52 3.78 -1.83 10.16
N ASP A 53 3.74 -2.21 11.44
CA ASP A 53 4.95 -2.35 12.23
C ASP A 53 5.41 -3.80 12.25
N ARG A 54 4.53 -4.71 11.84
CA ARG A 54 4.85 -6.13 11.81
C ARG A 54 5.77 -6.45 10.63
N PHE A 55 6.14 -5.43 9.88
CA PHE A 55 7.02 -5.59 8.72
C PHE A 55 8.48 -5.49 9.12
N THR A 56 8.76 -4.68 10.14
CA THR A 56 10.12 -4.48 10.62
C THR A 56 10.54 -5.62 11.55
N GLY A 57 11.59 -6.34 11.16
CA GLY A 57 12.07 -7.44 11.97
C GLY A 57 13.04 -8.33 11.21
N GLU A 58 12.64 -8.78 10.04
CA GLU A 58 13.48 -9.65 9.22
C GLU A 58 14.15 -8.86 8.10
N ARG A 59 13.38 -8.49 7.09
CA ARG A 59 13.92 -7.74 5.96
C ARG A 59 12.78 -7.22 5.07
N PHE A 60 12.58 -5.91 5.08
CA PHE A 60 11.54 -5.28 4.28
C PHE A 60 11.39 -5.97 2.93
N LEU A 61 12.51 -6.48 2.42
CA LEU A 61 12.51 -7.17 1.13
C LEU A 61 11.56 -8.37 1.15
N ASN A 62 11.79 -9.28 2.09
CA ASN A 62 10.96 -10.46 2.21
C ASN A 62 9.50 -10.08 2.48
N ARG A 63 9.30 -8.94 3.10
CA ARG A 63 7.96 -8.45 3.41
C ARG A 63 7.21 -8.09 2.13
N HIS A 64 7.77 -7.15 1.37
CA HIS A 64 7.15 -6.71 0.12
C HIS A 64 6.71 -7.91 -0.72
N ARG A 65 7.60 -8.88 -0.87
CA ARG A 65 7.30 -10.08 -1.65
C ARG A 65 5.89 -10.58 -1.36
N MET A 66 5.59 -10.78 -0.08
CA MET A 66 4.28 -11.26 0.32
C MET A 66 3.17 -10.44 -0.32
N ILE A 67 3.20 -9.13 -0.11
CA ILE A 67 2.20 -8.24 -0.67
C ILE A 67 1.85 -8.64 -2.10
N TYR A 68 2.87 -8.87 -2.91
CA TYR A 68 2.67 -9.26 -4.30
C TYR A 68 1.89 -10.57 -4.39
N SER A 69 2.41 -11.61 -3.74
CA SER A 69 1.77 -12.91 -3.74
C SER A 69 0.31 -12.80 -3.33
N THR A 70 0.03 -11.98 -2.33
CA THR A 70 -1.32 -11.78 -1.84
C THR A 70 -2.28 -11.49 -2.99
N LEU A 71 -1.86 -10.63 -3.90
CA LEU A 71 -2.68 -10.27 -5.06
C LEU A 71 -1.88 -10.34 -6.34
N ALA A 72 -1.02 -11.35 -6.45
CA ALA A 72 -0.20 -11.52 -7.63
C ALA A 72 -1.05 -11.72 -8.89
N GLU A 73 -2.19 -12.40 -8.71
CA GLU A 73 -3.09 -12.65 -9.83
C GLU A 73 -4.03 -11.48 -10.05
N GLU A 74 -4.62 -10.99 -8.95
CA GLU A 74 -5.55 -9.86 -9.03
C GLU A 74 -4.92 -8.70 -9.79
N LEU A 75 -3.67 -8.39 -9.47
CA LEU A 75 -2.95 -7.30 -10.13
C LEU A 75 -2.63 -7.65 -11.58
N SER A 76 -2.60 -8.95 -11.87
CA SER A 76 -2.29 -9.42 -13.22
C SER A 76 -3.57 -9.55 -14.05
N THR A 77 -4.63 -8.88 -13.60
CA THR A 77 -5.91 -8.92 -14.30
C THR A 77 -6.08 -7.71 -15.22
N THR A 78 -6.01 -6.51 -14.63
CA THR A 78 -6.15 -5.29 -15.40
C THR A 78 -4.95 -4.37 -15.21
N VAL A 79 -4.55 -4.19 -13.95
CA VAL A 79 -3.41 -3.34 -13.63
C VAL A 79 -2.12 -3.94 -14.16
N HIS A 80 -1.19 -3.07 -14.55
CA HIS A 80 0.10 -3.51 -15.09
C HIS A 80 1.22 -3.21 -14.09
N ALA A 81 1.46 -1.94 -13.83
CA ALA A 81 2.51 -1.53 -12.91
C ALA A 81 1.91 -1.03 -11.59
N LEU A 82 2.67 -1.18 -10.51
CA LEU A 82 2.22 -0.76 -9.19
C LEU A 82 3.40 -0.53 -8.25
N ALA A 83 3.26 0.45 -7.36
CA ALA A 83 4.32 0.76 -6.41
C ALA A 83 3.87 0.48 -4.98
N LEU A 84 4.59 -0.38 -4.29
CA LEU A 84 4.27 -0.73 -2.91
C LEU A 84 5.04 0.14 -1.93
N HIS A 85 4.32 0.85 -1.06
CA HIS A 85 4.95 1.72 -0.07
C HIS A 85 4.56 1.31 1.34
N THR A 86 5.26 0.32 1.88
CA THR A 86 4.99 -0.17 3.22
C THR A 86 5.88 0.50 4.26
N TYR A 87 5.32 1.45 4.99
CA TYR A 87 6.07 2.18 6.01
C TYR A 87 5.59 1.80 7.41
N THR A 88 6.53 1.68 8.33
CA THR A 88 6.20 1.32 9.71
C THR A 88 5.67 2.52 10.47
N ILE A 89 4.89 2.26 11.52
CA ILE A 89 4.32 3.33 12.33
C ILE A 89 5.39 4.32 12.77
N LYS A 90 6.60 3.81 13.00
CA LYS A 90 7.71 4.66 13.41
C LYS A 90 8.21 5.51 12.25
N GLU A 91 8.84 4.87 11.28
CA GLU A 91 9.36 5.57 10.11
C GLU A 91 8.36 6.61 9.60
N TRP A 92 7.08 6.27 9.69
CA TRP A 92 6.02 7.16 9.23
C TRP A 92 5.82 8.31 10.22
N GLU A 93 5.71 7.96 11.50
CA GLU A 93 5.51 8.96 12.54
C GLU A 93 6.30 10.23 12.23
N GLY A 94 7.50 10.06 11.69
CA GLY A 94 8.34 11.20 11.36
C GLY A 94 9.34 10.89 10.26
N LEU A 95 8.85 10.41 9.13
CA LEU A 95 9.72 10.08 8.00
C LEU A 95 10.47 11.30 7.49
N GLN A 96 9.74 12.40 7.34
CA GLN A 96 10.33 13.64 6.86
C GLN A 96 11.53 14.05 7.72
N ASP A 97 11.36 13.99 9.04
CA ASP A 97 12.42 14.34 9.97
C ASP A 97 13.53 13.31 9.92
N THR A 98 14.66 13.63 10.56
CA THR A 98 15.80 12.74 10.59
C THR A 98 16.27 12.50 12.02
N VAL A 99 16.18 11.25 12.47
CA VAL A 99 16.59 10.88 13.82
C VAL A 99 17.96 11.48 14.16
N PHE A 100 18.06 12.07 15.35
CA PHE A 100 19.30 12.67 15.79
C PHE A 100 20.04 11.75 16.76
N ALA A 101 19.99 10.46 16.49
CA ALA A 101 20.66 9.48 17.34
C ALA A 101 21.30 8.38 16.49
N SER A 102 22.62 8.23 16.63
CA SER A 102 23.36 7.22 15.88
C SER A 102 23.31 5.86 16.59
N PRO A 103 23.39 4.78 15.81
CA PRO A 103 23.36 3.42 16.35
C PRO A 103 24.62 3.07 17.13
N PRO A 104 24.48 2.16 18.11
CA PRO A 104 25.60 1.72 18.94
C PRO A 104 26.61 0.88 18.17
N CYS A 105 27.64 1.54 17.66
CA CYS A 105 28.68 0.85 16.89
C CYS A 105 29.88 0.53 17.77
N ARG A 106 29.97 -0.71 18.24
CA ARG A 106 31.06 -1.15 19.09
C ARG A 106 31.45 -2.59 18.80
N GLY A 107 32.63 -2.99 19.25
CA GLY A 107 33.10 -4.34 19.04
C GLY A 107 32.18 -5.38 19.66
N GLY A 1 -29.58 -2.62 9.85
CA GLY A 1 -29.51 -1.93 8.58
C GLY A 1 -28.70 -2.70 7.55
N SER A 2 -28.53 -2.11 6.37
CA SER A 2 -27.78 -2.75 5.30
C SER A 2 -27.59 -1.80 4.13
N SER A 3 -26.32 -1.57 3.77
CA SER A 3 -26.00 -0.67 2.67
C SER A 3 -24.63 -1.01 2.08
N GLY A 4 -24.31 -0.40 0.94
CA GLY A 4 -23.04 -0.64 0.29
C GLY A 4 -23.07 -0.28 -1.18
N SER A 5 -22.08 0.51 -1.60
CA SER A 5 -21.99 0.93 -3.00
C SER A 5 -20.54 0.98 -3.46
N SER A 6 -20.31 0.62 -4.73
CA SER A 6 -18.97 0.62 -5.29
C SER A 6 -19.02 0.63 -6.81
N GLY A 7 -17.88 0.92 -7.43
CA GLY A 7 -17.82 0.95 -8.89
C GLY A 7 -16.98 -0.17 -9.46
N MET A 8 -17.11 -1.36 -8.88
CA MET A 8 -16.36 -2.52 -9.35
C MET A 8 -14.92 -2.13 -9.71
N MET A 9 -14.35 -1.22 -8.94
CA MET A 9 -12.99 -0.76 -9.19
C MET A 9 -11.98 -1.80 -8.71
N ILE A 10 -10.72 -1.61 -9.11
CA ILE A 10 -9.66 -2.53 -8.72
C ILE A 10 -9.19 -2.26 -7.29
N ARG A 11 -8.96 -0.99 -6.98
CA ARG A 11 -8.52 -0.60 -5.65
C ARG A 11 -9.37 -1.28 -4.57
N GLU A 12 -10.67 -1.39 -4.84
CA GLU A 12 -11.59 -2.01 -3.89
C GLU A 12 -11.19 -3.46 -3.61
N ARG A 13 -11.19 -4.27 -4.66
CA ARG A 13 -10.83 -5.68 -4.53
C ARG A 13 -9.44 -5.83 -3.89
N ILE A 14 -8.51 -4.98 -4.30
CA ILE A 14 -7.15 -5.01 -3.77
C ILE A 14 -7.15 -4.84 -2.26
N GLU A 15 -7.54 -3.65 -1.81
CA GLU A 15 -7.59 -3.35 -0.38
C GLU A 15 -8.51 -4.31 0.35
N GLU A 16 -9.74 -4.43 -0.13
CA GLU A 16 -10.73 -5.32 0.48
C GLU A 16 -10.05 -6.57 1.03
N LYS A 17 -9.06 -7.08 0.30
CA LYS A 17 -8.34 -8.27 0.72
C LYS A 17 -7.32 -7.94 1.80
N LEU A 18 -6.37 -7.07 1.46
CA LEU A 18 -5.33 -6.66 2.40
C LEU A 18 -5.92 -6.40 3.79
N ARG A 19 -7.19 -5.99 3.82
CA ARG A 19 -7.86 -5.71 5.08
C ARG A 19 -7.74 -6.89 6.03
N ALA A 20 -8.17 -8.06 5.59
CA ALA A 20 -8.10 -9.26 6.41
C ALA A 20 -6.78 -10.00 6.20
N ALA A 21 -6.24 -9.90 4.99
CA ALA A 21 -4.98 -10.55 4.66
C ALA A 21 -3.92 -10.26 5.72
N PHE A 22 -3.66 -8.98 5.96
CA PHE A 22 -2.67 -8.57 6.94
C PHE A 22 -3.33 -7.87 8.14
N GLN A 23 -4.24 -6.95 7.83
CA GLN A 23 -4.95 -6.21 8.87
C GLN A 23 -4.03 -5.17 9.51
N PRO A 24 -3.44 -4.31 8.67
CA PRO A 24 -2.53 -3.25 9.13
C PRO A 24 -3.27 -2.14 9.88
N VAL A 25 -2.56 -1.06 10.15
CA VAL A 25 -3.15 0.07 10.87
C VAL A 25 -3.58 1.18 9.90
N PHE A 26 -3.01 1.14 8.70
CA PHE A 26 -3.33 2.13 7.68
C PHE A 26 -3.57 1.48 6.33
N LEU A 27 -4.38 2.12 5.49
CA LEU A 27 -4.70 1.60 4.17
C LEU A 27 -5.21 2.70 3.25
N GLU A 28 -4.74 2.70 2.02
CA GLU A 28 -5.16 3.70 1.04
C GLU A 28 -4.62 3.35 -0.35
N VAL A 29 -5.42 3.65 -1.37
CA VAL A 29 -5.03 3.38 -2.75
C VAL A 29 -5.19 4.62 -3.62
N VAL A 30 -4.24 4.83 -4.53
CA VAL A 30 -4.26 5.98 -5.42
C VAL A 30 -4.32 5.54 -6.88
N ASP A 31 -5.53 5.62 -7.46
CA ASP A 31 -5.72 5.23 -8.85
C ASP A 31 -5.29 6.35 -9.80
N GLU A 32 -4.54 5.98 -10.84
CA GLU A 32 -4.07 6.95 -11.81
C GLU A 32 -4.60 6.64 -13.21
N SER A 33 -5.84 7.04 -13.47
CA SER A 33 -6.47 6.80 -14.75
C SER A 33 -6.97 8.10 -15.37
N TYR A 34 -6.39 8.48 -16.50
CA TYR A 34 -6.77 9.71 -17.19
C TYR A 34 -7.92 9.45 -18.14
N ARG A 35 -7.85 8.34 -18.87
CA ARG A 35 -8.89 7.98 -19.83
C ARG A 35 -9.86 6.96 -19.22
N HIS A 36 -10.11 7.10 -17.92
CA HIS A 36 -11.02 6.18 -17.23
C HIS A 36 -12.35 6.09 -17.96
N ASN A 37 -12.93 7.23 -18.30
CA ASN A 37 -14.20 7.27 -18.99
C ASN A 37 -14.34 6.10 -19.95
N VAL A 38 -13.35 5.93 -20.82
CA VAL A 38 -13.35 4.83 -21.79
C VAL A 38 -12.58 3.63 -21.27
N PRO A 39 -12.99 2.44 -21.70
CA PRO A 39 -12.36 1.18 -21.28
C PRO A 39 -10.96 1.02 -21.88
N ALA A 40 -9.95 1.37 -21.08
CA ALA A 40 -8.56 1.26 -21.53
C ALA A 40 -7.81 0.21 -20.71
N GLY A 41 -6.53 0.06 -21.00
CA GLY A 41 -5.72 -0.91 -20.29
C GLY A 41 -5.11 -0.34 -19.02
N SER A 42 -3.78 -0.27 -18.99
CA SER A 42 -3.06 0.25 -17.83
C SER A 42 -1.75 0.90 -18.23
N GLU A 43 -1.52 2.11 -17.77
CA GLU A 43 -0.30 2.84 -18.08
C GLU A 43 0.74 2.67 -16.97
N SER A 44 0.83 1.45 -16.44
CA SER A 44 1.79 1.16 -15.37
C SER A 44 1.81 2.28 -14.34
N HIS A 45 0.62 2.72 -13.93
CA HIS A 45 0.50 3.80 -12.94
C HIS A 45 -0.46 3.40 -11.83
N PHE A 46 0.08 2.88 -10.74
CA PHE A 46 -0.73 2.45 -9.60
C PHE A 46 0.13 2.35 -8.34
N LYS A 47 -0.34 2.98 -7.26
CA LYS A 47 0.38 2.96 -5.99
C LYS A 47 -0.56 2.61 -4.84
N VAL A 48 -0.03 1.92 -3.84
CA VAL A 48 -0.83 1.52 -2.69
C VAL A 48 -0.09 1.82 -1.39
N VAL A 49 -0.79 2.42 -0.44
CA VAL A 49 -0.20 2.76 0.85
C VAL A 49 -0.70 1.83 1.95
N LEU A 50 0.22 1.23 2.68
CA LEU A 50 -0.13 0.32 3.77
C LEU A 50 0.92 0.37 4.88
N VAL A 51 0.48 0.76 6.08
CA VAL A 51 1.37 0.84 7.22
C VAL A 51 1.23 -0.38 8.12
N SER A 52 2.35 -1.03 8.41
CA SER A 52 2.35 -2.22 9.25
C SER A 52 3.72 -2.44 9.88
N ASP A 53 3.74 -2.55 11.21
CA ASP A 53 4.99 -2.75 11.94
C ASP A 53 5.62 -4.09 11.55
N ARG A 54 4.79 -5.08 11.24
CA ARG A 54 5.28 -6.39 10.87
C ARG A 54 6.38 -6.29 9.82
N PHE A 55 6.44 -5.15 9.14
CA PHE A 55 7.45 -4.92 8.12
C PHE A 55 8.68 -4.25 8.71
N THR A 56 9.07 -4.69 9.89
CA THR A 56 10.25 -4.13 10.57
C THR A 56 11.47 -5.03 10.38
N GLY A 57 12.58 -4.41 10.01
CA GLY A 57 13.81 -5.16 9.79
C GLY A 57 13.80 -5.94 8.51
N GLU A 58 12.81 -6.83 8.35
CA GLU A 58 12.69 -7.64 7.15
C GLU A 58 13.14 -6.85 5.92
N ARG A 59 13.79 -7.55 4.98
CA ARG A 59 14.27 -6.91 3.77
C ARG A 59 13.10 -6.42 2.92
N PHE A 60 13.42 -5.83 1.77
CA PHE A 60 12.40 -5.32 0.87
C PHE A 60 11.64 -6.46 0.18
N LEU A 61 12.38 -7.44 -0.30
CA LEU A 61 11.78 -8.59 -0.97
C LEU A 61 11.12 -9.52 0.03
N ASN A 62 11.73 -9.66 1.20
CA ASN A 62 11.19 -10.52 2.26
C ASN A 62 9.79 -10.09 2.64
N ARG A 63 9.55 -8.78 2.63
CA ARG A 63 8.24 -8.24 2.99
C ARG A 63 7.36 -8.08 1.75
N HIS A 64 7.93 -7.48 0.70
CA HIS A 64 7.20 -7.27 -0.55
C HIS A 64 6.56 -8.56 -1.03
N ARG A 65 7.39 -9.58 -1.25
CA ARG A 65 6.90 -10.88 -1.71
C ARG A 65 5.54 -11.20 -1.10
N MET A 66 5.45 -11.04 0.22
CA MET A 66 4.20 -11.32 0.93
C MET A 66 3.02 -10.64 0.24
N ILE A 67 3.07 -9.32 0.13
CA ILE A 67 2.01 -8.55 -0.51
C ILE A 67 1.55 -9.23 -1.80
N TYR A 68 2.46 -9.37 -2.75
CA TYR A 68 2.14 -10.01 -4.03
C TYR A 68 1.44 -11.34 -3.81
N SER A 69 2.05 -12.20 -3.00
CA SER A 69 1.47 -13.52 -2.72
C SER A 69 -0.04 -13.42 -2.59
N THR A 70 -0.51 -12.38 -1.92
CA THR A 70 -1.94 -12.18 -1.71
C THR A 70 -2.65 -11.90 -3.03
N LEU A 71 -2.10 -10.97 -3.80
CA LEU A 71 -2.68 -10.60 -5.09
C LEU A 71 -1.81 -11.11 -6.24
N ALA A 72 -1.29 -12.33 -6.09
CA ALA A 72 -0.46 -12.93 -7.12
C ALA A 72 -1.08 -12.75 -8.51
N GLU A 73 -2.29 -13.25 -8.67
CA GLU A 73 -3.00 -13.14 -9.94
C GLU A 73 -3.84 -11.87 -10.01
N GLU A 74 -4.55 -11.60 -8.92
CA GLU A 74 -5.41 -10.42 -8.85
C GLU A 74 -4.70 -9.20 -9.43
N LEU A 75 -3.44 -9.01 -9.02
CA LEU A 75 -2.65 -7.88 -9.50
C LEU A 75 -2.20 -8.10 -10.95
N SER A 76 -2.15 -9.36 -11.35
CA SER A 76 -1.74 -9.70 -12.71
C SER A 76 -2.93 -9.73 -13.65
N THR A 77 -4.02 -9.12 -13.22
CA THR A 77 -5.24 -9.07 -14.03
C THR A 77 -5.25 -7.85 -14.94
N THR A 78 -5.18 -6.67 -14.35
CA THR A 78 -5.18 -5.43 -15.11
C THR A 78 -3.99 -4.55 -14.72
N VAL A 79 -3.69 -4.50 -13.43
CA VAL A 79 -2.58 -3.70 -12.93
C VAL A 79 -1.24 -4.25 -13.41
N HIS A 80 -0.54 -3.47 -14.21
CA HIS A 80 0.76 -3.87 -14.73
C HIS A 80 1.87 -3.59 -13.73
N ALA A 81 2.08 -2.32 -13.41
CA ALA A 81 3.10 -1.92 -12.46
C ALA A 81 2.48 -1.37 -11.18
N LEU A 82 3.01 -1.81 -10.04
CA LEU A 82 2.51 -1.36 -8.75
C LEU A 82 3.65 -0.99 -7.82
N ALA A 83 3.44 0.04 -6.99
CA ALA A 83 4.45 0.49 -6.05
C ALA A 83 3.95 0.37 -4.62
N LEU A 84 4.45 -0.62 -3.89
CA LEU A 84 4.06 -0.84 -2.51
C LEU A 84 4.86 0.05 -1.57
N HIS A 85 4.16 0.78 -0.71
CA HIS A 85 4.80 1.68 0.25
C HIS A 85 4.53 1.23 1.68
N THR A 86 5.26 0.20 2.11
CA THR A 86 5.10 -0.33 3.46
C THR A 86 5.92 0.47 4.46
N TYR A 87 5.24 1.24 5.30
CA TYR A 87 5.92 2.06 6.31
C TYR A 87 5.64 1.53 7.71
N THR A 88 6.51 1.88 8.66
CA THR A 88 6.36 1.44 10.03
C THR A 88 5.83 2.56 10.92
N ILE A 89 4.93 2.21 11.84
CA ILE A 89 4.35 3.19 12.75
C ILE A 89 5.40 4.15 13.27
N LYS A 90 6.58 3.62 13.61
CA LYS A 90 7.67 4.43 14.13
C LYS A 90 8.13 5.45 13.09
N GLU A 91 8.46 4.96 11.90
CA GLU A 91 8.91 5.82 10.81
C GLU A 91 7.87 6.89 10.50
N TRP A 92 6.63 6.47 10.31
CA TRP A 92 5.53 7.38 10.01
C TRP A 92 5.36 8.40 11.13
N GLU A 93 5.38 7.93 12.37
CA GLU A 93 5.22 8.80 13.53
C GLU A 93 6.00 10.10 13.34
N GLY A 94 7.20 9.99 12.77
CA GLY A 94 8.02 11.16 12.55
C GLY A 94 8.90 11.03 11.32
N LEU A 95 8.31 10.59 10.21
CA LEU A 95 9.04 10.41 8.97
C LEU A 95 9.86 11.65 8.64
N GLN A 96 9.23 12.82 8.74
CA GLN A 96 9.91 14.08 8.46
C GLN A 96 10.77 14.51 9.64
N ASP A 97 11.56 13.58 10.15
CA ASP A 97 12.45 13.86 11.27
C ASP A 97 13.27 15.11 11.02
N THR A 98 14.04 15.54 12.02
CA THR A 98 14.87 16.72 11.90
C THR A 98 15.88 16.79 13.04
N VAL A 99 17.04 17.39 12.76
CA VAL A 99 18.09 17.54 13.77
C VAL A 99 17.52 18.02 15.09
N PHE A 100 16.36 18.66 15.04
CA PHE A 100 15.71 19.16 16.24
C PHE A 100 14.32 18.55 16.41
N ALA A 101 14.02 18.11 17.62
CA ALA A 101 12.72 17.50 17.91
C ALA A 101 12.12 18.09 19.18
N SER A 102 12.96 18.31 20.18
CA SER A 102 12.51 18.86 21.46
C SER A 102 13.68 19.47 22.23
N PRO A 103 13.38 20.50 23.04
CA PRO A 103 14.39 21.19 23.85
C PRO A 103 14.91 20.33 24.98
N PRO A 104 16.17 20.57 25.38
CA PRO A 104 16.82 19.82 26.46
C PRO A 104 16.22 20.14 27.83
N CYS A 105 16.14 19.14 28.69
CA CYS A 105 15.59 19.30 30.03
C CYS A 105 16.15 20.57 30.69
N ARG A 106 15.41 21.10 31.65
CA ARG A 106 15.82 22.31 32.36
C ARG A 106 17.28 22.19 32.79
N GLY A 107 17.63 21.07 33.41
CA GLY A 107 18.99 20.86 33.87
C GLY A 107 19.04 20.25 35.26
N GLY A 1 -36.96 0.76 -1.42
CA GLY A 1 -36.06 1.44 -2.34
C GLY A 1 -34.74 0.72 -2.50
N SER A 2 -33.66 1.38 -2.11
CA SER A 2 -32.33 0.79 -2.21
C SER A 2 -32.22 -0.10 -3.45
N SER A 3 -32.76 0.39 -4.57
CA SER A 3 -32.73 -0.36 -5.82
C SER A 3 -31.63 0.16 -6.74
N GLY A 4 -30.78 -0.75 -7.19
CA GLY A 4 -29.68 -0.36 -8.08
C GLY A 4 -28.47 0.13 -7.31
N SER A 5 -27.38 -0.62 -7.42
CA SER A 5 -26.14 -0.26 -6.72
C SER A 5 -24.94 -0.95 -7.37
N SER A 6 -24.14 -0.16 -8.09
CA SER A 6 -22.96 -0.69 -8.77
C SER A 6 -21.69 -0.30 -8.02
N GLY A 7 -20.57 -0.89 -8.42
CA GLY A 7 -19.30 -0.60 -7.78
C GLY A 7 -18.40 -1.81 -7.68
N MET A 8 -17.47 -1.95 -8.61
CA MET A 8 -16.55 -3.08 -8.62
C MET A 8 -15.28 -2.75 -9.40
N MET A 9 -14.19 -2.54 -8.68
CA MET A 9 -12.91 -2.21 -9.30
C MET A 9 -11.77 -2.99 -8.64
N ILE A 10 -10.56 -2.78 -9.15
CA ILE A 10 -9.38 -3.46 -8.62
C ILE A 10 -8.98 -2.85 -7.28
N ARG A 11 -8.65 -1.57 -7.28
CA ARG A 11 -8.24 -0.88 -6.07
C ARG A 11 -9.10 -1.30 -4.88
N GLU A 12 -10.39 -1.48 -5.13
CA GLU A 12 -11.32 -1.89 -4.08
C GLU A 12 -11.02 -3.30 -3.60
N ARG A 13 -10.95 -4.24 -4.55
CA ARG A 13 -10.67 -5.64 -4.23
C ARG A 13 -9.34 -5.76 -3.48
N ILE A 14 -8.36 -4.99 -3.90
CA ILE A 14 -7.04 -5.01 -3.28
C ILE A 14 -7.14 -4.78 -1.77
N GLU A 15 -7.61 -3.59 -1.40
CA GLU A 15 -7.75 -3.24 0.01
C GLU A 15 -8.62 -4.27 0.73
N GLU A 16 -9.83 -4.47 0.24
CA GLU A 16 -10.75 -5.42 0.85
C GLU A 16 -10.00 -6.62 1.43
N LYS A 17 -8.99 -7.09 0.70
CA LYS A 17 -8.20 -8.22 1.14
C LYS A 17 -7.21 -7.81 2.23
N LEU A 18 -6.24 -6.98 1.86
CA LEU A 18 -5.24 -6.51 2.81
C LEU A 18 -5.85 -6.30 4.19
N ARG A 19 -7.08 -5.81 4.21
CA ARG A 19 -7.78 -5.56 5.47
C ARG A 19 -7.66 -6.77 6.41
N ALA A 20 -8.01 -7.94 5.89
CA ALA A 20 -7.94 -9.17 6.69
C ALA A 20 -6.59 -9.87 6.49
N ALA A 21 -6.06 -9.79 5.27
CA ALA A 21 -4.78 -10.42 4.96
C ALA A 21 -3.76 -10.14 6.04
N PHE A 22 -3.51 -8.87 6.31
CA PHE A 22 -2.54 -8.47 7.33
C PHE A 22 -3.23 -7.75 8.49
N GLN A 23 -4.13 -6.84 8.14
CA GLN A 23 -4.86 -6.08 9.14
C GLN A 23 -3.98 -5.01 9.77
N PRO A 24 -3.33 -4.20 8.92
CA PRO A 24 -2.43 -3.12 9.38
C PRO A 24 -3.20 -1.98 10.04
N VAL A 25 -2.51 -0.85 10.22
CA VAL A 25 -3.13 0.32 10.84
C VAL A 25 -3.58 1.33 9.79
N PHE A 26 -2.78 1.49 8.76
CA PHE A 26 -3.09 2.43 7.68
C PHE A 26 -3.37 1.68 6.38
N LEU A 27 -4.19 2.29 5.52
CA LEU A 27 -4.54 1.69 4.24
C LEU A 27 -5.09 2.73 3.28
N GLU A 28 -4.50 2.80 2.09
CA GLU A 28 -4.95 3.75 1.07
C GLU A 28 -4.51 3.31 -0.32
N VAL A 29 -5.31 3.66 -1.32
CA VAL A 29 -5.01 3.30 -2.70
C VAL A 29 -5.36 4.43 -3.66
N VAL A 30 -4.53 4.61 -4.67
CA VAL A 30 -4.75 5.66 -5.66
C VAL A 30 -4.88 5.08 -7.07
N ASP A 31 -6.11 4.96 -7.54
CA ASP A 31 -6.37 4.42 -8.87
C ASP A 31 -6.57 5.54 -9.88
N GLU A 32 -5.71 5.58 -10.89
CA GLU A 32 -5.79 6.61 -11.93
C GLU A 32 -5.81 5.98 -13.32
N SER A 33 -6.90 6.20 -14.04
CA SER A 33 -7.05 5.65 -15.39
C SER A 33 -7.28 6.77 -16.41
N TYR A 34 -7.53 7.97 -15.91
CA TYR A 34 -7.77 9.11 -16.78
C TYR A 34 -8.51 8.70 -18.04
N ARG A 35 -9.57 7.92 -17.86
CA ARG A 35 -10.37 7.45 -18.98
C ARG A 35 -11.59 8.35 -19.20
N HIS A 36 -12.23 8.74 -18.11
CA HIS A 36 -13.41 9.60 -18.18
C HIS A 36 -13.00 11.07 -18.30
N ASN A 37 -12.16 11.52 -17.37
CA ASN A 37 -11.70 12.90 -17.38
C ASN A 37 -11.12 13.28 -18.74
N VAL A 38 -10.21 12.45 -19.24
CA VAL A 38 -9.59 12.70 -20.54
C VAL A 38 -9.69 11.48 -21.44
N PRO A 39 -9.71 11.71 -22.76
CA PRO A 39 -9.80 10.64 -23.76
C PRO A 39 -8.54 9.80 -23.83
N ALA A 40 -8.48 8.89 -24.79
CA ALA A 40 -7.33 8.02 -24.97
C ALA A 40 -6.04 8.74 -24.57
N GLY A 41 -5.24 8.09 -23.73
CA GLY A 41 -3.99 8.69 -23.28
C GLY A 41 -3.84 8.65 -21.77
N SER A 42 -3.11 7.65 -21.28
CA SER A 42 -2.88 7.50 -19.85
C SER A 42 -1.91 6.35 -19.57
N GLU A 43 -1.07 6.55 -18.56
CA GLU A 43 -0.08 5.53 -18.19
C GLU A 43 -0.55 4.74 -16.98
N SER A 44 -0.35 3.42 -17.02
CA SER A 44 -0.76 2.55 -15.92
C SER A 44 0.06 2.83 -14.67
N HIS A 45 -0.35 3.84 -13.91
CA HIS A 45 0.34 4.22 -12.69
C HIS A 45 -0.49 3.86 -11.47
N PHE A 46 -0.19 2.72 -10.85
CA PHE A 46 -0.91 2.27 -9.67
C PHE A 46 -0.05 2.41 -8.42
N LYS A 47 -0.68 2.85 -7.34
CA LYS A 47 0.04 3.04 -6.07
C LYS A 47 -0.82 2.58 -4.89
N VAL A 48 -0.17 2.03 -3.88
CA VAL A 48 -0.87 1.55 -2.70
C VAL A 48 -0.06 1.79 -1.44
N VAL A 49 -0.72 2.26 -0.39
CA VAL A 49 -0.07 2.53 0.89
C VAL A 49 -0.54 1.58 1.97
N LEU A 50 0.40 1.07 2.76
CA LEU A 50 0.09 0.15 3.84
C LEU A 50 1.14 0.21 4.93
N VAL A 51 0.79 0.81 6.06
CA VAL A 51 1.71 0.93 7.19
C VAL A 51 1.54 -0.23 8.17
N SER A 52 2.53 -1.11 8.21
CA SER A 52 2.49 -2.27 9.10
C SER A 52 3.80 -2.41 9.86
N ASP A 53 3.77 -3.17 10.94
CA ASP A 53 4.96 -3.39 11.76
C ASP A 53 5.71 -4.64 11.30
N ARG A 54 4.96 -5.63 10.80
CA ARG A 54 5.55 -6.88 10.33
C ARG A 54 6.86 -6.61 9.59
N PHE A 55 6.96 -5.44 8.97
CA PHE A 55 8.15 -5.06 8.23
C PHE A 55 9.13 -4.29 9.12
N THR A 56 9.22 -4.70 10.38
CA THR A 56 10.11 -4.05 11.33
C THR A 56 11.46 -4.75 11.38
N GLY A 57 11.49 -6.01 10.95
CA GLY A 57 12.73 -6.76 10.95
C GLY A 57 12.67 -7.97 10.04
N GLU A 58 11.99 -7.82 8.90
CA GLU A 58 11.86 -8.91 7.94
C GLU A 58 12.79 -8.69 6.76
N ARG A 59 12.89 -9.70 5.90
CA ARG A 59 13.75 -9.62 4.72
C ARG A 59 13.25 -8.55 3.75
N PHE A 60 14.18 -7.96 3.01
CA PHE A 60 13.83 -6.92 2.05
C PHE A 60 12.83 -7.43 1.02
N LEU A 61 13.06 -8.65 0.54
CA LEU A 61 12.18 -9.26 -0.45
C LEU A 61 10.78 -9.49 0.14
N ASN A 62 10.72 -10.30 1.19
CA ASN A 62 9.44 -10.59 1.84
C ASN A 62 8.54 -9.36 1.87
N ARG A 63 9.12 -8.23 2.23
CA ARG A 63 8.38 -6.97 2.30
C ARG A 63 7.41 -6.85 1.12
N HIS A 64 7.94 -7.00 -0.09
CA HIS A 64 7.12 -6.90 -1.29
C HIS A 64 6.53 -8.27 -1.66
N ARG A 65 7.39 -9.27 -1.74
CA ARG A 65 6.96 -10.63 -2.08
C ARG A 65 5.63 -10.95 -1.42
N MET A 66 5.62 -10.95 -0.09
CA MET A 66 4.40 -11.25 0.67
C MET A 66 3.21 -10.51 0.08
N ILE A 67 3.31 -9.19 0.01
CA ILE A 67 2.24 -8.36 -0.53
C ILE A 67 1.72 -8.93 -1.85
N TYR A 68 2.64 -9.21 -2.77
CA TYR A 68 2.28 -9.75 -4.08
C TYR A 68 1.47 -11.04 -3.92
N SER A 69 2.03 -12.01 -3.22
CA SER A 69 1.37 -13.29 -3.00
C SER A 69 -0.14 -13.10 -2.82
N THR A 70 -0.50 -12.05 -2.09
CA THR A 70 -1.91 -11.75 -1.83
C THR A 70 -2.60 -11.27 -3.10
N LEU A 71 -1.96 -10.36 -3.82
CA LEU A 71 -2.52 -9.82 -5.05
C LEU A 71 -1.77 -10.35 -6.27
N ALA A 72 -1.31 -11.58 -6.18
CA ALA A 72 -0.57 -12.21 -7.27
C ALA A 72 -1.27 -11.99 -8.61
N GLU A 73 -2.52 -12.43 -8.70
CA GLU A 73 -3.31 -12.29 -9.92
C GLU A 73 -4.02 -10.94 -9.94
N GLU A 74 -4.70 -10.62 -8.84
CA GLU A 74 -5.44 -9.37 -8.74
C GLU A 74 -4.72 -8.25 -9.47
N LEU A 75 -3.40 -8.22 -9.35
CA LEU A 75 -2.58 -7.20 -10.00
C LEU A 75 -2.43 -7.49 -11.49
N SER A 76 -1.87 -8.66 -11.81
CA SER A 76 -1.67 -9.07 -13.19
C SER A 76 -2.93 -8.81 -14.02
N THR A 77 -4.09 -8.93 -13.37
CA THR A 77 -5.36 -8.72 -14.05
C THR A 77 -5.28 -7.55 -15.02
N THR A 78 -5.23 -6.34 -14.48
CA THR A 78 -5.15 -5.13 -15.30
C THR A 78 -3.89 -4.34 -14.99
N VAL A 79 -3.36 -4.53 -13.79
CA VAL A 79 -2.15 -3.83 -13.36
C VAL A 79 -0.89 -4.61 -13.75
N HIS A 80 0.15 -3.89 -14.13
CA HIS A 80 1.40 -4.52 -14.52
C HIS A 80 2.54 -4.08 -13.60
N ALA A 81 2.59 -2.78 -13.30
CA ALA A 81 3.63 -2.24 -12.43
C ALA A 81 3.01 -1.43 -11.29
N LEU A 82 3.28 -1.86 -10.07
CA LEU A 82 2.75 -1.17 -8.88
C LEU A 82 3.88 -0.70 -7.98
N ALA A 83 3.69 0.47 -7.36
CA ALA A 83 4.68 1.03 -6.47
C ALA A 83 4.26 0.88 -5.00
N LEU A 84 4.67 -0.23 -4.40
CA LEU A 84 4.34 -0.50 -3.00
C LEU A 84 5.12 0.42 -2.07
N HIS A 85 4.41 1.03 -1.12
CA HIS A 85 5.03 1.94 -0.16
C HIS A 85 4.70 1.53 1.27
N THR A 86 5.56 0.69 1.85
CA THR A 86 5.35 0.23 3.22
C THR A 86 6.24 0.98 4.19
N TYR A 87 5.63 1.51 5.26
CA TYR A 87 6.36 2.25 6.27
C TYR A 87 6.11 1.68 7.67
N THR A 88 7.02 1.98 8.59
CA THR A 88 6.89 1.49 9.96
C THR A 88 6.27 2.55 10.86
N ILE A 89 5.53 2.10 11.87
CA ILE A 89 4.89 3.01 12.81
C ILE A 89 5.83 4.14 13.22
N LYS A 90 7.10 3.81 13.41
CA LYS A 90 8.11 4.79 13.79
C LYS A 90 8.35 5.80 12.66
N GLU A 91 8.76 5.29 11.50
CA GLU A 91 9.03 6.13 10.35
C GLU A 91 7.85 7.06 10.07
N TRP A 92 6.64 6.50 10.08
CA TRP A 92 5.44 7.27 9.83
C TRP A 92 5.16 8.24 10.98
N GLU A 93 5.32 7.75 12.21
CA GLU A 93 5.08 8.57 13.39
C GLU A 93 5.66 9.98 13.20
N GLY A 94 6.84 10.05 12.59
CA GLY A 94 7.47 11.33 12.37
C GLY A 94 8.33 11.34 11.10
N LEU A 95 7.71 10.99 9.98
CA LEU A 95 8.42 10.95 8.70
C LEU A 95 8.80 12.36 8.26
N GLN A 96 7.82 13.25 8.23
CA GLN A 96 8.06 14.64 7.82
C GLN A 96 8.46 15.49 9.01
N ASP A 97 9.30 14.93 9.88
CA ASP A 97 9.76 15.65 11.06
C ASP A 97 11.02 15.01 11.63
N THR A 98 12.11 15.76 11.65
CA THR A 98 13.38 15.27 12.17
C THR A 98 13.81 16.04 13.41
N VAL A 99 13.74 15.39 14.56
CA VAL A 99 14.13 16.01 15.82
C VAL A 99 15.63 16.26 15.88
N PHE A 100 16.03 17.34 16.54
CA PHE A 100 17.44 17.68 16.67
C PHE A 100 17.92 17.47 18.10
N ALA A 101 19.24 17.38 18.27
CA ALA A 101 19.83 17.17 19.59
C ALA A 101 21.28 17.64 19.61
N SER A 102 21.85 17.72 20.81
CA SER A 102 23.23 18.16 20.98
C SER A 102 23.84 17.58 22.25
N PRO A 103 25.13 17.21 22.18
CA PRO A 103 25.85 16.65 23.32
C PRO A 103 26.09 17.66 24.43
N PRO A 104 25.96 17.22 25.69
CA PRO A 104 26.17 18.08 26.85
C PRO A 104 27.63 18.47 27.03
N CYS A 105 27.89 19.36 27.99
CA CYS A 105 29.24 19.81 28.28
C CYS A 105 29.59 19.61 29.74
N ARG A 106 30.85 19.85 30.08
CA ARG A 106 31.32 19.70 31.46
C ARG A 106 30.52 20.57 32.41
N GLY A 107 30.81 20.45 33.70
CA GLY A 107 30.11 21.24 34.70
C GLY A 107 30.76 21.17 36.06
N GLY A 1 -33.88 5.43 1.18
CA GLY A 1 -32.66 4.70 1.49
C GLY A 1 -31.45 5.26 0.78
N SER A 2 -30.75 4.39 0.05
CA SER A 2 -29.56 4.80 -0.68
C SER A 2 -29.93 5.58 -1.93
N SER A 3 -28.93 6.12 -2.62
CA SER A 3 -29.16 6.90 -3.83
C SER A 3 -28.57 6.18 -5.05
N GLY A 4 -27.26 5.94 -5.02
CA GLY A 4 -26.62 5.26 -6.12
C GLY A 4 -25.12 5.47 -6.13
N SER A 5 -24.38 4.46 -6.59
CA SER A 5 -22.93 4.54 -6.64
C SER A 5 -22.35 3.44 -7.54
N SER A 6 -21.16 3.69 -8.07
CA SER A 6 -20.51 2.73 -8.95
C SER A 6 -19.48 1.91 -8.17
N GLY A 7 -19.39 0.62 -8.49
CA GLY A 7 -18.46 -0.26 -7.83
C GLY A 7 -17.81 -1.25 -8.77
N MET A 8 -17.43 -2.41 -8.24
CA MET A 8 -16.79 -3.45 -9.05
C MET A 8 -15.49 -2.95 -9.65
N MET A 9 -14.71 -2.23 -8.84
CA MET A 9 -13.43 -1.70 -9.30
C MET A 9 -12.27 -2.53 -8.76
N ILE A 10 -11.06 -2.25 -9.25
CA ILE A 10 -9.88 -2.97 -8.82
C ILE A 10 -9.41 -2.49 -7.45
N ARG A 11 -9.10 -1.20 -7.36
CA ARG A 11 -8.64 -0.60 -6.11
C ARG A 11 -9.32 -1.28 -4.91
N GLU A 12 -10.65 -1.31 -4.94
CA GLU A 12 -11.41 -1.92 -3.86
C GLU A 12 -11.03 -3.38 -3.67
N ARG A 13 -10.95 -4.12 -4.79
CA ARG A 13 -10.60 -5.53 -4.74
C ARG A 13 -9.23 -5.73 -4.11
N ILE A 14 -8.30 -4.83 -4.41
CA ILE A 14 -6.95 -4.89 -3.86
C ILE A 14 -6.96 -4.81 -2.35
N GLU A 15 -7.37 -3.66 -1.82
CA GLU A 15 -7.44 -3.45 -0.38
C GLU A 15 -8.33 -4.49 0.28
N GLU A 16 -9.55 -4.64 -0.25
CA GLU A 16 -10.50 -5.60 0.29
C GLU A 16 -9.79 -6.86 0.77
N LYS A 17 -8.68 -7.19 0.13
CA LYS A 17 -7.91 -8.38 0.49
C LYS A 17 -6.91 -8.05 1.60
N LEU A 18 -6.09 -7.03 1.39
CA LEU A 18 -5.10 -6.62 2.38
C LEU A 18 -5.76 -6.36 3.73
N ARG A 19 -7.06 -6.07 3.71
CA ARG A 19 -7.80 -5.81 4.93
C ARG A 19 -7.69 -6.98 5.90
N ALA A 20 -8.07 -8.16 5.44
CA ALA A 20 -8.01 -9.36 6.27
C ALA A 20 -6.67 -10.07 6.13
N ALA A 21 -6.09 -9.99 4.93
CA ALA A 21 -4.81 -10.62 4.67
C ALA A 21 -3.79 -10.26 5.73
N PHE A 22 -3.56 -8.96 5.90
CA PHE A 22 -2.60 -8.48 6.89
C PHE A 22 -3.31 -7.80 8.05
N GLN A 23 -4.23 -6.90 7.73
CA GLN A 23 -4.99 -6.17 8.75
C GLN A 23 -4.13 -5.11 9.40
N PRO A 24 -3.50 -4.25 8.58
CA PRO A 24 -2.64 -3.17 9.05
C PRO A 24 -3.43 -2.06 9.74
N VAL A 25 -2.75 -0.97 10.05
CA VAL A 25 -3.39 0.17 10.71
C VAL A 25 -3.82 1.23 9.70
N PHE A 26 -3.07 1.32 8.60
CA PHE A 26 -3.37 2.30 7.55
C PHE A 26 -3.61 1.60 6.22
N LEU A 27 -4.48 2.18 5.40
CA LEU A 27 -4.80 1.62 4.10
C LEU A 27 -5.36 2.69 3.17
N GLU A 28 -4.80 2.80 1.97
CA GLU A 28 -5.24 3.78 0.99
C GLU A 28 -4.67 3.46 -0.39
N VAL A 29 -5.52 3.58 -1.41
CA VAL A 29 -5.11 3.30 -2.78
C VAL A 29 -5.25 4.54 -3.66
N VAL A 30 -4.30 4.74 -4.56
CA VAL A 30 -4.31 5.88 -5.46
C VAL A 30 -4.60 5.45 -6.89
N ASP A 31 -5.85 5.64 -7.32
CA ASP A 31 -6.25 5.27 -8.67
C ASP A 31 -6.00 6.42 -9.65
N GLU A 32 -5.61 6.08 -10.87
CA GLU A 32 -5.34 7.08 -11.89
C GLU A 32 -6.55 7.28 -12.79
N SER A 33 -7.71 7.52 -12.17
CA SER A 33 -8.94 7.72 -12.92
C SER A 33 -9.14 9.20 -13.25
N TYR A 34 -8.06 9.86 -13.68
CA TYR A 34 -8.11 11.27 -14.03
C TYR A 34 -7.79 11.48 -15.51
N ARG A 35 -8.38 10.66 -16.36
CA ARG A 35 -8.16 10.75 -17.79
C ARG A 35 -8.92 11.94 -18.38
N HIS A 36 -10.15 12.13 -17.94
CA HIS A 36 -10.98 13.23 -18.42
C HIS A 36 -10.14 14.48 -18.66
N ASN A 37 -9.28 14.80 -17.70
CA ASN A 37 -8.41 15.97 -17.80
C ASN A 37 -7.38 15.78 -18.91
N VAL A 38 -6.48 14.83 -18.72
CA VAL A 38 -5.43 14.56 -19.70
C VAL A 38 -6.03 14.12 -21.03
N PRO A 39 -5.33 14.43 -22.13
CA PRO A 39 -5.77 14.08 -23.48
C PRO A 39 -5.71 12.57 -23.75
N ALA A 40 -6.63 12.08 -24.55
CA ALA A 40 -6.68 10.66 -24.88
C ALA A 40 -5.27 10.08 -25.01
N GLY A 41 -4.84 9.36 -23.98
CA GLY A 41 -3.52 8.77 -23.99
C GLY A 41 -3.43 7.51 -23.16
N SER A 42 -2.58 7.52 -22.14
CA SER A 42 -2.41 6.37 -21.26
C SER A 42 -1.74 6.77 -19.95
N GLU A 43 -2.39 6.45 -18.85
CA GLU A 43 -1.85 6.77 -17.53
C GLU A 43 -1.69 5.52 -16.68
N SER A 44 -0.52 5.38 -16.06
CA SER A 44 -0.24 4.22 -15.22
C SER A 44 0.21 4.66 -13.83
N HIS A 45 -0.50 5.63 -13.27
CA HIS A 45 -0.17 6.14 -11.94
C HIS A 45 -0.93 5.36 -10.87
N PHE A 46 -0.32 4.29 -10.37
CA PHE A 46 -0.93 3.46 -9.34
C PHE A 46 0.00 3.31 -8.14
N LYS A 47 -0.53 3.58 -6.96
CA LYS A 47 0.25 3.47 -5.72
C LYS A 47 -0.65 3.15 -4.54
N VAL A 48 -0.14 2.36 -3.61
CA VAL A 48 -0.90 1.98 -2.42
C VAL A 48 -0.09 2.24 -1.15
N VAL A 49 -0.78 2.74 -0.12
CA VAL A 49 -0.13 3.04 1.15
C VAL A 49 -0.61 2.10 2.25
N LEU A 50 0.30 1.24 2.72
CA LEU A 50 -0.03 0.28 3.77
C LEU A 50 0.98 0.36 4.90
N VAL A 51 0.51 0.72 6.10
CA VAL A 51 1.37 0.81 7.26
C VAL A 51 1.18 -0.38 8.19
N SER A 52 2.28 -1.07 8.48
CA SER A 52 2.23 -2.24 9.36
C SER A 52 3.57 -2.45 10.04
N ASP A 53 3.52 -2.85 11.31
CA ASP A 53 4.74 -3.09 12.09
C ASP A 53 5.43 -4.37 11.62
N ARG A 54 4.65 -5.32 11.12
CA ARG A 54 5.18 -6.58 10.64
C ARG A 54 6.44 -6.35 9.80
N PHE A 55 6.53 -5.18 9.17
CA PHE A 55 7.67 -4.85 8.33
C PHE A 55 8.75 -4.13 9.15
N THR A 56 8.94 -4.59 10.39
CA THR A 56 9.93 -3.99 11.27
C THR A 56 11.27 -4.70 11.14
N GLY A 57 12.30 -3.93 10.78
CA GLY A 57 13.63 -4.51 10.62
C GLY A 57 13.59 -5.93 10.09
N GLU A 58 13.35 -6.06 8.79
CA GLU A 58 13.28 -7.37 8.16
C GLU A 58 13.81 -7.31 6.72
N ARG A 59 13.89 -8.47 6.08
CA ARG A 59 14.38 -8.55 4.71
C ARG A 59 13.75 -7.46 3.85
N PHE A 60 14.35 -7.22 2.68
CA PHE A 60 13.86 -6.20 1.77
C PHE A 60 12.84 -6.78 0.80
N LEU A 61 13.12 -7.98 0.30
CA LEU A 61 12.23 -8.64 -0.64
C LEU A 61 11.05 -9.30 0.10
N ASN A 62 11.38 -10.10 1.11
CA ASN A 62 10.35 -10.78 1.89
C ASN A 62 9.11 -9.91 2.05
N ARG A 63 9.33 -8.59 2.14
CA ARG A 63 8.22 -7.65 2.29
C ARG A 63 7.33 -7.64 1.06
N HIS A 64 7.96 -7.60 -0.12
CA HIS A 64 7.22 -7.59 -1.37
C HIS A 64 6.44 -8.88 -1.56
N ARG A 65 7.17 -9.99 -1.74
CA ARG A 65 6.55 -11.28 -1.94
C ARG A 65 5.29 -11.42 -1.09
N MET A 66 5.36 -10.93 0.14
CA MET A 66 4.21 -11.00 1.05
C MET A 66 2.98 -10.34 0.42
N ILE A 67 3.13 -9.09 0.00
CA ILE A 67 2.04 -8.35 -0.61
C ILE A 67 1.63 -8.98 -1.93
N TYR A 68 2.58 -9.12 -2.85
CA TYR A 68 2.32 -9.70 -4.16
C TYR A 68 1.58 -11.04 -4.01
N SER A 69 2.21 -11.99 -3.33
CA SER A 69 1.61 -13.31 -3.13
C SER A 69 0.11 -13.18 -2.92
N THR A 70 -0.31 -12.20 -2.13
CA THR A 70 -1.71 -11.98 -1.84
C THR A 70 -2.49 -11.70 -3.13
N LEU A 71 -1.97 -10.79 -3.94
CA LEU A 71 -2.61 -10.43 -5.20
C LEU A 71 -1.78 -10.89 -6.40
N ALA A 72 -1.14 -12.05 -6.25
CA ALA A 72 -0.32 -12.61 -7.32
C ALA A 72 -1.02 -12.49 -8.67
N GLU A 73 -2.14 -13.21 -8.82
CA GLU A 73 -2.90 -13.18 -10.06
C GLU A 73 -3.93 -12.05 -10.05
N GLU A 74 -4.39 -11.70 -8.86
CA GLU A 74 -5.38 -10.63 -8.71
C GLU A 74 -4.93 -9.37 -9.44
N LEU A 75 -3.90 -8.72 -8.90
CA LEU A 75 -3.38 -7.50 -9.49
C LEU A 75 -2.89 -7.75 -10.92
N SER A 76 -2.27 -8.91 -11.13
CA SER A 76 -1.75 -9.26 -12.44
C SER A 76 -2.86 -9.25 -13.49
N THR A 77 -4.10 -9.42 -13.03
CA THR A 77 -5.25 -9.42 -13.92
C THR A 77 -5.18 -8.28 -14.92
N THR A 78 -5.24 -7.05 -14.41
CA THR A 78 -5.18 -5.86 -15.25
C THR A 78 -3.98 -5.00 -14.91
N VAL A 79 -3.57 -5.04 -13.65
CA VAL A 79 -2.42 -4.27 -13.18
C VAL A 79 -1.11 -5.02 -13.41
N HIS A 80 -0.16 -4.37 -14.06
CA HIS A 80 1.13 -4.98 -14.33
C HIS A 80 2.14 -4.63 -13.25
N ALA A 81 2.25 -3.33 -12.97
CA ALA A 81 3.19 -2.85 -11.94
C ALA A 81 2.47 -2.00 -10.90
N LEU A 82 3.06 -1.91 -9.71
CA LEU A 82 2.47 -1.13 -8.63
C LEU A 82 3.53 -0.80 -7.57
N ALA A 83 3.56 0.46 -7.16
CA ALA A 83 4.51 0.90 -6.14
C ALA A 83 3.96 0.68 -4.74
N LEU A 84 4.38 -0.40 -4.10
CA LEU A 84 3.93 -0.72 -2.75
C LEU A 84 4.70 0.10 -1.72
N HIS A 85 3.96 0.88 -0.93
CA HIS A 85 4.57 1.71 0.11
C HIS A 85 4.32 1.12 1.49
N THR A 86 5.30 0.37 1.98
CA THR A 86 5.18 -0.26 3.30
C THR A 86 5.96 0.53 4.35
N TYR A 87 5.25 0.99 5.38
CA TYR A 87 5.86 1.76 6.45
C TYR A 87 5.38 1.27 7.81
N THR A 88 6.10 1.67 8.86
CA THR A 88 5.76 1.28 10.23
C THR A 88 5.09 2.42 10.98
N ILE A 89 4.80 2.19 12.25
CA ILE A 89 4.16 3.20 13.08
C ILE A 89 5.14 4.31 13.44
N LYS A 90 6.38 3.93 13.72
CA LYS A 90 7.42 4.89 14.07
C LYS A 90 7.95 5.61 12.83
N GLU A 91 8.55 4.85 11.92
CA GLU A 91 9.10 5.41 10.70
C GLU A 91 8.18 6.49 10.13
N TRP A 92 6.88 6.23 10.19
CA TRP A 92 5.89 7.17 9.68
C TRP A 92 5.67 8.32 10.67
N GLU A 93 5.50 7.97 11.94
CA GLU A 93 5.29 8.97 12.98
C GLU A 93 6.16 10.20 12.74
N GLY A 94 7.28 10.00 12.06
CA GLY A 94 8.19 11.10 11.79
C GLY A 94 9.32 10.69 10.86
N LEU A 95 8.99 10.47 9.59
CA LEU A 95 10.00 10.08 8.60
C LEU A 95 10.82 11.28 8.15
N GLN A 96 10.18 12.45 8.09
CA GLN A 96 10.85 13.67 7.68
C GLN A 96 11.29 14.49 8.89
N ASP A 97 11.74 13.80 9.93
CA ASP A 97 12.18 14.47 11.15
C ASP A 97 13.04 13.53 12.00
N THR A 98 14.07 14.09 12.62
CA THR A 98 14.97 13.30 13.45
C THR A 98 15.35 14.06 14.72
N VAL A 99 14.79 13.64 15.86
CA VAL A 99 15.06 14.28 17.13
C VAL A 99 16.53 14.10 17.53
N PHE A 100 17.10 15.13 18.15
CA PHE A 100 18.49 15.08 18.58
C PHE A 100 18.60 14.49 19.98
N ALA A 101 19.72 13.80 20.24
CA ALA A 101 19.94 13.19 21.54
C ALA A 101 21.11 13.86 22.27
N SER A 102 21.05 13.86 23.60
CA SER A 102 22.10 14.47 24.41
C SER A 102 22.77 13.43 25.31
N PRO A 103 24.09 13.56 25.47
CA PRO A 103 24.88 12.64 26.31
C PRO A 103 24.57 12.81 27.79
N PRO A 104 24.51 11.68 28.52
CA PRO A 104 24.23 11.67 29.95
C PRO A 104 25.38 12.24 30.77
N CYS A 105 25.02 12.99 31.82
CA CYS A 105 26.03 13.61 32.67
C CYS A 105 27.25 14.03 31.88
N ARG A 106 27.02 14.75 30.78
CA ARG A 106 28.11 15.22 29.92
C ARG A 106 27.59 16.21 28.89
N GLY A 107 28.48 17.05 28.38
CA GLY A 107 28.10 18.04 27.39
C GLY A 107 29.14 18.19 26.29
N GLY A 1 -23.70 -9.41 -2.03
CA GLY A 1 -25.11 -9.11 -2.24
C GLY A 1 -25.50 -9.17 -3.71
N SER A 2 -26.08 -8.08 -4.21
CA SER A 2 -26.50 -8.02 -5.60
C SER A 2 -26.12 -6.69 -6.23
N SER A 3 -25.56 -6.75 -7.44
CA SER A 3 -25.13 -5.55 -8.14
C SER A 3 -24.72 -5.88 -9.58
N GLY A 4 -25.20 -5.08 -10.52
CA GLY A 4 -24.86 -5.31 -11.93
C GLY A 4 -23.49 -4.78 -12.28
N SER A 5 -23.37 -4.18 -13.46
CA SER A 5 -22.10 -3.64 -13.92
C SER A 5 -21.91 -2.21 -13.42
N SER A 6 -21.43 -2.09 -12.19
CA SER A 6 -21.19 -0.78 -11.59
C SER A 6 -19.71 -0.43 -11.61
N GLY A 7 -19.23 -0.01 -12.77
CA GLY A 7 -17.82 0.36 -12.91
C GLY A 7 -16.90 -0.76 -12.49
N MET A 8 -15.60 -0.57 -12.74
CA MET A 8 -14.61 -1.58 -12.39
C MET A 8 -13.84 -1.17 -11.13
N MET A 9 -14.45 -1.40 -9.97
CA MET A 9 -13.83 -1.06 -8.70
C MET A 9 -12.57 -1.90 -8.47
N ILE A 10 -11.41 -1.28 -8.67
CA ILE A 10 -10.14 -1.98 -8.48
C ILE A 10 -9.54 -1.65 -7.11
N ARG A 11 -9.41 -0.36 -6.82
CA ARG A 11 -8.85 0.09 -5.54
C ARG A 11 -9.61 -0.53 -4.37
N GLU A 12 -10.83 -0.99 -4.65
CA GLU A 12 -11.65 -1.61 -3.61
C GLU A 12 -11.40 -3.11 -3.53
N ARG A 13 -11.46 -3.78 -4.68
CA ARG A 13 -11.24 -5.21 -4.74
C ARG A 13 -9.90 -5.59 -4.12
N ILE A 14 -8.89 -4.76 -4.38
CA ILE A 14 -7.55 -5.01 -3.85
C ILE A 14 -7.56 -4.95 -2.32
N GLU A 15 -7.81 -3.76 -1.78
CA GLU A 15 -7.82 -3.57 -0.34
C GLU A 15 -8.61 -4.69 0.34
N GLU A 16 -9.82 -4.93 -0.13
CA GLU A 16 -10.67 -5.97 0.44
C GLU A 16 -9.84 -7.14 0.93
N LYS A 17 -8.94 -7.63 0.07
CA LYS A 17 -8.07 -8.76 0.41
C LYS A 17 -7.11 -8.37 1.53
N LEU A 18 -6.22 -7.43 1.23
CA LEU A 18 -5.23 -6.97 2.21
C LEU A 18 -5.86 -6.86 3.60
N ARG A 19 -7.04 -6.26 3.66
CA ARG A 19 -7.74 -6.09 4.93
C ARG A 19 -7.50 -7.29 5.84
N ALA A 20 -7.93 -8.46 5.38
CA ALA A 20 -7.76 -9.68 6.17
C ALA A 20 -6.40 -10.32 5.91
N ALA A 21 -5.88 -10.13 4.70
CA ALA A 21 -4.58 -10.68 4.35
C ALA A 21 -3.51 -10.31 5.38
N PHE A 22 -3.53 -9.06 5.82
CA PHE A 22 -2.57 -8.58 6.81
C PHE A 22 -3.29 -7.94 7.99
N GLN A 23 -4.23 -7.05 7.70
CA GLN A 23 -4.98 -6.35 8.74
C GLN A 23 -4.13 -5.27 9.40
N PRO A 24 -3.50 -4.43 8.58
CA PRO A 24 -2.65 -3.34 9.07
C PRO A 24 -3.44 -2.24 9.76
N VAL A 25 -2.78 -1.13 10.07
CA VAL A 25 -3.42 0.00 10.72
C VAL A 25 -3.83 1.06 9.71
N PHE A 26 -3.19 1.04 8.54
CA PHE A 26 -3.48 2.00 7.49
C PHE A 26 -3.71 1.30 6.15
N LEU A 27 -4.51 1.91 5.30
CA LEU A 27 -4.82 1.35 3.98
C LEU A 27 -5.31 2.43 3.03
N GLU A 28 -4.66 2.54 1.88
CA GLU A 28 -5.04 3.54 0.88
C GLU A 28 -4.38 3.24 -0.46
N VAL A 29 -5.18 3.25 -1.53
CA VAL A 29 -4.66 2.98 -2.87
C VAL A 29 -4.77 4.22 -3.76
N VAL A 30 -3.83 4.36 -4.68
CA VAL A 30 -3.83 5.50 -5.60
C VAL A 30 -3.86 5.03 -7.05
N ASP A 31 -4.95 5.35 -7.74
CA ASP A 31 -5.10 4.96 -9.15
C ASP A 31 -5.05 6.18 -10.05
N GLU A 32 -4.27 6.08 -11.13
CA GLU A 32 -4.14 7.19 -12.08
C GLU A 32 -4.67 6.79 -13.44
N SER A 33 -5.96 7.02 -13.66
CA SER A 33 -6.60 6.69 -14.93
C SER A 33 -7.27 7.92 -15.54
N TYR A 34 -6.78 8.35 -16.69
CA TYR A 34 -7.34 9.52 -17.38
C TYR A 34 -8.81 9.29 -17.73
N ARG A 35 -9.66 10.21 -17.29
CA ARG A 35 -11.09 10.12 -17.56
C ARG A 35 -11.37 10.09 -19.05
N HIS A 36 -10.62 10.89 -19.80
CA HIS A 36 -10.78 10.96 -21.26
C HIS A 36 -10.91 9.55 -21.85
N ASN A 37 -11.26 9.49 -23.13
CA ASN A 37 -11.41 8.21 -23.81
C ASN A 37 -10.08 7.72 -24.35
N VAL A 38 -9.04 7.82 -23.52
CA VAL A 38 -7.70 7.39 -23.92
C VAL A 38 -7.47 5.93 -23.53
N PRO A 39 -6.67 5.22 -24.35
CA PRO A 39 -6.34 3.82 -24.11
C PRO A 39 -5.45 3.62 -22.90
N ALA A 40 -5.16 2.37 -22.56
CA ALA A 40 -4.31 2.05 -21.43
C ALA A 40 -3.11 1.21 -21.85
N GLY A 41 -2.09 1.16 -20.99
CA GLY A 41 -0.89 0.40 -21.30
C GLY A 41 0.37 1.14 -20.92
N SER A 42 0.85 2.00 -21.81
CA SER A 42 2.07 2.77 -21.56
C SER A 42 1.80 3.91 -20.59
N GLU A 43 0.53 4.10 -20.24
CA GLU A 43 0.14 5.17 -19.33
C GLU A 43 -0.75 4.62 -18.21
N SER A 44 -0.14 4.32 -17.07
CA SER A 44 -0.87 3.79 -15.93
C SER A 44 0.03 3.67 -14.71
N HIS A 45 -0.18 4.55 -13.73
CA HIS A 45 0.62 4.54 -12.51
C HIS A 45 -0.22 4.10 -11.32
N PHE A 46 0.13 2.95 -10.75
CA PHE A 46 -0.59 2.42 -9.59
C PHE A 46 0.29 2.45 -8.34
N LYS A 47 -0.34 2.66 -7.19
CA LYS A 47 0.37 2.72 -5.92
C LYS A 47 -0.53 2.26 -4.77
N VAL A 48 0.07 1.61 -3.78
CA VAL A 48 -0.67 1.13 -2.62
C VAL A 48 0.09 1.42 -1.33
N VAL A 49 -0.62 1.99 -0.35
CA VAL A 49 -0.01 2.32 0.93
C VAL A 49 -0.50 1.36 2.02
N LEU A 50 0.44 0.71 2.69
CA LEU A 50 0.11 -0.23 3.76
C LEU A 50 1.07 -0.06 4.94
N VAL A 51 0.55 0.53 6.03
CA VAL A 51 1.35 0.74 7.22
C VAL A 51 1.20 -0.42 8.20
N SER A 52 2.31 -1.04 8.56
CA SER A 52 2.30 -2.17 9.49
C SER A 52 3.67 -2.33 10.16
N ASP A 53 3.66 -2.96 11.34
CA ASP A 53 4.90 -3.17 12.08
C ASP A 53 5.55 -4.50 11.68
N ARG A 54 4.71 -5.50 11.41
CA ARG A 54 5.21 -6.81 11.02
C ARG A 54 6.45 -6.69 10.15
N PHE A 55 6.54 -5.61 9.40
CA PHE A 55 7.68 -5.37 8.52
C PHE A 55 8.78 -4.61 9.25
N THR A 56 8.97 -4.93 10.52
CA THR A 56 9.98 -4.28 11.34
C THR A 56 11.28 -5.09 11.36
N GLY A 57 12.34 -4.52 10.80
CA GLY A 57 13.62 -5.20 10.76
C GLY A 57 13.75 -6.13 9.56
N GLU A 58 12.67 -6.84 9.25
CA GLU A 58 12.68 -7.77 8.12
C GLU A 58 13.37 -7.15 6.91
N ARG A 59 13.70 -7.99 5.93
CA ARG A 59 14.37 -7.52 4.72
C ARG A 59 13.36 -6.91 3.75
N PHE A 60 13.80 -5.90 3.01
CA PHE A 60 12.94 -5.23 2.04
C PHE A 60 12.25 -6.25 1.13
N LEU A 61 13.03 -7.20 0.61
CA LEU A 61 12.50 -8.22 -0.27
C LEU A 61 11.45 -9.06 0.45
N ASN A 62 11.83 -9.63 1.59
CA ASN A 62 10.92 -10.46 2.37
C ASN A 62 9.62 -9.71 2.67
N ARG A 63 9.74 -8.41 2.91
CA ARG A 63 8.58 -7.59 3.20
C ARG A 63 7.73 -7.37 1.96
N HIS A 64 8.40 -7.28 0.81
CA HIS A 64 7.71 -7.07 -0.46
C HIS A 64 7.01 -8.36 -0.92
N ARG A 65 7.79 -9.42 -1.11
CA ARG A 65 7.25 -10.69 -1.55
C ARG A 65 5.93 -10.99 -0.85
N MET A 66 5.88 -10.77 0.45
CA MET A 66 4.67 -11.01 1.23
C MET A 66 3.47 -10.29 0.61
N ILE A 67 3.64 -8.99 0.37
CA ILE A 67 2.57 -8.18 -0.22
C ILE A 67 2.09 -8.78 -1.54
N TYR A 68 2.98 -8.78 -2.53
CA TYR A 68 2.66 -9.32 -3.84
C TYR A 68 1.99 -10.68 -3.72
N SER A 69 2.69 -11.62 -3.09
CA SER A 69 2.16 -12.98 -2.91
C SER A 69 0.65 -12.94 -2.69
N THR A 70 0.19 -11.99 -1.87
CA THR A 70 -1.23 -11.87 -1.57
C THR A 70 -2.02 -11.54 -2.83
N LEU A 71 -1.70 -10.42 -3.46
CA LEU A 71 -2.39 -10.00 -4.68
C LEU A 71 -1.56 -10.34 -5.92
N ALA A 72 -0.84 -11.46 -5.86
CA ALA A 72 -0.02 -11.89 -6.96
C ALA A 72 -0.74 -11.71 -8.30
N GLU A 73 -1.85 -12.42 -8.46
CA GLU A 73 -2.64 -12.33 -9.69
C GLU A 73 -3.67 -11.22 -9.60
N GLU A 74 -4.33 -11.12 -8.45
CA GLU A 74 -5.34 -10.10 -8.23
C GLU A 74 -4.98 -8.81 -8.96
N LEU A 75 -3.70 -8.46 -8.92
CA LEU A 75 -3.22 -7.24 -9.58
C LEU A 75 -3.17 -7.42 -11.09
N SER A 76 -2.46 -8.45 -11.54
CA SER A 76 -2.33 -8.73 -12.97
C SER A 76 -3.69 -8.67 -13.65
N THR A 77 -4.74 -9.04 -12.91
CA THR A 77 -6.09 -9.03 -13.45
C THR A 77 -6.28 -7.90 -14.45
N THR A 78 -6.15 -6.66 -13.96
CA THR A 78 -6.31 -5.49 -14.82
C THR A 78 -5.07 -4.60 -14.75
N VAL A 79 -4.44 -4.54 -13.59
CA VAL A 79 -3.24 -3.73 -13.41
C VAL A 79 -1.98 -4.52 -13.74
N HIS A 80 -0.97 -3.82 -14.24
CA HIS A 80 0.29 -4.45 -14.62
C HIS A 80 1.41 -3.99 -13.70
N ALA A 81 1.48 -2.68 -13.47
CA ALA A 81 2.50 -2.11 -12.60
C ALA A 81 1.91 -1.53 -11.33
N LEU A 82 2.63 -1.68 -10.23
CA LEU A 82 2.17 -1.17 -8.93
C LEU A 82 3.33 -0.94 -7.98
N ALA A 83 3.46 0.29 -7.48
CA ALA A 83 4.53 0.62 -6.57
C ALA A 83 4.09 0.45 -5.12
N LEU A 84 4.54 -0.63 -4.50
CA LEU A 84 4.19 -0.92 -3.11
C LEU A 84 4.93 0.00 -2.15
N HIS A 85 4.23 0.50 -1.14
CA HIS A 85 4.83 1.40 -0.16
C HIS A 85 4.50 0.94 1.27
N THR A 86 5.23 -0.06 1.74
CA THR A 86 5.01 -0.58 3.09
C THR A 86 5.84 0.18 4.12
N TYR A 87 5.15 0.86 5.04
CA TYR A 87 5.81 1.63 6.07
C TYR A 87 5.41 1.14 7.46
N THR A 88 6.14 1.60 8.47
CA THR A 88 5.87 1.21 9.85
C THR A 88 5.16 2.33 10.61
N ILE A 89 4.88 2.08 11.89
CA ILE A 89 4.21 3.07 12.72
C ILE A 89 5.14 4.23 13.05
N LYS A 90 6.40 3.91 13.35
CA LYS A 90 7.39 4.92 13.67
C LYS A 90 7.75 5.75 12.44
N GLU A 91 8.42 5.13 11.50
CA GLU A 91 8.83 5.81 10.27
C GLU A 91 7.74 6.78 9.80
N TRP A 92 6.50 6.30 9.82
CA TRP A 92 5.37 7.12 9.40
C TRP A 92 5.06 8.20 10.43
N GLU A 93 5.05 7.82 11.70
CA GLU A 93 4.77 8.76 12.79
C GLU A 93 5.52 10.07 12.57
N GLY A 94 6.60 10.01 11.80
CA GLY A 94 7.39 11.20 11.54
C GLY A 94 8.56 10.92 10.61
N LEU A 95 8.26 10.43 9.42
CA LEU A 95 9.30 10.12 8.43
C LEU A 95 10.41 11.16 8.47
N GLN A 96 10.02 12.43 8.37
CA GLN A 96 10.98 13.53 8.39
C GLN A 96 12.29 13.12 7.70
N ASP A 97 12.16 12.53 6.52
CA ASP A 97 13.32 12.09 5.76
C ASP A 97 14.44 11.62 6.69
N THR A 98 14.07 10.77 7.65
CA THR A 98 15.04 10.25 8.61
C THR A 98 14.46 9.08 9.40
N VAL A 99 15.30 8.11 9.71
CA VAL A 99 14.87 6.93 10.45
C VAL A 99 14.95 7.18 11.96
N PHE A 100 13.86 6.90 12.66
CA PHE A 100 13.81 7.10 14.11
C PHE A 100 14.62 6.02 14.83
N ALA A 101 15.66 6.45 15.53
CA ALA A 101 16.51 5.52 16.26
C ALA A 101 15.75 4.84 17.40
N SER A 102 16.08 3.58 17.66
CA SER A 102 15.41 2.82 18.72
C SER A 102 15.79 3.37 20.09
N PRO A 103 14.89 3.18 21.06
CA PRO A 103 15.09 3.64 22.44
C PRO A 103 16.17 2.85 23.16
N PRO A 104 16.90 3.53 24.05
CA PRO A 104 17.99 2.91 24.83
C PRO A 104 17.46 1.92 25.87
N CYS A 105 16.16 1.95 26.10
CA CYS A 105 15.54 1.06 27.07
C CYS A 105 15.96 -0.38 26.83
N ARG A 106 16.82 -0.89 27.71
CA ARG A 106 17.31 -2.26 27.59
C ARG A 106 16.36 -3.24 28.28
N GLY A 107 16.71 -4.52 28.24
CA GLY A 107 15.87 -5.54 28.85
C GLY A 107 14.41 -5.39 28.49
N GLY A 1 -32.54 1.51 5.98
CA GLY A 1 -31.89 2.03 4.80
C GLY A 1 -31.41 0.94 3.86
N SER A 2 -30.57 1.31 2.90
CA SER A 2 -30.05 0.36 1.93
C SER A 2 -28.64 0.76 1.47
N SER A 3 -27.72 -0.20 1.48
CA SER A 3 -26.35 0.06 1.07
C SER A 3 -25.84 -1.05 0.17
N GLY A 4 -25.05 -0.67 -0.84
CA GLY A 4 -24.50 -1.66 -1.76
C GLY A 4 -23.82 -1.02 -2.95
N SER A 5 -22.49 -1.10 -2.96
CA SER A 5 -21.71 -0.52 -4.05
C SER A 5 -20.80 -1.57 -4.69
N SER A 6 -21.22 -2.09 -5.83
CA SER A 6 -20.45 -3.10 -6.55
C SER A 6 -18.98 -2.73 -6.60
N GLY A 7 -18.70 -1.43 -6.77
CA GLY A 7 -17.34 -0.96 -6.84
C GLY A 7 -16.42 -1.96 -7.52
N MET A 8 -16.60 -2.14 -8.83
CA MET A 8 -15.79 -3.07 -9.59
C MET A 8 -14.43 -2.44 -9.93
N MET A 9 -13.76 -1.91 -8.92
CA MET A 9 -12.46 -1.28 -9.12
C MET A 9 -11.34 -2.16 -8.57
N ILE A 10 -10.18 -2.12 -9.21
CA ILE A 10 -9.04 -2.91 -8.78
C ILE A 10 -8.53 -2.45 -7.42
N ARG A 11 -8.64 -1.14 -7.17
CA ARG A 11 -8.20 -0.58 -5.90
C ARG A 11 -8.94 -1.23 -4.73
N GLU A 12 -10.23 -1.46 -4.91
CA GLU A 12 -11.05 -2.07 -3.87
C GLU A 12 -10.68 -3.53 -3.68
N ARG A 13 -10.72 -4.29 -4.77
CA ARG A 13 -10.40 -5.71 -4.72
C ARG A 13 -9.07 -5.95 -4.00
N ILE A 14 -8.18 -4.96 -4.09
CA ILE A 14 -6.88 -5.05 -3.44
C ILE A 14 -6.98 -4.83 -1.94
N GLU A 15 -7.56 -3.70 -1.55
CA GLU A 15 -7.72 -3.37 -0.14
C GLU A 15 -8.65 -4.37 0.54
N GLU A 16 -9.87 -4.49 0.03
CA GLU A 16 -10.85 -5.41 0.59
C GLU A 16 -10.18 -6.68 1.09
N LYS A 17 -9.08 -7.06 0.44
CA LYS A 17 -8.34 -8.26 0.81
C LYS A 17 -7.37 -7.97 1.95
N LEU A 18 -6.49 -7.01 1.74
CA LEU A 18 -5.50 -6.63 2.75
C LEU A 18 -6.17 -6.46 4.10
N ARG A 19 -7.27 -5.73 4.14
CA ARG A 19 -8.00 -5.49 5.37
C ARG A 19 -7.99 -6.73 6.26
N ALA A 20 -8.44 -7.85 5.71
CA ALA A 20 -8.47 -9.10 6.45
C ALA A 20 -7.18 -9.88 6.27
N ALA A 21 -6.42 -9.55 5.23
CA ALA A 21 -5.15 -10.21 4.96
C ALA A 21 -4.17 -10.03 6.12
N PHE A 22 -4.01 -8.80 6.56
CA PHE A 22 -3.10 -8.48 7.66
C PHE A 22 -3.82 -7.70 8.75
N GLN A 23 -4.71 -6.80 8.34
CA GLN A 23 -5.46 -5.99 9.28
C GLN A 23 -4.56 -4.92 9.91
N PRO A 24 -3.91 -4.13 9.06
CA PRO A 24 -3.01 -3.05 9.49
C PRO A 24 -3.77 -1.89 10.13
N VAL A 25 -3.10 -0.75 10.26
CA VAL A 25 -3.71 0.44 10.87
C VAL A 25 -4.11 1.44 9.80
N PHE A 26 -3.21 1.65 8.83
CA PHE A 26 -3.46 2.60 7.75
C PHE A 26 -3.75 1.86 6.44
N LEU A 27 -4.48 2.52 5.55
CA LEU A 27 -4.82 1.93 4.25
C LEU A 27 -5.23 3.01 3.26
N GLU A 28 -4.73 2.90 2.03
CA GLU A 28 -5.06 3.86 0.99
C GLU A 28 -4.49 3.41 -0.36
N VAL A 29 -5.26 3.63 -1.41
CA VAL A 29 -4.85 3.26 -2.77
C VAL A 29 -5.00 4.41 -3.73
N VAL A 30 -4.07 4.52 -4.68
CA VAL A 30 -4.10 5.59 -5.67
C VAL A 30 -4.32 5.02 -7.07
N ASP A 31 -5.49 5.25 -7.63
CA ASP A 31 -5.82 4.77 -8.97
C ASP A 31 -5.81 5.93 -9.98
N GLU A 32 -5.33 5.65 -11.17
CA GLU A 32 -5.27 6.66 -12.23
C GLU A 32 -6.53 6.63 -13.08
N SER A 33 -7.52 7.44 -12.70
CA SER A 33 -8.78 7.50 -13.41
C SER A 33 -8.60 8.20 -14.76
N TYR A 34 -9.10 7.57 -15.82
CA TYR A 34 -8.99 8.14 -17.16
C TYR A 34 -10.37 8.47 -17.72
N ARG A 35 -10.52 9.69 -18.24
CA ARG A 35 -11.79 10.13 -18.80
C ARG A 35 -11.98 9.55 -20.21
N HIS A 36 -10.90 9.57 -21.00
CA HIS A 36 -10.96 9.05 -22.36
C HIS A 36 -11.54 7.65 -22.39
N ASN A 37 -12.85 7.56 -22.56
CA ASN A 37 -13.55 6.27 -22.60
C ASN A 37 -12.83 5.32 -23.55
N VAL A 38 -12.47 5.81 -24.73
CA VAL A 38 -11.77 4.99 -25.72
C VAL A 38 -10.77 4.05 -25.06
N PRO A 39 -10.54 2.90 -25.69
CA PRO A 39 -9.60 1.89 -25.19
C PRO A 39 -8.16 2.35 -25.28
N ALA A 40 -7.39 2.14 -24.20
CA ALA A 40 -5.99 2.53 -24.17
C ALA A 40 -5.26 1.84 -23.02
N GLY A 41 -3.94 1.69 -23.17
CA GLY A 41 -3.16 1.05 -22.14
C GLY A 41 -1.66 1.14 -22.41
N SER A 42 -1.15 2.36 -22.48
CA SER A 42 0.27 2.57 -22.74
C SER A 42 1.10 2.38 -21.47
N GLU A 43 0.62 2.96 -20.37
CA GLU A 43 1.31 2.85 -19.09
C GLU A 43 0.37 2.37 -18.00
N SER A 44 0.95 1.90 -16.89
CA SER A 44 0.15 1.40 -15.77
C SER A 44 0.65 1.98 -14.46
N HIS A 45 0.01 3.06 -14.00
CA HIS A 45 0.40 3.71 -12.76
C HIS A 45 -0.54 3.30 -11.63
N PHE A 46 -0.01 2.54 -10.66
CA PHE A 46 -0.79 2.07 -9.53
C PHE A 46 0.05 2.07 -8.25
N LYS A 47 -0.44 2.78 -7.23
CA LYS A 47 0.26 2.86 -5.96
C LYS A 47 -0.62 2.35 -4.82
N VAL A 48 0.02 1.90 -3.75
CA VAL A 48 -0.70 1.38 -2.59
C VAL A 48 0.05 1.67 -1.29
N VAL A 49 -0.67 2.15 -0.29
CA VAL A 49 -0.06 2.46 1.00
C VAL A 49 -0.67 1.60 2.11
N LEU A 50 0.21 1.01 2.93
CA LEU A 50 -0.24 0.16 4.04
C LEU A 50 0.76 0.19 5.18
N VAL A 51 0.40 0.88 6.25
CA VAL A 51 1.27 0.98 7.43
C VAL A 51 1.08 -0.21 8.35
N SER A 52 2.17 -0.91 8.64
CA SER A 52 2.12 -2.07 9.52
C SER A 52 3.53 -2.51 9.93
N ASP A 53 3.71 -2.76 11.23
CA ASP A 53 5.01 -3.18 11.74
C ASP A 53 5.56 -4.37 10.94
N ARG A 54 4.66 -5.19 10.41
CA ARG A 54 5.05 -6.35 9.63
C ARG A 54 6.09 -5.98 8.57
N PHE A 55 6.17 -4.68 8.27
CA PHE A 55 7.11 -4.19 7.28
C PHE A 55 8.48 -3.97 7.91
N THR A 56 8.87 -4.86 8.81
CA THR A 56 10.15 -4.76 9.49
C THR A 56 11.28 -4.58 8.49
N GLY A 57 11.09 -5.11 7.29
CA GLY A 57 12.12 -5.00 6.26
C GLY A 57 13.19 -6.04 6.39
N GLU A 58 12.85 -7.17 7.00
CA GLU A 58 13.80 -8.26 7.19
C GLU A 58 14.54 -8.57 5.89
N ARG A 59 13.84 -9.15 4.94
CA ARG A 59 14.42 -9.50 3.65
C ARG A 59 14.04 -8.47 2.58
N PHE A 60 14.89 -8.35 1.57
CA PHE A 60 14.65 -7.41 0.48
C PHE A 60 13.40 -7.79 -0.32
N LEU A 61 13.34 -9.05 -0.73
CA LEU A 61 12.20 -9.55 -1.49
C LEU A 61 10.95 -9.64 -0.62
N ASN A 62 11.10 -10.27 0.54
CA ASN A 62 9.99 -10.42 1.47
C ASN A 62 9.06 -9.21 1.42
N ARG A 63 9.65 -8.02 1.52
CA ARG A 63 8.88 -6.78 1.48
C ARG A 63 7.68 -6.91 0.55
N HIS A 64 7.95 -7.26 -0.71
CA HIS A 64 6.90 -7.43 -1.70
C HIS A 64 6.15 -8.74 -1.49
N ARG A 65 6.90 -9.82 -1.30
CA ARG A 65 6.30 -11.13 -1.08
C ARG A 65 5.01 -11.02 -0.29
N MET A 66 5.14 -10.71 1.00
CA MET A 66 3.97 -10.57 1.88
C MET A 66 2.80 -9.96 1.12
N ILE A 67 3.05 -8.85 0.43
CA ILE A 67 2.01 -8.18 -0.33
C ILE A 67 1.61 -8.98 -1.56
N TYR A 68 2.52 -9.03 -2.54
CA TYR A 68 2.26 -9.77 -3.77
C TYR A 68 1.53 -11.07 -3.49
N SER A 69 2.14 -11.93 -2.68
CA SER A 69 1.54 -13.21 -2.33
C SER A 69 0.02 -13.09 -2.21
N THR A 70 -0.42 -12.05 -1.52
CA THR A 70 -1.85 -11.82 -1.33
C THR A 70 -2.54 -11.53 -2.66
N LEU A 71 -1.98 -10.61 -3.42
CA LEU A 71 -2.55 -10.24 -4.71
C LEU A 71 -1.73 -10.84 -5.86
N ALA A 72 -1.22 -12.05 -5.64
CA ALA A 72 -0.44 -12.74 -6.66
C ALA A 72 -1.06 -12.58 -8.04
N GLU A 73 -2.24 -13.16 -8.22
CA GLU A 73 -2.94 -13.08 -9.50
C GLU A 73 -3.71 -11.78 -9.63
N GLU A 74 -4.37 -11.38 -8.54
CA GLU A 74 -5.15 -10.15 -8.53
C GLU A 74 -4.37 -9.01 -9.16
N LEU A 75 -3.09 -8.91 -8.83
CA LEU A 75 -2.23 -7.86 -9.37
C LEU A 75 -1.74 -8.22 -10.76
N SER A 76 -1.70 -9.53 -11.06
CA SER A 76 -1.25 -10.00 -12.35
C SER A 76 -2.42 -10.12 -13.33
N THR A 77 -3.55 -9.53 -12.96
CA THR A 77 -4.74 -9.56 -13.80
C THR A 77 -4.69 -8.48 -14.87
N THR A 78 -4.69 -7.23 -14.44
CA THR A 78 -4.65 -6.09 -15.35
C THR A 78 -3.55 -5.12 -14.97
N VAL A 79 -3.27 -5.01 -13.67
CA VAL A 79 -2.24 -4.11 -13.18
C VAL A 79 -0.85 -4.63 -13.53
N HIS A 80 -0.05 -3.78 -14.18
CA HIS A 80 1.30 -4.15 -14.57
C HIS A 80 2.30 -3.76 -13.50
N ALA A 81 2.41 -2.45 -13.24
CA ALA A 81 3.33 -1.94 -12.23
C ALA A 81 2.61 -1.65 -10.92
N LEU A 82 3.36 -1.58 -9.84
CA LEU A 82 2.80 -1.30 -8.52
C LEU A 82 3.83 -0.62 -7.62
N ALA A 83 3.43 0.52 -7.05
CA ALA A 83 4.31 1.27 -6.16
C ALA A 83 3.89 1.12 -4.70
N LEU A 84 4.51 0.17 -4.01
CA LEU A 84 4.19 -0.08 -2.61
C LEU A 84 4.83 0.97 -1.71
N HIS A 85 4.03 1.95 -1.29
CA HIS A 85 4.53 3.02 -0.43
C HIS A 85 4.05 2.81 1.01
N THR A 86 4.73 1.93 1.73
CA THR A 86 4.37 1.64 3.11
C THR A 86 5.40 2.22 4.08
N TYR A 87 4.99 2.38 5.34
CA TYR A 87 5.87 2.93 6.35
C TYR A 87 5.60 2.30 7.72
N THR A 88 6.66 2.06 8.49
CA THR A 88 6.53 1.47 9.81
C THR A 88 5.87 2.43 10.79
N ILE A 89 4.96 1.91 11.61
CA ILE A 89 4.26 2.74 12.59
C ILE A 89 5.18 3.82 13.14
N LYS A 90 6.41 3.44 13.49
CA LYS A 90 7.38 4.39 14.02
C LYS A 90 7.77 5.43 12.98
N GLU A 91 8.44 4.98 11.92
CA GLU A 91 8.86 5.87 10.86
C GLU A 91 7.80 6.93 10.57
N TRP A 92 6.56 6.48 10.43
CA TRP A 92 5.45 7.39 10.15
C TRP A 92 5.08 8.20 11.39
N GLU A 93 5.07 7.53 12.55
CA GLU A 93 4.73 8.19 13.80
C GLU A 93 5.48 9.52 13.93
N GLY A 94 6.59 9.65 13.20
CA GLY A 94 7.37 10.87 13.24
C GLY A 94 8.60 10.80 12.37
N LEU A 95 8.39 10.67 11.07
CA LEU A 95 9.49 10.59 10.12
C LEU A 95 10.38 11.82 10.23
N GLN A 96 9.78 13.00 10.14
CA GLN A 96 10.53 14.25 10.23
C GLN A 96 10.77 14.65 11.69
N ASP A 97 9.70 14.64 12.48
CA ASP A 97 9.79 14.99 13.89
C ASP A 97 11.09 14.46 14.50
N THR A 98 11.24 13.15 14.47
CA THR A 98 12.44 12.50 15.02
C THR A 98 13.06 11.55 14.01
N VAL A 99 14.31 11.81 13.65
CA VAL A 99 15.02 10.96 12.70
C VAL A 99 15.53 9.68 13.36
N PHE A 100 15.87 9.78 14.65
CA PHE A 100 16.36 8.63 15.40
C PHE A 100 16.43 8.95 16.89
N ALA A 101 16.60 7.91 17.70
CA ALA A 101 16.69 8.08 19.15
C ALA A 101 18.06 7.66 19.67
N SER A 102 18.33 7.97 20.93
CA SER A 102 19.61 7.64 21.55
C SER A 102 19.57 6.24 22.14
N PRO A 103 20.61 5.44 21.87
CA PRO A 103 20.71 4.07 22.37
C PRO A 103 20.96 4.02 23.87
N PRO A 104 20.45 2.96 24.52
CA PRO A 104 20.60 2.77 25.96
C PRO A 104 22.04 2.44 26.35
N CYS A 105 22.25 2.16 27.63
CA CYS A 105 23.58 1.84 28.15
C CYS A 105 23.48 0.96 29.39
N ARG A 106 24.62 0.40 29.80
CA ARG A 106 24.67 -0.46 30.97
C ARG A 106 25.98 -0.28 31.72
N GLY A 107 25.95 -0.54 33.04
CA GLY A 107 27.14 -0.40 33.84
C GLY A 107 26.82 -0.26 35.32
N GLY A 1 -24.87 4.83 -0.86
CA GLY A 1 -23.89 4.05 -1.59
C GLY A 1 -23.22 3.00 -0.74
N SER A 2 -22.72 1.95 -1.37
CA SER A 2 -22.05 0.86 -0.66
C SER A 2 -20.59 0.75 -1.08
N SER A 3 -19.93 1.90 -1.22
CA SER A 3 -18.53 1.93 -1.62
C SER A 3 -18.26 0.91 -2.72
N GLY A 4 -19.17 0.83 -3.69
CA GLY A 4 -19.01 -0.11 -4.78
C GLY A 4 -20.27 -0.92 -5.05
N SER A 5 -21.11 -0.43 -5.95
CA SER A 5 -22.35 -1.11 -6.28
C SER A 5 -22.20 -1.94 -7.56
N SER A 6 -22.07 -3.25 -7.40
CA SER A 6 -21.92 -4.14 -8.54
C SER A 6 -20.83 -3.64 -9.49
N GLY A 7 -19.72 -3.20 -8.91
CA GLY A 7 -18.63 -2.69 -9.72
C GLY A 7 -17.55 -3.74 -9.97
N MET A 8 -16.55 -3.38 -10.76
CA MET A 8 -15.46 -4.29 -11.07
C MET A 8 -14.11 -3.59 -10.95
N MET A 9 -14.01 -2.69 -9.99
CA MET A 9 -12.78 -1.94 -9.76
C MET A 9 -11.73 -2.82 -9.06
N ILE A 10 -10.47 -2.64 -9.45
CA ILE A 10 -9.39 -3.43 -8.87
C ILE A 10 -8.93 -2.82 -7.54
N ARG A 11 -8.93 -1.49 -7.47
CA ARG A 11 -8.52 -0.80 -6.26
C ARG A 11 -9.20 -1.39 -5.02
N GLU A 12 -10.51 -1.20 -4.94
CA GLU A 12 -11.27 -1.72 -3.80
C GLU A 12 -10.97 -3.21 -3.58
N ARG A 13 -10.93 -3.97 -4.67
CA ARG A 13 -10.65 -5.39 -4.58
C ARG A 13 -9.35 -5.65 -3.84
N ILE A 14 -8.34 -4.85 -4.13
CA ILE A 14 -7.04 -4.99 -3.49
C ILE A 14 -7.13 -4.77 -1.99
N GLU A 15 -7.38 -3.52 -1.59
CA GLU A 15 -7.50 -3.18 -0.18
C GLU A 15 -8.47 -4.12 0.53
N GLU A 16 -9.68 -4.24 -0.01
CA GLU A 16 -10.70 -5.11 0.58
C GLU A 16 -10.05 -6.36 1.18
N LYS A 17 -8.98 -6.84 0.55
CA LYS A 17 -8.29 -8.02 1.03
C LYS A 17 -7.27 -7.65 2.09
N LEU A 18 -6.27 -6.87 1.71
CA LEU A 18 -5.22 -6.44 2.64
C LEU A 18 -5.80 -6.21 4.03
N ARG A 19 -7.01 -5.67 4.08
CA ARG A 19 -7.67 -5.39 5.36
C ARG A 19 -7.62 -6.61 6.27
N ALA A 20 -8.03 -7.76 5.74
CA ALA A 20 -8.02 -9.00 6.51
C ALA A 20 -6.72 -9.75 6.32
N ALA A 21 -6.05 -9.50 5.21
CA ALA A 21 -4.79 -10.17 4.90
C ALA A 21 -3.79 -9.97 6.04
N PHE A 22 -3.45 -8.71 6.31
CA PHE A 22 -2.50 -8.40 7.37
C PHE A 22 -3.18 -7.62 8.50
N GLN A 23 -4.13 -6.76 8.13
CA GLN A 23 -4.85 -5.95 9.10
C GLN A 23 -3.94 -4.90 9.72
N PRO A 24 -3.28 -4.10 8.86
CA PRO A 24 -2.38 -3.05 9.30
C PRO A 24 -3.11 -1.88 9.96
N VAL A 25 -2.40 -0.78 10.16
CA VAL A 25 -2.99 0.40 10.78
C VAL A 25 -3.32 1.46 9.74
N PHE A 26 -2.60 1.43 8.61
CA PHE A 26 -2.82 2.39 7.54
C PHE A 26 -3.12 1.67 6.23
N LEU A 27 -3.87 2.34 5.35
CA LEU A 27 -4.22 1.77 4.05
C LEU A 27 -4.65 2.86 3.08
N GLU A 28 -4.04 2.86 1.90
CA GLU A 28 -4.37 3.84 0.88
C GLU A 28 -3.77 3.45 -0.48
N VAL A 29 -4.63 3.37 -1.49
CA VAL A 29 -4.19 3.00 -2.83
C VAL A 29 -4.52 4.10 -3.84
N VAL A 30 -3.65 4.27 -4.83
CA VAL A 30 -3.85 5.28 -5.86
C VAL A 30 -4.16 4.65 -7.20
N ASP A 31 -5.42 4.70 -7.60
CA ASP A 31 -5.85 4.12 -8.87
C ASP A 31 -6.02 5.21 -9.92
N GLU A 32 -5.42 4.99 -11.10
CA GLU A 32 -5.50 5.95 -12.19
C GLU A 32 -6.47 5.47 -13.27
N SER A 33 -7.57 6.20 -13.43
CA SER A 33 -8.57 5.85 -14.43
C SER A 33 -8.16 6.34 -15.81
N TYR A 34 -8.35 5.48 -16.81
CA TYR A 34 -8.00 5.82 -18.18
C TYR A 34 -9.03 6.76 -18.80
N ARG A 35 -8.64 8.00 -19.05
CA ARG A 35 -9.53 8.99 -19.63
C ARG A 35 -8.96 9.55 -20.93
N HIS A 36 -7.66 9.85 -20.92
CA HIS A 36 -6.99 10.38 -22.10
C HIS A 36 -5.92 9.41 -22.61
N ASN A 37 -5.63 9.49 -23.90
CA ASN A 37 -4.63 8.63 -24.51
C ASN A 37 -3.26 8.81 -23.84
N VAL A 38 -2.74 7.75 -23.25
CA VAL A 38 -1.45 7.80 -22.58
C VAL A 38 -0.54 6.67 -23.04
N PRO A 39 0.78 6.92 -23.03
CA PRO A 39 1.77 5.93 -23.46
C PRO A 39 1.89 4.77 -22.48
N ALA A 40 2.82 3.86 -22.76
CA ALA A 40 3.04 2.70 -21.90
C ALA A 40 2.93 3.08 -20.42
N GLY A 41 2.35 2.19 -19.63
CA GLY A 41 2.21 2.45 -18.21
C GLY A 41 3.48 2.20 -17.44
N SER A 42 4.51 2.97 -17.74
CA SER A 42 5.81 2.82 -17.08
C SER A 42 5.85 3.63 -15.79
N GLU A 43 5.38 4.87 -15.86
CA GLU A 43 5.36 5.75 -14.70
C GLU A 43 4.56 5.13 -13.56
N SER A 44 4.39 5.90 -12.48
CA SER A 44 3.64 5.43 -11.32
C SER A 44 2.14 5.47 -11.59
N HIS A 45 1.63 4.45 -12.26
CA HIS A 45 0.20 4.36 -12.57
C HIS A 45 -0.56 3.64 -11.46
N PHE A 46 0.19 3.11 -10.49
CA PHE A 46 -0.42 2.40 -9.37
C PHE A 46 0.49 2.43 -8.15
N LYS A 47 -0.07 2.85 -7.02
CA LYS A 47 0.69 2.93 -5.77
C LYS A 47 -0.16 2.48 -4.59
N VAL A 48 0.42 1.62 -3.74
CA VAL A 48 -0.28 1.11 -2.57
C VAL A 48 0.51 1.38 -1.31
N VAL A 49 -0.17 1.95 -0.30
CA VAL A 49 0.47 2.27 0.97
C VAL A 49 -0.04 1.35 2.08
N LEU A 50 0.88 0.73 2.80
CA LEU A 50 0.53 -0.17 3.90
C LEU A 50 1.50 -0.03 5.05
N VAL A 51 1.03 0.56 6.15
CA VAL A 51 1.86 0.76 7.34
C VAL A 51 1.62 -0.35 8.36
N SER A 52 2.68 -1.06 8.71
CA SER A 52 2.60 -2.14 9.68
C SER A 52 3.92 -2.32 10.41
N ASP A 53 3.85 -2.90 11.62
CA ASP A 53 5.04 -3.12 12.42
C ASP A 53 5.79 -4.37 11.94
N ARG A 54 5.03 -5.37 11.50
CA ARG A 54 5.61 -6.62 11.02
C ARG A 54 6.88 -6.34 10.22
N PHE A 55 6.95 -5.17 9.60
CA PHE A 55 8.09 -4.79 8.79
C PHE A 55 9.10 -4.00 9.62
N THR A 56 9.31 -4.44 10.86
CA THR A 56 10.24 -3.78 11.77
C THR A 56 11.64 -4.37 11.63
N GLY A 57 11.80 -5.31 10.70
CA GLY A 57 13.09 -5.94 10.49
C GLY A 57 13.06 -6.95 9.36
N GLU A 58 12.27 -6.66 8.33
CA GLU A 58 12.15 -7.57 7.19
C GLU A 58 12.78 -6.94 5.93
N ARG A 59 13.31 -7.78 5.06
CA ARG A 59 13.93 -7.31 3.83
C ARG A 59 12.89 -6.70 2.90
N PHE A 60 13.35 -5.86 1.97
CA PHE A 60 12.46 -5.20 1.02
C PHE A 60 11.81 -6.23 0.09
N LEU A 61 12.55 -7.28 -0.24
CA LEU A 61 12.05 -8.33 -1.12
C LEU A 61 10.90 -9.09 -0.47
N ASN A 62 11.17 -9.65 0.72
CA ASN A 62 10.15 -10.40 1.45
C ASN A 62 8.86 -9.60 1.56
N ARG A 63 8.92 -8.49 2.29
CA ARG A 63 7.75 -7.64 2.49
C ARG A 63 6.96 -7.51 1.18
N HIS A 64 7.64 -7.69 0.06
CA HIS A 64 7.00 -7.59 -1.24
C HIS A 64 6.52 -8.96 -1.72
N ARG A 65 7.29 -9.99 -1.39
CA ARG A 65 6.94 -11.36 -1.79
C ARG A 65 5.63 -11.79 -1.15
N MET A 66 5.34 -11.25 0.03
CA MET A 66 4.12 -11.59 0.75
C MET A 66 2.93 -10.78 0.21
N ILE A 67 3.17 -9.49 -0.01
CA ILE A 67 2.12 -8.61 -0.51
C ILE A 67 1.60 -9.09 -1.86
N TYR A 68 2.50 -9.22 -2.83
CA TYR A 68 2.13 -9.67 -4.17
C TYR A 68 1.53 -11.07 -4.11
N SER A 69 1.99 -11.87 -3.16
CA SER A 69 1.50 -13.24 -3.00
C SER A 69 0.02 -13.25 -2.63
N THR A 70 -0.40 -12.24 -1.88
CA THR A 70 -1.79 -12.12 -1.46
C THR A 70 -2.68 -11.68 -2.61
N LEU A 71 -2.27 -10.63 -3.30
CA LEU A 71 -3.03 -10.11 -4.43
C LEU A 71 -2.24 -10.25 -5.73
N ALA A 72 -1.63 -11.41 -5.93
CA ALA A 72 -0.84 -11.67 -7.13
C ALA A 72 -1.75 -11.81 -8.35
N GLU A 73 -3.01 -12.17 -8.11
CA GLU A 73 -3.97 -12.34 -9.19
C GLU A 73 -4.76 -11.06 -9.42
N GLU A 74 -4.77 -10.20 -8.41
CA GLU A 74 -5.50 -8.94 -8.49
C GLU A 74 -4.93 -8.05 -9.59
N LEU A 75 -3.63 -7.78 -9.51
CA LEU A 75 -2.95 -6.94 -10.49
C LEU A 75 -2.81 -7.68 -11.82
N SER A 76 -2.65 -9.00 -11.74
CA SER A 76 -2.50 -9.82 -12.95
C SER A 76 -3.75 -9.77 -13.80
N THR A 77 -4.81 -9.15 -13.27
CA THR A 77 -6.08 -9.03 -13.98
C THR A 77 -5.98 -7.99 -15.10
N THR A 78 -5.67 -6.76 -14.73
CA THR A 78 -5.55 -5.67 -15.69
C THR A 78 -4.30 -4.85 -15.44
N VAL A 79 -3.94 -4.70 -14.18
CA VAL A 79 -2.75 -3.93 -13.81
C VAL A 79 -1.47 -4.63 -14.27
N HIS A 80 -0.42 -3.85 -14.49
CA HIS A 80 0.85 -4.39 -14.93
C HIS A 80 1.94 -4.16 -13.89
N ALA A 81 2.22 -2.90 -13.61
CA ALA A 81 3.24 -2.54 -12.62
C ALA A 81 2.61 -2.00 -11.34
N LEU A 82 3.43 -1.79 -10.33
CA LEU A 82 2.95 -1.27 -9.04
C LEU A 82 4.11 -0.91 -8.14
N ALA A 83 3.98 0.22 -7.43
CA ALA A 83 5.02 0.68 -6.52
C ALA A 83 4.58 0.54 -5.07
N LEU A 84 4.99 -0.55 -4.43
CA LEU A 84 4.64 -0.79 -3.03
C LEU A 84 5.51 0.03 -2.09
N HIS A 85 4.89 0.97 -1.38
CA HIS A 85 5.62 1.81 -0.45
C HIS A 85 5.32 1.41 1.00
N THR A 86 5.94 0.33 1.45
CA THR A 86 5.74 -0.16 2.80
C THR A 86 6.37 0.78 3.83
N TYR A 87 5.67 1.00 4.94
CA TYR A 87 6.14 1.88 5.99
C TYR A 87 5.89 1.27 7.36
N THR A 88 6.67 1.70 8.35
CA THR A 88 6.54 1.20 9.71
C THR A 88 5.91 2.26 10.62
N ILE A 89 5.27 1.80 11.70
CA ILE A 89 4.64 2.70 12.65
C ILE A 89 5.62 3.76 13.15
N LYS A 90 6.74 3.29 13.70
CA LYS A 90 7.77 4.18 14.22
C LYS A 90 8.08 5.29 13.22
N GLU A 91 8.13 4.93 11.94
CA GLU A 91 8.41 5.90 10.89
C GLU A 91 7.30 6.94 10.79
N TRP A 92 6.10 6.47 10.50
CA TRP A 92 4.94 7.35 10.37
C TRP A 92 4.82 8.26 11.59
N GLU A 93 5.01 7.70 12.77
CA GLU A 93 4.92 8.45 14.01
C GLU A 93 5.58 9.82 13.86
N GLY A 94 6.76 9.84 13.23
CA GLY A 94 7.48 11.09 13.04
C GLY A 94 8.24 11.11 11.72
N LEU A 95 7.62 10.58 10.67
CA LEU A 95 8.25 10.54 9.36
C LEU A 95 8.50 11.96 8.83
N GLN A 96 7.48 12.80 8.91
CA GLN A 96 7.59 14.18 8.45
C GLN A 96 8.26 15.05 9.49
N ASP A 97 7.72 15.04 10.71
CA ASP A 97 8.27 15.83 11.80
C ASP A 97 9.45 15.11 12.45
N THR A 98 10.24 15.85 13.22
CA THR A 98 11.40 15.29 13.90
C THR A 98 11.50 15.79 15.33
N VAL A 99 11.41 14.86 16.29
CA VAL A 99 11.48 15.21 17.70
C VAL A 99 12.13 14.08 18.50
N PHE A 100 12.90 14.46 19.51
CA PHE A 100 13.58 13.48 20.36
C PHE A 100 14.20 14.16 21.58
N ALA A 101 14.37 13.40 22.66
CA ALA A 101 14.95 13.93 23.88
C ALA A 101 15.32 12.80 24.84
N SER A 102 15.97 13.15 25.95
CA SER A 102 16.38 12.17 26.94
C SER A 102 15.17 11.55 27.64
N PRO A 103 15.22 10.23 27.86
CA PRO A 103 14.14 9.50 28.51
C PRO A 103 14.02 9.83 29.99
N PRO A 104 12.83 9.59 30.56
CA PRO A 104 12.56 9.86 31.97
C PRO A 104 13.30 8.90 32.90
N CYS A 105 13.05 9.03 34.20
CA CYS A 105 13.69 8.17 35.19
C CYS A 105 12.65 7.46 36.05
N ARG A 106 13.12 6.69 37.03
CA ARG A 106 12.23 5.96 37.92
C ARG A 106 11.10 6.86 38.42
N GLY A 107 11.47 7.97 39.05
CA GLY A 107 10.49 8.90 39.57
C GLY A 107 10.35 10.14 38.71
N GLY A 1 -36.57 3.13 0.97
CA GLY A 1 -36.67 3.19 -0.49
C GLY A 1 -36.06 1.98 -1.16
N SER A 2 -35.36 2.21 -2.26
CA SER A 2 -34.72 1.14 -3.01
C SER A 2 -33.45 1.64 -3.71
N SER A 3 -32.30 1.12 -3.28
CA SER A 3 -31.02 1.52 -3.85
C SER A 3 -30.02 0.37 -3.79
N GLY A 4 -29.12 0.32 -4.77
CA GLY A 4 -28.13 -0.73 -4.80
C GLY A 4 -26.72 -0.18 -4.91
N SER A 5 -25.74 -1.08 -4.93
CA SER A 5 -24.34 -0.68 -5.02
C SER A 5 -23.54 -1.69 -5.85
N SER A 6 -22.70 -1.17 -6.76
CA SER A 6 -21.90 -2.03 -7.61
C SER A 6 -20.42 -1.63 -7.53
N GLY A 7 -19.54 -2.60 -7.77
CA GLY A 7 -18.12 -2.33 -7.72
C GLY A 7 -17.31 -3.33 -8.53
N MET A 8 -16.65 -2.85 -9.57
CA MET A 8 -15.83 -3.71 -10.42
C MET A 8 -14.48 -3.07 -10.71
N MET A 9 -13.89 -2.47 -9.69
CA MET A 9 -12.59 -1.83 -9.83
C MET A 9 -11.48 -2.68 -9.22
N ILE A 10 -10.24 -2.38 -9.58
CA ILE A 10 -9.09 -3.12 -9.07
C ILE A 10 -8.76 -2.70 -7.64
N ARG A 11 -8.32 -1.46 -7.47
CA ARG A 11 -7.97 -0.94 -6.16
C ARG A 11 -8.91 -1.49 -5.08
N GLU A 12 -10.21 -1.36 -5.33
CA GLU A 12 -11.22 -1.84 -4.39
C GLU A 12 -10.89 -3.25 -3.92
N ARG A 13 -10.75 -4.16 -4.88
CA ARG A 13 -10.43 -5.56 -4.56
C ARG A 13 -9.10 -5.66 -3.80
N ILE A 14 -8.13 -4.88 -4.22
CA ILE A 14 -6.82 -4.88 -3.58
C ILE A 14 -6.94 -4.67 -2.08
N GLU A 15 -7.53 -3.55 -1.68
CA GLU A 15 -7.72 -3.24 -0.27
C GLU A 15 -8.61 -4.27 0.41
N GLU A 16 -9.80 -4.46 -0.15
CA GLU A 16 -10.75 -5.43 0.40
C GLU A 16 -10.03 -6.61 1.03
N LYS A 17 -8.93 -7.03 0.39
CA LYS A 17 -8.15 -8.15 0.88
C LYS A 17 -7.21 -7.72 1.99
N LEU A 18 -6.26 -6.85 1.66
CA LEU A 18 -5.29 -6.36 2.62
C LEU A 18 -5.95 -6.15 3.99
N ARG A 19 -7.23 -5.82 3.98
CA ARG A 19 -7.98 -5.60 5.21
C ARG A 19 -7.88 -6.81 6.13
N ALA A 20 -8.21 -7.98 5.60
CA ALA A 20 -8.15 -9.21 6.38
C ALA A 20 -6.81 -9.92 6.20
N ALA A 21 -6.29 -9.88 4.98
CA ALA A 21 -5.01 -10.51 4.67
C ALA A 21 -3.97 -10.18 5.74
N PHE A 22 -3.67 -8.90 5.90
CA PHE A 22 -2.69 -8.46 6.89
C PHE A 22 -3.38 -7.81 8.08
N GLN A 23 -4.31 -6.91 7.80
CA GLN A 23 -5.04 -6.21 8.85
C GLN A 23 -4.17 -5.14 9.50
N PRO A 24 -3.54 -4.30 8.67
CA PRO A 24 -2.67 -3.21 9.14
C PRO A 24 -3.45 -2.11 9.84
N VAL A 25 -2.74 -1.06 10.26
CA VAL A 25 -3.37 0.06 10.94
C VAL A 25 -3.73 1.17 9.95
N PHE A 26 -2.97 1.27 8.87
CA PHE A 26 -3.21 2.28 7.86
C PHE A 26 -3.50 1.63 6.51
N LEU A 27 -4.33 2.30 5.70
CA LEU A 27 -4.69 1.80 4.38
C LEU A 27 -5.13 2.93 3.47
N GLU A 28 -4.58 2.95 2.25
CA GLU A 28 -4.91 3.98 1.28
C GLU A 28 -4.33 3.65 -0.09
N VAL A 29 -5.18 3.66 -1.12
CA VAL A 29 -4.75 3.38 -2.47
C VAL A 29 -4.90 4.59 -3.37
N VAL A 30 -3.85 4.88 -4.15
CA VAL A 30 -3.87 6.02 -5.06
C VAL A 30 -4.03 5.56 -6.51
N ASP A 31 -5.27 5.62 -7.00
CA ASP A 31 -5.57 5.22 -8.36
C ASP A 31 -5.75 6.44 -9.27
N GLU A 32 -4.86 6.58 -10.25
CA GLU A 32 -4.92 7.71 -11.17
C GLU A 32 -5.31 7.24 -12.57
N SER A 33 -6.58 6.90 -12.75
CA SER A 33 -7.07 6.43 -14.04
C SER A 33 -7.94 7.48 -14.71
N TYR A 34 -7.58 7.88 -15.92
CA TYR A 34 -8.33 8.88 -16.66
C TYR A 34 -8.92 8.29 -17.94
N ARG A 35 -10.24 8.14 -17.94
CA ARG A 35 -10.94 7.58 -19.10
C ARG A 35 -11.82 8.63 -19.77
N HIS A 36 -12.25 9.62 -18.98
CA HIS A 36 -13.10 10.69 -19.50
C HIS A 36 -12.57 11.21 -20.83
N ASN A 37 -11.45 11.92 -20.76
CA ASN A 37 -10.84 12.48 -21.96
C ASN A 37 -9.82 11.52 -22.56
N VAL A 38 -8.71 11.33 -21.84
CA VAL A 38 -7.65 10.43 -22.30
C VAL A 38 -8.07 8.97 -22.15
N PRO A 39 -7.54 8.11 -23.03
CA PRO A 39 -7.85 6.67 -23.01
C PRO A 39 -7.24 5.96 -21.81
N ALA A 40 -7.69 4.74 -21.56
CA ALA A 40 -7.18 3.96 -20.44
C ALA A 40 -5.80 3.40 -20.74
N GLY A 41 -4.87 4.29 -21.05
CA GLY A 41 -3.51 3.86 -21.36
C GLY A 41 -2.53 5.03 -21.44
N SER A 42 -2.60 5.91 -20.46
CA SER A 42 -1.72 7.08 -20.42
C SER A 42 -1.31 7.41 -18.99
N GLU A 43 -0.02 7.27 -18.71
CA GLU A 43 0.50 7.56 -17.38
C GLU A 43 -0.40 6.96 -16.29
N SER A 44 -0.78 5.70 -16.47
CA SER A 44 -1.65 5.03 -15.52
C SER A 44 -0.83 4.22 -14.52
N HIS A 45 -0.35 4.90 -13.47
CA HIS A 45 0.45 4.25 -12.44
C HIS A 45 -0.43 3.80 -11.28
N PHE A 46 0.08 2.85 -10.50
CA PHE A 46 -0.67 2.33 -9.36
C PHE A 46 0.20 2.36 -8.09
N LYS A 47 -0.40 2.82 -7.00
CA LYS A 47 0.30 2.90 -5.73
C LYS A 47 -0.59 2.44 -4.58
N VAL A 48 0.04 1.90 -3.53
CA VAL A 48 -0.70 1.42 -2.37
C VAL A 48 0.09 1.65 -1.09
N VAL A 49 -0.58 2.22 -0.08
CA VAL A 49 0.06 2.50 1.20
C VAL A 49 -0.45 1.55 2.28
N LEU A 50 0.47 0.97 3.03
CA LEU A 50 0.11 0.04 4.11
C LEU A 50 1.12 0.12 5.25
N VAL A 51 0.64 0.50 6.43
CA VAL A 51 1.50 0.62 7.61
C VAL A 51 1.26 -0.53 8.57
N SER A 52 2.31 -1.30 8.85
CA SER A 52 2.22 -2.43 9.76
C SER A 52 3.58 -2.78 10.34
N ASP A 53 3.61 -3.04 11.64
CA ASP A 53 4.86 -3.39 12.31
C ASP A 53 5.52 -4.59 11.65
N ARG A 54 4.70 -5.49 11.12
CA ARG A 54 5.20 -6.70 10.45
C ARG A 54 6.35 -6.35 9.51
N PHE A 55 6.42 -5.09 9.11
CA PHE A 55 7.46 -4.63 8.19
C PHE A 55 8.62 -4.02 8.97
N THR A 56 9.01 -4.68 10.07
CA THR A 56 10.10 -4.20 10.89
C THR A 56 11.41 -4.89 10.53
N GLY A 57 12.34 -4.13 9.96
CA GLY A 57 13.63 -4.69 9.58
C GLY A 57 13.49 -6.01 8.85
N GLU A 58 12.98 -5.96 7.62
CA GLU A 58 12.80 -7.17 6.82
C GLU A 58 13.54 -7.06 5.49
N ARG A 59 13.35 -8.07 4.63
CA ARG A 59 14.00 -8.08 3.33
C ARG A 59 13.21 -7.25 2.32
N PHE A 60 13.88 -6.24 1.76
CA PHE A 60 13.24 -5.37 0.77
C PHE A 60 12.28 -6.15 -0.11
N LEU A 61 12.62 -7.42 -0.37
CA LEU A 61 11.79 -8.28 -1.21
C LEU A 61 10.60 -8.82 -0.42
N ASN A 62 10.88 -9.27 0.80
CA ASN A 62 9.84 -9.82 1.65
C ASN A 62 8.54 -9.01 1.53
N ARG A 63 8.66 -7.70 1.58
CA ARG A 63 7.50 -6.82 1.47
C ARG A 63 6.71 -7.14 0.20
N HIS A 64 7.37 -7.06 -0.95
CA HIS A 64 6.72 -7.34 -2.22
C HIS A 64 6.05 -8.71 -2.21
N ARG A 65 6.86 -9.76 -2.19
CA ARG A 65 6.34 -11.12 -2.18
C ARG A 65 5.10 -11.23 -1.30
N MET A 66 5.14 -10.56 -0.15
CA MET A 66 4.02 -10.57 0.78
C MET A 66 2.77 -9.99 0.14
N ILE A 67 2.88 -8.76 -0.36
CA ILE A 67 1.76 -8.09 -1.01
C ILE A 67 1.30 -8.86 -2.24
N TYR A 68 2.25 -9.25 -3.09
CA TYR A 68 1.93 -10.00 -4.30
C TYR A 68 1.19 -11.29 -3.97
N SER A 69 1.80 -12.12 -3.14
CA SER A 69 1.20 -13.39 -2.74
C SER A 69 -0.30 -13.24 -2.53
N THR A 70 -0.70 -12.14 -1.89
CA THR A 70 -2.10 -11.88 -1.63
C THR A 70 -2.88 -11.66 -2.93
N LEU A 71 -2.41 -10.72 -3.74
CA LEU A 71 -3.06 -10.41 -5.01
C LEU A 71 -2.32 -11.09 -6.16
N ALA A 72 -1.77 -12.27 -5.90
CA ALA A 72 -1.04 -13.01 -6.92
C ALA A 72 -1.74 -12.91 -8.27
N GLU A 73 -2.95 -13.47 -8.36
CA GLU A 73 -3.72 -13.44 -9.60
C GLU A 73 -4.48 -12.12 -9.73
N GLU A 74 -5.17 -11.74 -8.66
CA GLU A 74 -5.94 -10.49 -8.67
C GLU A 74 -5.19 -9.38 -9.40
N LEU A 75 -3.88 -9.31 -9.17
CA LEU A 75 -3.05 -8.29 -9.81
C LEU A 75 -2.68 -8.71 -11.22
N SER A 76 -2.39 -9.99 -11.41
CA SER A 76 -2.01 -10.52 -12.71
C SER A 76 -3.06 -10.18 -13.76
N THR A 77 -4.28 -9.89 -13.29
CA THR A 77 -5.38 -9.55 -14.19
C THR A 77 -5.00 -8.39 -15.11
N THR A 78 -4.77 -7.22 -14.52
CA THR A 78 -4.40 -6.04 -15.28
C THR A 78 -3.22 -5.31 -14.64
N VAL A 79 -3.14 -5.37 -13.32
CA VAL A 79 -2.07 -4.73 -12.59
C VAL A 79 -0.74 -5.42 -12.83
N HIS A 80 0.19 -4.71 -13.48
CA HIS A 80 1.50 -5.27 -13.78
C HIS A 80 2.56 -4.71 -12.82
N ALA A 81 2.70 -3.40 -12.81
CA ALA A 81 3.68 -2.75 -11.94
C ALA A 81 2.98 -1.91 -10.87
N LEU A 82 3.42 -2.07 -9.62
CA LEU A 82 2.84 -1.33 -8.51
C LEU A 82 3.93 -0.77 -7.60
N ALA A 83 3.77 0.48 -7.19
CA ALA A 83 4.75 1.12 -6.30
C ALA A 83 4.33 0.97 -4.85
N LEU A 84 4.75 -0.12 -4.22
CA LEU A 84 4.42 -0.38 -2.82
C LEU A 84 5.26 0.51 -1.90
N HIS A 85 4.58 1.28 -1.06
CA HIS A 85 5.27 2.17 -0.12
C HIS A 85 5.01 1.73 1.32
N THR A 86 5.81 0.79 1.79
CA THR A 86 5.68 0.28 3.16
C THR A 86 6.38 1.19 4.15
N TYR A 87 5.72 1.44 5.28
CA TYR A 87 6.28 2.29 6.32
C TYR A 87 6.01 1.73 7.71
N THR A 88 6.91 1.99 8.64
CA THR A 88 6.77 1.51 10.01
C THR A 88 6.05 2.54 10.88
N ILE A 89 5.14 2.06 11.73
CA ILE A 89 4.39 2.93 12.62
C ILE A 89 5.29 4.03 13.19
N LYS A 90 6.51 3.66 13.53
CA LYS A 90 7.47 4.61 14.10
C LYS A 90 7.92 5.61 13.04
N GLU A 91 8.43 5.10 11.93
CA GLU A 91 8.90 5.96 10.84
C GLU A 91 7.84 6.97 10.45
N TRP A 92 6.61 6.49 10.27
CA TRP A 92 5.50 7.35 9.88
C TRP A 92 5.15 8.31 11.01
N GLU A 93 5.04 7.78 12.23
CA GLU A 93 4.71 8.60 13.38
C GLU A 93 5.37 9.98 13.29
N GLY A 94 6.61 10.00 12.83
CA GLY A 94 7.33 11.26 12.70
C GLY A 94 8.49 11.15 11.74
N LEU A 95 8.21 10.73 10.51
CA LEU A 95 9.24 10.59 9.50
C LEU A 95 10.09 11.85 9.40
N GLN A 96 9.43 13.00 9.31
CA GLN A 96 10.13 14.28 9.22
C GLN A 96 11.14 14.44 10.35
N ASP A 97 10.70 14.17 11.58
CA ASP A 97 11.56 14.28 12.75
C ASP A 97 12.03 12.90 13.21
N THR A 98 13.27 12.57 12.90
CA THR A 98 13.84 11.28 13.28
C THR A 98 14.24 11.27 14.75
N VAL A 99 15.12 12.19 15.14
CA VAL A 99 15.58 12.28 16.51
C VAL A 99 15.10 13.57 17.17
N PHE A 100 14.24 13.44 18.18
CA PHE A 100 13.71 14.59 18.88
C PHE A 100 14.81 15.35 19.59
N ALA A 101 15.58 14.66 20.41
CA ALA A 101 16.68 15.26 21.16
C ALA A 101 16.20 16.49 21.93
N SER A 102 15.01 16.39 22.51
CA SER A 102 14.44 17.50 23.27
C SER A 102 15.53 18.26 24.01
N PRO A 103 15.32 19.57 24.17
CA PRO A 103 16.28 20.45 24.87
C PRO A 103 16.33 20.18 26.37
N PRO A 104 17.51 20.37 26.96
CA PRO A 104 17.73 20.15 28.39
C PRO A 104 17.02 21.20 29.25
N CYS A 105 17.21 21.09 30.57
CA CYS A 105 16.58 22.03 31.49
C CYS A 105 17.64 22.87 32.21
N ARG A 106 17.18 23.88 32.94
CA ARG A 106 18.09 24.76 33.67
C ARG A 106 18.90 23.98 34.68
N GLY A 107 18.21 23.18 35.50
CA GLY A 107 18.90 22.38 36.51
C GLY A 107 19.43 21.08 35.96
N GLY A 1 -19.53 13.06 2.74
CA GLY A 1 -18.65 12.17 1.99
C GLY A 1 -19.33 10.85 1.66
N SER A 2 -19.60 10.63 0.38
CA SER A 2 -20.25 9.40 -0.06
C SER A 2 -19.73 8.97 -1.42
N SER A 3 -19.41 7.68 -1.55
CA SER A 3 -18.89 7.15 -2.80
C SER A 3 -19.83 6.08 -3.37
N GLY A 4 -20.76 6.52 -4.22
CA GLY A 4 -21.70 5.59 -4.82
C GLY A 4 -21.39 5.30 -6.27
N SER A 5 -20.19 4.80 -6.54
CA SER A 5 -19.78 4.49 -7.91
C SER A 5 -18.74 3.38 -7.91
N SER A 6 -18.70 2.62 -9.00
CA SER A 6 -17.76 1.51 -9.14
C SER A 6 -17.69 1.02 -10.57
N GLY A 7 -16.50 0.64 -11.02
CA GLY A 7 -16.33 0.16 -12.37
C GLY A 7 -15.00 -0.55 -12.57
N MET A 8 -15.02 -1.88 -12.47
CA MET A 8 -13.81 -2.67 -12.64
C MET A 8 -12.64 -2.05 -11.89
N MET A 9 -12.92 -1.52 -10.70
CA MET A 9 -11.88 -0.89 -9.89
C MET A 9 -11.07 -1.94 -9.14
N ILE A 10 -9.88 -2.25 -9.67
CA ILE A 10 -9.01 -3.23 -9.05
C ILE A 10 -8.61 -2.81 -7.64
N ARG A 11 -8.32 -1.52 -7.48
CA ARG A 11 -7.92 -0.98 -6.19
C ARG A 11 -8.86 -1.47 -5.09
N GLU A 12 -10.13 -1.58 -5.41
CA GLU A 12 -11.13 -2.02 -4.45
C GLU A 12 -10.82 -3.44 -3.96
N ARG A 13 -10.92 -4.40 -4.88
CA ARG A 13 -10.66 -5.80 -4.55
C ARG A 13 -9.35 -5.94 -3.76
N ILE A 14 -8.38 -5.07 -4.08
CA ILE A 14 -7.09 -5.10 -3.42
C ILE A 14 -7.24 -4.88 -1.92
N GLU A 15 -7.72 -3.71 -1.53
CA GLU A 15 -7.92 -3.39 -0.12
C GLU A 15 -8.82 -4.41 0.55
N GLU A 16 -9.99 -4.63 -0.03
CA GLU A 16 -10.95 -5.59 0.52
C GLU A 16 -10.23 -6.78 1.13
N LYS A 17 -9.12 -7.18 0.50
CA LYS A 17 -8.34 -8.32 0.97
C LYS A 17 -7.39 -7.90 2.08
N LEU A 18 -6.40 -7.07 1.73
CA LEU A 18 -5.42 -6.59 2.69
C LEU A 18 -6.06 -6.37 4.05
N ARG A 19 -7.31 -5.92 4.04
CA ARG A 19 -8.04 -5.66 5.29
C ARG A 19 -7.89 -6.84 6.25
N ALA A 20 -8.36 -8.00 5.83
CA ALA A 20 -8.28 -9.20 6.65
C ALA A 20 -6.97 -9.94 6.43
N ALA A 21 -6.33 -9.67 5.30
CA ALA A 21 -5.05 -10.30 4.97
C ALA A 21 -4.00 -10.00 6.03
N PHE A 22 -3.99 -8.76 6.52
CA PHE A 22 -3.03 -8.35 7.54
C PHE A 22 -3.72 -7.58 8.65
N GLN A 23 -4.62 -6.67 8.27
CA GLN A 23 -5.35 -5.86 9.24
C GLN A 23 -4.45 -4.78 9.84
N PRO A 24 -3.80 -4.01 8.97
CA PRO A 24 -2.91 -2.93 9.38
C PRO A 24 -3.66 -1.76 10.02
N VAL A 25 -2.96 -0.64 10.20
CA VAL A 25 -3.56 0.54 10.79
C VAL A 25 -3.93 1.56 9.72
N PHE A 26 -3.19 1.57 8.62
CA PHE A 26 -3.44 2.49 7.53
C PHE A 26 -3.67 1.74 6.23
N LEU A 27 -4.57 2.27 5.39
CA LEU A 27 -4.89 1.65 4.12
C LEU A 27 -5.47 2.68 3.15
N GLU A 28 -4.79 2.86 2.01
CA GLU A 28 -5.24 3.81 1.00
C GLU A 28 -4.63 3.47 -0.36
N VAL A 29 -5.49 3.41 -1.38
CA VAL A 29 -5.03 3.10 -2.73
C VAL A 29 -5.27 4.27 -3.67
N VAL A 30 -4.43 4.38 -4.69
CA VAL A 30 -4.56 5.46 -5.66
C VAL A 30 -4.72 4.91 -7.08
N ASP A 31 -5.96 4.90 -7.56
CA ASP A 31 -6.25 4.41 -8.90
C ASP A 31 -6.40 5.56 -9.89
N GLU A 32 -5.77 5.41 -11.06
CA GLU A 32 -5.83 6.45 -12.09
C GLU A 32 -6.26 5.85 -13.43
N SER A 33 -7.28 6.46 -14.03
CA SER A 33 -7.79 6.00 -15.32
C SER A 33 -7.45 6.98 -16.43
N TYR A 34 -6.45 6.63 -17.24
CA TYR A 34 -6.03 7.48 -18.34
C TYR A 34 -5.83 6.67 -19.61
N ARG A 35 -6.83 6.72 -20.49
CA ARG A 35 -6.77 5.97 -21.75
C ARG A 35 -6.82 6.94 -22.94
N HIS A 36 -7.71 7.92 -22.86
CA HIS A 36 -7.86 8.90 -23.94
C HIS A 36 -7.19 10.22 -23.55
N ASN A 37 -6.73 10.97 -24.56
CA ASN A 37 -6.08 12.25 -24.32
C ASN A 37 -4.90 12.10 -23.37
N VAL A 38 -4.03 11.14 -23.67
CA VAL A 38 -2.85 10.89 -22.83
C VAL A 38 -1.59 10.83 -23.68
N PRO A 39 -0.46 11.19 -23.06
CA PRO A 39 0.85 11.19 -23.73
C PRO A 39 1.34 9.78 -24.03
N ALA A 40 2.62 9.67 -24.38
CA ALA A 40 3.22 8.37 -24.69
C ALA A 40 4.23 7.96 -23.63
N GLY A 41 3.76 7.23 -22.62
CA GLY A 41 4.64 6.79 -21.54
C GLY A 41 3.88 6.12 -20.42
N SER A 42 4.08 4.81 -20.28
CA SER A 42 3.41 4.04 -19.24
C SER A 42 4.40 3.12 -18.52
N GLU A 43 4.74 3.49 -17.28
CA GLU A 43 5.67 2.70 -16.49
C GLU A 43 5.03 2.29 -15.16
N SER A 44 4.41 3.25 -14.48
CA SER A 44 3.76 2.98 -13.20
C SER A 44 2.57 3.91 -12.98
N HIS A 45 1.38 3.34 -12.95
CA HIS A 45 0.16 4.11 -12.75
C HIS A 45 -0.69 3.51 -11.63
N PHE A 46 -0.04 3.16 -10.53
CA PHE A 46 -0.73 2.58 -9.38
C PHE A 46 0.11 2.70 -8.12
N LYS A 47 -0.52 3.09 -7.02
CA LYS A 47 0.16 3.23 -5.75
C LYS A 47 -0.73 2.78 -4.59
N VAL A 48 -0.13 2.06 -3.64
CA VAL A 48 -0.87 1.57 -2.48
C VAL A 48 -0.10 1.83 -1.19
N VAL A 49 -0.79 2.40 -0.21
CA VAL A 49 -0.18 2.71 1.08
C VAL A 49 -0.67 1.75 2.16
N LEU A 50 0.28 1.11 2.86
CA LEU A 50 -0.06 0.17 3.91
C LEU A 50 0.99 0.20 5.02
N VAL A 51 0.60 0.73 6.18
CA VAL A 51 1.50 0.81 7.32
C VAL A 51 1.45 -0.45 8.16
N SER A 52 2.61 -1.03 8.44
CA SER A 52 2.69 -2.25 9.25
C SER A 52 4.13 -2.49 9.70
N ASP A 53 4.27 -3.28 10.77
CA ASP A 53 5.58 -3.60 11.32
C ASP A 53 6.24 -4.73 10.53
N ARG A 54 5.41 -5.55 9.88
CA ARG A 54 5.91 -6.67 9.09
C ARG A 54 7.04 -6.22 8.17
N PHE A 55 7.06 -4.93 7.86
CA PHE A 55 8.08 -4.38 6.97
C PHE A 55 9.27 -3.85 7.77
N THR A 56 9.67 -4.61 8.79
CA THR A 56 10.79 -4.22 9.64
C THR A 56 12.02 -3.87 8.81
N GLY A 57 12.21 -4.60 7.71
CA GLY A 57 13.35 -4.35 6.85
C GLY A 57 14.29 -5.54 6.78
N GLU A 58 14.20 -6.42 7.77
CA GLU A 58 15.07 -7.60 7.82
C GLU A 58 15.32 -8.15 6.43
N ARG A 59 14.28 -8.13 5.60
CA ARG A 59 14.38 -8.64 4.24
C ARG A 59 13.58 -7.78 3.27
N PHE A 60 14.13 -7.53 2.09
CA PHE A 60 13.46 -6.72 1.09
C PHE A 60 12.26 -7.47 0.49
N LEU A 61 12.55 -8.57 -0.19
CA LEU A 61 11.49 -9.38 -0.80
C LEU A 61 10.48 -9.84 0.24
N ASN A 62 10.97 -10.12 1.44
CA ASN A 62 10.11 -10.57 2.53
C ASN A 62 8.89 -9.66 2.68
N ARG A 63 9.00 -8.45 2.13
CA ARG A 63 7.92 -7.47 2.20
C ARG A 63 6.94 -7.66 1.05
N HIS A 64 7.48 -7.75 -0.17
CA HIS A 64 6.66 -7.93 -1.36
C HIS A 64 5.94 -9.27 -1.32
N ARG A 65 6.71 -10.34 -1.16
CA ARG A 65 6.15 -11.69 -1.12
C ARG A 65 4.83 -11.70 -0.35
N MET A 66 4.74 -10.88 0.68
CA MET A 66 3.54 -10.79 1.50
C MET A 66 2.40 -10.13 0.72
N ILE A 67 2.68 -8.96 0.17
CA ILE A 67 1.69 -8.22 -0.61
C ILE A 67 1.31 -8.97 -1.88
N TYR A 68 2.28 -9.14 -2.77
CA TYR A 68 2.05 -9.85 -4.03
C TYR A 68 1.24 -11.12 -3.80
N SER A 69 1.83 -12.08 -3.09
CA SER A 69 1.16 -13.34 -2.81
C SER A 69 -0.34 -13.13 -2.58
N THR A 70 -0.67 -12.11 -1.80
CA THR A 70 -2.07 -11.79 -1.50
C THR A 70 -2.81 -11.39 -2.77
N LEU A 71 -2.18 -10.57 -3.59
CA LEU A 71 -2.79 -10.11 -4.84
C LEU A 71 -2.04 -10.65 -6.05
N ALA A 72 -1.56 -11.89 -5.94
CA ALA A 72 -0.83 -12.51 -7.03
C ALA A 72 -1.65 -12.56 -8.30
N GLU A 73 -2.95 -12.83 -8.14
CA GLU A 73 -3.86 -12.91 -9.28
C GLU A 73 -4.45 -11.55 -9.59
N GLU A 74 -5.05 -10.92 -8.58
CA GLU A 74 -5.66 -9.61 -8.75
C GLU A 74 -4.77 -8.69 -9.57
N LEU A 75 -3.54 -8.50 -9.11
CA LEU A 75 -2.58 -7.63 -9.79
C LEU A 75 -2.35 -8.11 -11.23
N SER A 76 -2.03 -9.39 -11.37
CA SER A 76 -1.79 -9.98 -12.69
C SER A 76 -2.90 -9.59 -13.66
N THR A 77 -4.08 -9.30 -13.12
CA THR A 77 -5.22 -8.92 -13.94
C THR A 77 -4.84 -7.85 -14.96
N THR A 78 -4.64 -6.62 -14.48
CA THR A 78 -4.28 -5.52 -15.35
C THR A 78 -3.07 -4.77 -14.80
N VAL A 79 -2.95 -4.74 -13.49
CA VAL A 79 -1.83 -4.05 -12.83
C VAL A 79 -0.51 -4.75 -13.14
N HIS A 80 0.53 -3.94 -13.38
CA HIS A 80 1.85 -4.47 -13.69
C HIS A 80 2.89 -3.97 -12.68
N ALA A 81 3.10 -2.66 -12.67
CA ALA A 81 4.06 -2.05 -11.77
C ALA A 81 3.36 -1.24 -10.68
N LEU A 82 3.38 -1.76 -9.45
CA LEU A 82 2.75 -1.10 -8.33
C LEU A 82 3.79 -0.57 -7.34
N ALA A 83 3.70 0.71 -7.02
CA ALA A 83 4.63 1.34 -6.09
C ALA A 83 4.18 1.15 -4.64
N LEU A 84 4.58 0.04 -4.05
CA LEU A 84 4.21 -0.26 -2.67
C LEU A 84 4.96 0.64 -1.70
N HIS A 85 4.25 1.62 -1.14
CA HIS A 85 4.84 2.56 -0.20
C HIS A 85 4.43 2.23 1.23
N THR A 86 5.09 1.25 1.82
CA THR A 86 4.79 0.83 3.19
C THR A 86 5.65 1.57 4.19
N TYR A 87 5.06 1.90 5.34
CA TYR A 87 5.78 2.61 6.39
C TYR A 87 5.58 1.93 7.74
N THR A 88 6.65 1.90 8.55
CA THR A 88 6.59 1.29 9.87
C THR A 88 6.00 2.24 10.89
N ILE A 89 5.23 1.70 11.82
CA ILE A 89 4.60 2.51 12.87
C ILE A 89 5.50 3.66 13.27
N LYS A 90 6.69 3.33 13.77
CA LYS A 90 7.65 4.34 14.20
C LYS A 90 7.89 5.37 13.10
N GLU A 91 8.46 4.92 11.99
CA GLU A 91 8.73 5.80 10.86
C GLU A 91 7.58 6.78 10.64
N TRP A 92 6.36 6.28 10.79
CA TRP A 92 5.17 7.10 10.60
C TRP A 92 4.99 8.08 11.75
N GLU A 93 5.25 7.61 12.97
CA GLU A 93 5.12 8.44 14.15
C GLU A 93 5.75 9.81 13.93
N GLY A 94 6.68 9.88 12.98
CA GLY A 94 7.35 11.14 12.68
C GLY A 94 8.35 11.01 11.55
N LEU A 95 7.85 10.77 10.35
CA LEU A 95 8.72 10.63 9.18
C LEU A 95 9.71 11.79 9.09
N GLN A 96 9.19 13.00 9.22
CA GLN A 96 10.02 14.20 9.15
C GLN A 96 10.39 14.69 10.55
N ASP A 97 10.79 13.76 11.41
CA ASP A 97 11.16 14.11 12.78
C ASP A 97 12.49 13.48 13.16
N THR A 98 13.06 13.90 14.28
CA THR A 98 14.33 13.38 14.74
C THR A 98 14.23 12.87 16.18
N VAL A 99 14.38 11.55 16.35
CA VAL A 99 14.30 10.94 17.66
C VAL A 99 15.53 10.10 17.95
N PHE A 100 16.19 10.36 19.07
CA PHE A 100 17.37 9.63 19.47
C PHE A 100 17.01 8.34 20.20
N ALA A 101 18.01 7.49 20.41
CA ALA A 101 17.79 6.22 21.10
C ALA A 101 17.38 6.45 22.56
N SER A 102 18.11 7.31 23.24
CA SER A 102 17.83 7.62 24.64
C SER A 102 18.25 9.05 24.98
N PRO A 103 17.46 9.71 25.84
CA PRO A 103 17.73 11.08 26.27
C PRO A 103 18.97 11.18 27.17
N PRO A 104 19.53 12.39 27.27
CA PRO A 104 20.72 12.65 28.10
C PRO A 104 20.42 12.54 29.59
N CYS A 105 21.40 12.89 30.41
CA CYS A 105 21.25 12.84 31.86
C CYS A 105 20.70 11.48 32.30
N ARG A 106 21.28 10.42 31.78
CA ARG A 106 20.84 9.06 32.11
C ARG A 106 20.78 8.87 33.62
N GLY A 107 19.65 8.36 34.10
CA GLY A 107 19.48 8.13 35.52
C GLY A 107 20.54 7.21 36.10
N GLY A 1 -21.40 12.39 -16.20
CA GLY A 1 -20.33 11.73 -15.48
C GLY A 1 -20.73 10.35 -14.98
N SER A 2 -19.74 9.56 -14.57
CA SER A 2 -20.00 8.22 -14.08
C SER A 2 -20.59 8.26 -12.68
N SER A 3 -21.91 8.41 -12.61
CA SER A 3 -22.61 8.47 -11.33
C SER A 3 -23.02 7.07 -10.87
N GLY A 4 -22.14 6.42 -10.11
CA GLY A 4 -22.43 5.09 -9.62
C GLY A 4 -21.18 4.35 -9.18
N SER A 5 -21.12 3.06 -9.51
CA SER A 5 -19.97 2.24 -9.14
C SER A 5 -18.97 2.15 -10.30
N SER A 6 -18.23 3.23 -10.52
CA SER A 6 -17.25 3.27 -11.59
C SER A 6 -16.05 4.14 -11.20
N GLY A 7 -14.89 3.52 -11.09
CA GLY A 7 -13.69 4.26 -10.71
C GLY A 7 -12.82 3.49 -9.73
N MET A 8 -13.43 2.96 -8.69
CA MET A 8 -12.71 2.20 -7.67
C MET A 8 -13.03 0.72 -7.77
N MET A 9 -13.09 0.20 -8.99
CA MET A 9 -13.39 -1.20 -9.22
C MET A 9 -12.32 -2.10 -8.62
N ILE A 10 -11.09 -1.93 -9.09
CA ILE A 10 -9.96 -2.72 -8.60
C ILE A 10 -9.52 -2.24 -7.22
N ARG A 11 -9.37 -0.92 -7.09
CA ARG A 11 -8.95 -0.32 -5.82
C ARG A 11 -9.54 -1.09 -4.64
N GLU A 12 -10.86 -1.16 -4.59
CA GLU A 12 -11.56 -1.86 -3.52
C GLU A 12 -11.11 -3.32 -3.43
N ARG A 13 -11.15 -4.00 -4.57
CA ARG A 13 -10.74 -5.41 -4.63
C ARG A 13 -9.38 -5.61 -3.98
N ILE A 14 -8.43 -4.75 -4.33
CA ILE A 14 -7.08 -4.83 -3.78
C ILE A 14 -7.10 -4.73 -2.26
N GLU A 15 -7.39 -3.54 -1.75
CA GLU A 15 -7.45 -3.31 -0.30
C GLU A 15 -8.32 -4.37 0.37
N GLU A 16 -9.57 -4.47 -0.07
CA GLU A 16 -10.51 -5.43 0.51
C GLU A 16 -9.78 -6.71 0.91
N LYS A 17 -8.82 -7.13 0.09
CA LYS A 17 -8.06 -8.33 0.37
C LYS A 17 -7.06 -8.11 1.50
N LEU A 18 -6.21 -7.11 1.33
CA LEU A 18 -5.21 -6.78 2.35
C LEU A 18 -5.85 -6.62 3.72
N ARG A 19 -6.98 -5.93 3.76
CA ARG A 19 -7.70 -5.70 5.01
C ARG A 19 -7.65 -6.95 5.89
N ALA A 20 -8.06 -8.08 5.34
CA ALA A 20 -8.06 -9.33 6.08
C ALA A 20 -6.75 -10.08 5.90
N ALA A 21 -6.07 -9.81 4.78
CA ALA A 21 -4.79 -10.46 4.49
C ALA A 21 -3.82 -10.29 5.65
N PHE A 22 -3.51 -9.04 5.98
CA PHE A 22 -2.59 -8.75 7.07
C PHE A 22 -3.30 -8.02 8.21
N GLN A 23 -4.20 -7.12 7.86
CA GLN A 23 -4.96 -6.36 8.85
C GLN A 23 -4.06 -5.32 9.53
N PRO A 24 -3.38 -4.51 8.71
CA PRO A 24 -2.49 -3.45 9.20
C PRO A 24 -3.25 -2.30 9.86
N VAL A 25 -2.55 -1.20 10.10
CA VAL A 25 -3.16 -0.03 10.72
C VAL A 25 -3.56 1.01 9.67
N PHE A 26 -2.66 1.25 8.72
CA PHE A 26 -2.92 2.22 7.67
C PHE A 26 -3.20 1.51 6.34
N LEU A 27 -3.98 2.17 5.48
CA LEU A 27 -4.33 1.61 4.18
C LEU A 27 -4.79 2.70 3.23
N GLU A 28 -4.24 2.70 2.02
CA GLU A 28 -4.60 3.69 1.01
C GLU A 28 -4.08 3.29 -0.37
N VAL A 29 -4.81 3.69 -1.40
CA VAL A 29 -4.43 3.36 -2.77
C VAL A 29 -4.67 4.55 -3.71
N VAL A 30 -3.79 4.69 -4.70
CA VAL A 30 -3.91 5.79 -5.66
C VAL A 30 -4.27 5.26 -7.05
N ASP A 31 -5.55 5.26 -7.35
CA ASP A 31 -6.03 4.79 -8.65
C ASP A 31 -5.96 5.90 -9.70
N GLU A 32 -5.58 5.54 -10.91
CA GLU A 32 -5.47 6.50 -12.00
C GLU A 32 -6.81 6.69 -12.70
N SER A 33 -7.84 6.98 -11.92
CA SER A 33 -9.18 7.18 -12.47
C SER A 33 -9.22 8.41 -13.38
N TYR A 34 -9.72 8.20 -14.60
CA TYR A 34 -9.80 9.29 -15.57
C TYR A 34 -10.55 10.49 -15.00
N ARG A 35 -11.58 10.20 -14.20
CA ARG A 35 -12.38 11.26 -13.59
C ARG A 35 -11.48 12.36 -13.02
N HIS A 36 -10.36 11.95 -12.43
CA HIS A 36 -9.42 12.90 -11.85
C HIS A 36 -8.97 13.92 -12.90
N ASN A 37 -8.89 15.18 -12.49
CA ASN A 37 -8.46 16.25 -13.38
C ASN A 37 -6.99 16.10 -13.74
N VAL A 38 -6.70 15.19 -14.66
CA VAL A 38 -5.32 14.96 -15.10
C VAL A 38 -5.19 15.10 -16.61
N PRO A 39 -4.02 15.56 -17.06
CA PRO A 39 -3.74 15.75 -18.48
C PRO A 39 -3.61 14.42 -19.23
N ALA A 40 -3.32 14.50 -20.52
CA ALA A 40 -3.16 13.31 -21.35
C ALA A 40 -2.09 12.38 -20.78
N GLY A 41 -2.52 11.40 -20.00
CA GLY A 41 -1.58 10.46 -19.41
C GLY A 41 -2.28 9.27 -18.77
N SER A 42 -2.30 9.23 -17.45
CA SER A 42 -2.93 8.14 -16.72
C SER A 42 -2.37 6.79 -17.17
N GLU A 43 -1.05 6.70 -17.25
CA GLU A 43 -0.39 5.48 -17.68
C GLU A 43 0.47 4.91 -16.56
N SER A 44 0.45 3.58 -16.42
CA SER A 44 1.23 2.91 -15.37
C SER A 44 1.31 3.78 -14.12
N HIS A 45 0.18 4.35 -13.73
CA HIS A 45 0.12 5.20 -12.55
C HIS A 45 -0.69 4.53 -11.44
N PHE A 46 -0.01 3.78 -10.58
CA PHE A 46 -0.65 3.08 -9.48
C PHE A 46 0.27 2.99 -8.27
N LYS A 47 -0.28 3.27 -7.10
CA LYS A 47 0.50 3.22 -5.86
C LYS A 47 -0.38 2.76 -4.69
N VAL A 48 0.24 2.07 -3.74
CA VAL A 48 -0.48 1.57 -2.57
C VAL A 48 0.34 1.77 -1.31
N VAL A 49 -0.32 2.26 -0.25
CA VAL A 49 0.36 2.49 1.02
C VAL A 49 -0.22 1.59 2.12
N LEU A 50 0.67 0.81 2.74
CA LEU A 50 0.25 -0.10 3.80
C LEU A 50 1.26 -0.09 4.94
N VAL A 51 0.87 0.51 6.07
CA VAL A 51 1.74 0.58 7.24
C VAL A 51 1.52 -0.61 8.15
N SER A 52 2.59 -1.32 8.48
CA SER A 52 2.52 -2.48 9.35
C SER A 52 3.83 -2.67 10.10
N ASP A 53 3.75 -3.36 11.24
CA ASP A 53 4.93 -3.63 12.06
C ASP A 53 5.72 -4.81 11.51
N ARG A 54 5.00 -5.81 10.99
CA ARG A 54 5.64 -6.99 10.44
C ARG A 54 6.92 -6.62 9.70
N PHE A 55 6.96 -5.42 9.13
CA PHE A 55 8.13 -4.95 8.39
C PHE A 55 9.09 -4.22 9.32
N THR A 56 9.25 -4.74 10.53
CA THR A 56 10.14 -4.13 11.51
C THR A 56 11.53 -4.75 11.45
N GLY A 57 11.59 -6.08 11.39
CA GLY A 57 12.86 -6.77 11.32
C GLY A 57 12.83 -7.94 10.37
N GLU A 58 12.10 -7.80 9.27
CA GLU A 58 12.00 -8.85 8.27
C GLU A 58 13.03 -8.67 7.17
N ARG A 59 13.09 -9.64 6.26
CA ARG A 59 14.04 -9.59 5.15
C ARG A 59 13.88 -8.29 4.36
N PHE A 60 14.74 -8.10 3.37
CA PHE A 60 14.69 -6.90 2.53
C PHE A 60 13.71 -7.08 1.39
N LEU A 61 13.68 -8.28 0.82
CA LEU A 61 12.78 -8.57 -0.30
C LEU A 61 11.42 -9.05 0.22
N ASN A 62 11.44 -10.01 1.12
CA ASN A 62 10.21 -10.55 1.69
C ASN A 62 9.24 -9.43 2.06
N ARG A 63 9.75 -8.42 2.75
CA ARG A 63 8.93 -7.28 3.17
C ARG A 63 7.94 -6.91 2.07
N HIS A 64 8.38 -7.00 0.82
CA HIS A 64 7.53 -6.67 -0.32
C HIS A 64 6.80 -7.91 -0.83
N ARG A 65 7.56 -8.97 -1.12
CA ARG A 65 6.98 -10.21 -1.63
C ARG A 65 5.66 -10.50 -0.93
N MET A 66 5.71 -10.65 0.39
CA MET A 66 4.51 -10.95 1.17
C MET A 66 3.30 -10.19 0.62
N ILE A 67 3.48 -8.90 0.39
CA ILE A 67 2.40 -8.07 -0.14
C ILE A 67 1.88 -8.62 -1.46
N TYR A 68 2.77 -8.74 -2.44
CA TYR A 68 2.39 -9.26 -3.75
C TYR A 68 1.68 -10.60 -3.62
N SER A 69 2.34 -11.56 -2.98
CA SER A 69 1.76 -12.89 -2.80
C SER A 69 0.26 -12.80 -2.53
N THR A 70 -0.13 -11.82 -1.73
CA THR A 70 -1.54 -11.63 -1.40
C THR A 70 -2.39 -11.50 -2.66
N LEU A 71 -2.06 -10.54 -3.50
CA LEU A 71 -2.80 -10.32 -4.74
C LEU A 71 -1.85 -10.31 -5.94
N ALA A 72 -0.94 -11.29 -5.98
CA ALA A 72 0.03 -11.40 -7.07
C ALA A 72 -0.67 -11.77 -8.37
N GLU A 73 -1.75 -12.55 -8.27
CA GLU A 73 -2.50 -12.97 -9.45
C GLU A 73 -3.57 -11.94 -9.80
N GLU A 74 -4.34 -11.52 -8.79
CA GLU A 74 -5.40 -10.55 -9.00
C GLU A 74 -4.86 -9.30 -9.70
N LEU A 75 -3.75 -8.78 -9.20
CA LEU A 75 -3.12 -7.59 -9.77
C LEU A 75 -2.70 -7.84 -11.22
N SER A 76 -2.67 -9.10 -11.61
CA SER A 76 -2.29 -9.48 -12.97
C SER A 76 -3.52 -9.63 -13.86
N THR A 77 -4.65 -9.11 -13.40
CA THR A 77 -5.89 -9.19 -14.15
C THR A 77 -6.14 -7.90 -14.93
N THR A 78 -6.19 -6.79 -14.22
CA THR A 78 -6.42 -5.48 -14.85
C THR A 78 -5.19 -4.59 -14.74
N VAL A 79 -4.53 -4.65 -13.59
CA VAL A 79 -3.33 -3.84 -13.36
C VAL A 79 -2.09 -4.53 -13.93
N HIS A 80 -1.08 -3.72 -14.25
CA HIS A 80 0.17 -4.24 -14.80
C HIS A 80 1.34 -3.93 -13.89
N ALA A 81 1.49 -2.66 -13.55
CA ALA A 81 2.58 -2.22 -12.67
C ALA A 81 2.03 -1.55 -11.41
N LEU A 82 2.86 -1.51 -10.37
CA LEU A 82 2.47 -0.90 -9.11
C LEU A 82 3.69 -0.55 -8.26
N ALA A 83 3.52 0.38 -7.32
CA ALA A 83 4.60 0.78 -6.44
C ALA A 83 4.22 0.61 -4.97
N LEU A 84 4.62 -0.51 -4.39
CA LEU A 84 4.31 -0.79 -2.99
C LEU A 84 5.19 0.04 -2.06
N HIS A 85 4.55 0.76 -1.14
CA HIS A 85 5.27 1.60 -0.19
C HIS A 85 4.97 1.18 1.25
N THR A 86 5.65 0.15 1.72
CA THR A 86 5.44 -0.35 3.07
C THR A 86 6.32 0.40 4.08
N TYR A 87 5.68 1.15 4.97
CA TYR A 87 6.40 1.92 5.97
C TYR A 87 6.09 1.41 7.38
N THR A 88 6.95 1.75 8.33
CA THR A 88 6.78 1.32 9.71
C THR A 88 6.07 2.40 10.53
N ILE A 89 5.13 1.98 11.36
CA ILE A 89 4.39 2.91 12.21
C ILE A 89 5.27 4.07 12.65
N LYS A 90 6.52 3.77 12.99
CA LYS A 90 7.46 4.80 13.42
C LYS A 90 7.73 5.81 12.31
N GLU A 91 8.24 5.32 11.19
CA GLU A 91 8.54 6.17 10.04
C GLU A 91 7.35 7.09 9.73
N TRP A 92 6.16 6.51 9.74
CA TRP A 92 4.94 7.28 9.46
C TRP A 92 4.67 8.30 10.56
N GLU A 93 4.70 7.83 11.81
CA GLU A 93 4.45 8.70 12.95
C GLU A 93 5.03 10.09 12.71
N GLY A 94 6.17 10.13 12.03
CA GLY A 94 6.81 11.41 11.74
C GLY A 94 7.88 11.30 10.67
N LEU A 95 7.47 10.90 9.47
CA LEU A 95 8.40 10.73 8.36
C LEU A 95 9.00 12.08 7.97
N GLN A 96 8.16 13.10 7.87
CA GLN A 96 8.61 14.44 7.50
C GLN A 96 9.72 14.91 8.44
N ASP A 97 9.50 14.75 9.73
CA ASP A 97 10.48 15.16 10.73
C ASP A 97 10.53 14.16 11.89
N THR A 98 11.71 14.00 12.47
CA THR A 98 11.89 13.07 13.58
C THR A 98 12.67 13.73 14.72
N VAL A 99 12.04 13.77 15.90
CA VAL A 99 12.66 14.37 17.07
C VAL A 99 13.72 13.44 17.67
N PHE A 100 14.74 14.03 18.28
CA PHE A 100 15.81 13.25 18.90
C PHE A 100 15.25 12.08 19.68
N ALA A 101 16.05 11.01 19.79
CA ALA A 101 15.63 9.82 20.50
C ALA A 101 15.19 10.16 21.93
N SER A 102 15.96 11.03 22.58
CA SER A 102 15.64 11.44 23.95
C SER A 102 16.43 12.69 24.34
N PRO A 103 15.72 13.70 24.84
CA PRO A 103 16.33 14.96 25.27
C PRO A 103 17.19 14.80 26.52
N PRO A 104 18.24 15.62 26.63
CA PRO A 104 19.15 15.60 27.78
C PRO A 104 18.49 16.12 29.05
N CYS A 105 18.17 15.20 29.96
CA CYS A 105 17.53 15.56 31.22
C CYS A 105 18.54 15.55 32.37
N ARG A 106 18.11 16.02 33.53
CA ARG A 106 18.98 16.06 34.70
C ARG A 106 18.36 15.32 35.87
N GLY A 107 19.21 14.73 36.71
CA GLY A 107 18.72 13.98 37.86
C GLY A 107 19.84 13.37 38.66
N GLY A 1 -30.07 0.75 5.81
CA GLY A 1 -29.29 -0.12 4.96
C GLY A 1 -28.62 0.64 3.82
N SER A 2 -27.96 -0.11 2.94
CA SER A 2 -27.27 0.50 1.80
C SER A 2 -28.27 1.12 0.83
N SER A 3 -27.76 1.91 -0.11
CA SER A 3 -28.61 2.57 -1.10
C SER A 3 -28.14 2.25 -2.52
N GLY A 4 -26.84 2.35 -2.74
CA GLY A 4 -26.29 2.06 -4.05
C GLY A 4 -24.77 1.90 -4.02
N SER A 5 -24.06 2.91 -4.51
CA SER A 5 -22.60 2.88 -4.54
C SER A 5 -22.11 1.46 -4.83
N SER A 6 -22.73 0.80 -5.79
CA SER A 6 -22.36 -0.56 -6.17
C SER A 6 -21.59 -0.57 -7.49
N GLY A 7 -20.38 -1.14 -7.46
CA GLY A 7 -19.56 -1.20 -8.65
C GLY A 7 -18.43 -2.20 -8.52
N MET A 8 -17.86 -2.59 -9.66
CA MET A 8 -16.76 -3.55 -9.67
C MET A 8 -15.44 -2.85 -9.98
N MET A 9 -14.85 -2.24 -8.96
CA MET A 9 -13.57 -1.54 -9.12
C MET A 9 -12.42 -2.42 -8.67
N ILE A 10 -11.20 -1.91 -8.85
CA ILE A 10 -10.00 -2.65 -8.45
C ILE A 10 -9.50 -2.20 -7.09
N ARG A 11 -9.57 -0.90 -6.83
CA ARG A 11 -9.13 -0.34 -5.57
C ARG A 11 -9.70 -1.13 -4.39
N GLU A 12 -11.02 -1.24 -4.35
CA GLU A 12 -11.69 -1.99 -3.28
C GLU A 12 -11.26 -3.44 -3.28
N ARG A 13 -11.24 -4.05 -4.46
CA ARG A 13 -10.85 -5.46 -4.58
C ARG A 13 -9.49 -5.70 -3.96
N ILE A 14 -8.64 -4.68 -3.98
CA ILE A 14 -7.30 -4.79 -3.41
C ILE A 14 -7.34 -4.69 -1.89
N GLU A 15 -7.89 -3.60 -1.38
CA GLU A 15 -7.99 -3.38 0.06
C GLU A 15 -8.80 -4.50 0.72
N GLU A 16 -10.03 -4.69 0.25
CA GLU A 16 -10.90 -5.73 0.79
C GLU A 16 -10.09 -6.97 1.18
N LYS A 17 -9.01 -7.20 0.45
CA LYS A 17 -8.16 -8.36 0.71
C LYS A 17 -7.16 -8.06 1.82
N LEU A 18 -6.42 -6.96 1.68
CA LEU A 18 -5.44 -6.56 2.68
C LEU A 18 -6.08 -6.44 4.06
N ARG A 19 -7.22 -5.75 4.12
CA ARG A 19 -7.92 -5.55 5.38
C ARG A 19 -7.86 -6.81 6.23
N ALA A 20 -8.18 -7.96 5.63
CA ALA A 20 -8.16 -9.22 6.35
C ALA A 20 -6.81 -9.91 6.19
N ALA A 21 -6.09 -9.57 5.12
CA ALA A 21 -4.79 -10.16 4.86
C ALA A 21 -3.87 -10.01 6.06
N PHE A 22 -3.64 -8.77 6.47
CA PHE A 22 -2.77 -8.50 7.62
C PHE A 22 -3.53 -7.73 8.70
N GLN A 23 -4.46 -6.88 8.28
CA GLN A 23 -5.26 -6.08 9.20
C GLN A 23 -4.42 -4.97 9.83
N PRO A 24 -3.76 -4.18 8.97
CA PRO A 24 -2.92 -3.06 9.41
C PRO A 24 -3.73 -1.92 10.01
N VAL A 25 -3.05 -0.81 10.31
CA VAL A 25 -3.71 0.36 10.88
C VAL A 25 -4.01 1.40 9.81
N PHE A 26 -3.21 1.39 8.75
CA PHE A 26 -3.39 2.35 7.65
C PHE A 26 -3.57 1.63 6.33
N LEU A 27 -4.36 2.22 5.44
CA LEU A 27 -4.62 1.63 4.14
C LEU A 27 -5.15 2.68 3.16
N GLU A 28 -4.38 2.94 2.11
CA GLU A 28 -4.77 3.93 1.10
C GLU A 28 -4.30 3.49 -0.28
N VAL A 29 -5.20 3.59 -1.26
CA VAL A 29 -4.88 3.21 -2.63
C VAL A 29 -4.98 4.41 -3.56
N VAL A 30 -4.12 4.43 -4.57
CA VAL A 30 -4.11 5.52 -5.55
C VAL A 30 -4.04 4.98 -6.97
N ASP A 31 -5.19 4.85 -7.61
CA ASP A 31 -5.27 4.36 -8.97
C ASP A 31 -5.67 5.46 -9.93
N GLU A 32 -5.10 5.44 -11.14
CA GLU A 32 -5.40 6.44 -12.15
C GLU A 32 -6.27 5.86 -13.25
N SER A 33 -7.56 5.72 -12.98
CA SER A 33 -8.50 5.16 -13.95
C SER A 33 -9.58 6.19 -14.30
N TYR A 34 -9.19 7.45 -14.35
CA TYR A 34 -10.13 8.52 -14.69
C TYR A 34 -10.16 8.79 -16.18
N ARG A 35 -11.20 9.49 -16.63
CA ARG A 35 -11.34 9.82 -18.04
C ARG A 35 -11.35 11.33 -18.26
N HIS A 36 -11.68 12.06 -17.21
CA HIS A 36 -11.73 13.52 -17.28
C HIS A 36 -10.42 14.14 -16.79
N ASN A 37 -9.89 13.60 -15.69
CA ASN A 37 -8.65 14.09 -15.12
C ASN A 37 -7.46 13.61 -15.92
N VAL A 38 -7.42 12.31 -16.19
CA VAL A 38 -6.33 11.70 -16.95
C VAL A 38 -6.85 10.97 -18.18
N PRO A 39 -6.04 10.94 -19.24
CA PRO A 39 -6.39 10.28 -20.50
C PRO A 39 -6.44 8.76 -20.36
N ALA A 40 -6.43 8.07 -21.50
CA ALA A 40 -6.46 6.61 -21.50
C ALA A 40 -5.51 6.03 -20.46
N GLY A 41 -5.62 4.73 -20.22
CA GLY A 41 -4.76 4.08 -19.25
C GLY A 41 -3.33 3.95 -19.73
N SER A 42 -2.66 5.08 -19.89
CA SER A 42 -1.28 5.10 -20.35
C SER A 42 -0.32 4.83 -19.20
N GLU A 43 0.08 3.57 -19.05
CA GLU A 43 1.00 3.18 -17.98
C GLU A 43 0.58 3.80 -16.65
N SER A 44 -0.73 3.85 -16.41
CA SER A 44 -1.26 4.43 -15.18
C SER A 44 -0.66 3.75 -13.96
N HIS A 45 0.54 4.17 -13.58
CA HIS A 45 1.23 3.60 -12.43
C HIS A 45 0.26 3.39 -11.27
N PHE A 46 0.55 2.39 -10.44
CA PHE A 46 -0.29 2.07 -9.30
C PHE A 46 0.47 2.23 -7.99
N LYS A 47 -0.25 2.60 -6.93
CA LYS A 47 0.36 2.78 -5.62
C LYS A 47 -0.50 2.16 -4.52
N VAL A 48 0.16 1.63 -3.50
CA VAL A 48 -0.55 1.01 -2.38
C VAL A 48 0.14 1.30 -1.06
N VAL A 49 -0.45 2.18 -0.26
CA VAL A 49 0.11 2.55 1.03
C VAL A 49 -0.51 1.71 2.16
N LEU A 50 0.31 0.88 2.79
CA LEU A 50 -0.16 0.02 3.87
C LEU A 50 0.84 0.04 5.03
N VAL A 51 0.43 0.63 6.16
CA VAL A 51 1.28 0.69 7.34
C VAL A 51 1.22 -0.60 8.14
N SER A 52 2.37 -1.03 8.64
CA SER A 52 2.45 -2.26 9.43
C SER A 52 3.81 -2.38 10.10
N ASP A 53 3.89 -3.25 11.11
CA ASP A 53 5.12 -3.47 11.84
C ASP A 53 5.87 -4.69 11.31
N ARG A 54 5.11 -5.66 10.80
CA ARG A 54 5.69 -6.88 10.26
C ARG A 54 6.87 -6.56 9.34
N PHE A 55 6.84 -5.37 8.74
CA PHE A 55 7.90 -4.95 7.83
C PHE A 55 8.99 -4.18 8.59
N THR A 56 9.32 -4.67 9.77
CA THR A 56 10.34 -4.03 10.59
C THR A 56 11.74 -4.33 10.07
N GLY A 57 11.94 -4.13 8.77
CA GLY A 57 13.23 -4.39 8.17
C GLY A 57 13.49 -5.87 7.96
N GLU A 58 12.44 -6.61 7.60
CA GLU A 58 12.55 -8.04 7.37
C GLU A 58 13.21 -8.32 6.03
N ARG A 59 13.28 -9.60 5.66
CA ARG A 59 13.89 -10.01 4.40
C ARG A 59 13.62 -8.96 3.31
N PHE A 60 14.70 -8.48 2.69
CA PHE A 60 14.58 -7.48 1.64
C PHE A 60 13.46 -7.84 0.68
N LEU A 61 13.27 -9.13 0.45
CA LEU A 61 12.23 -9.60 -0.46
C LEU A 61 10.86 -9.54 0.21
N ASN A 62 10.77 -10.08 1.42
CA ASN A 62 9.52 -10.08 2.17
C ASN A 62 8.77 -8.76 1.99
N ARG A 63 9.53 -7.69 1.74
CA ARG A 63 8.93 -6.38 1.54
C ARG A 63 7.77 -6.44 0.56
N HIS A 64 8.03 -6.97 -0.62
CA HIS A 64 7.00 -7.09 -1.65
C HIS A 64 6.31 -8.45 -1.58
N ARG A 65 7.12 -9.51 -1.53
CA ARG A 65 6.59 -10.88 -1.45
C ARG A 65 5.30 -10.91 -0.63
N MET A 66 5.42 -10.72 0.68
CA MET A 66 4.28 -10.74 1.56
C MET A 66 3.07 -10.07 0.91
N ILE A 67 3.26 -8.85 0.42
CA ILE A 67 2.18 -8.11 -0.24
C ILE A 67 1.76 -8.80 -1.54
N TYR A 68 2.63 -8.74 -2.54
CA TYR A 68 2.34 -9.35 -3.83
C TYR A 68 1.62 -10.68 -3.66
N SER A 69 2.27 -11.61 -2.98
CA SER A 69 1.70 -12.93 -2.74
C SER A 69 0.18 -12.84 -2.54
N THR A 70 -0.25 -11.83 -1.79
CA THR A 70 -1.66 -11.62 -1.53
C THR A 70 -2.42 -11.30 -2.81
N LEU A 71 -1.86 -10.41 -3.62
CA LEU A 71 -2.47 -10.01 -4.87
C LEU A 71 -1.60 -10.39 -6.06
N ALA A 72 -0.95 -11.55 -5.97
CA ALA A 72 -0.08 -12.03 -7.03
C ALA A 72 -0.72 -11.81 -8.41
N GLU A 73 -1.80 -12.53 -8.66
CA GLU A 73 -2.51 -12.42 -9.94
C GLU A 73 -3.47 -11.24 -9.93
N GLU A 74 -4.24 -11.12 -8.85
CA GLU A 74 -5.20 -10.03 -8.72
C GLU A 74 -4.67 -8.75 -9.37
N LEU A 75 -3.36 -8.55 -9.29
CA LEU A 75 -2.72 -7.37 -9.87
C LEU A 75 -2.45 -7.58 -11.36
N SER A 76 -1.62 -8.57 -11.67
CA SER A 76 -1.28 -8.87 -13.06
C SER A 76 -2.51 -8.83 -13.94
N THR A 77 -3.67 -9.05 -13.34
CA THR A 77 -4.94 -9.04 -14.07
C THR A 77 -5.03 -7.82 -14.99
N THR A 78 -5.10 -6.63 -14.38
CA THR A 78 -5.19 -5.40 -15.14
C THR A 78 -4.03 -4.47 -14.82
N VAL A 79 -3.58 -4.49 -13.56
CA VAL A 79 -2.49 -3.65 -13.12
C VAL A 79 -1.14 -4.30 -13.43
N HIS A 80 -0.31 -3.62 -14.21
CA HIS A 80 1.01 -4.14 -14.57
C HIS A 80 2.06 -3.69 -13.57
N ALA A 81 2.24 -2.37 -13.45
CA ALA A 81 3.22 -1.82 -12.52
C ALA A 81 2.56 -1.40 -11.22
N LEU A 82 3.33 -1.43 -10.14
CA LEU A 82 2.82 -1.05 -8.82
C LEU A 82 3.97 -0.73 -7.86
N ALA A 83 3.80 0.33 -7.08
CA ALA A 83 4.81 0.74 -6.12
C ALA A 83 4.36 0.48 -4.69
N LEU A 84 4.91 -0.57 -4.09
CA LEU A 84 4.56 -0.93 -2.72
C LEU A 84 5.26 -0.03 -1.71
N HIS A 85 4.51 0.89 -1.11
CA HIS A 85 5.07 1.81 -0.12
C HIS A 85 4.65 1.41 1.29
N THR A 86 5.33 0.42 1.85
CA THR A 86 5.03 -0.05 3.19
C THR A 86 5.83 0.71 4.23
N TYR A 87 5.13 1.30 5.20
CA TYR A 87 5.79 2.06 6.26
C TYR A 87 5.44 1.50 7.63
N THR A 88 6.30 1.75 8.61
CA THR A 88 6.09 1.27 9.96
C THR A 88 5.39 2.31 10.82
N ILE A 89 4.93 1.90 12.00
CA ILE A 89 4.25 2.81 12.92
C ILE A 89 5.13 4.00 13.28
N LYS A 90 6.42 3.73 13.49
CA LYS A 90 7.37 4.78 13.85
C LYS A 90 7.72 5.62 12.62
N GLU A 91 8.25 4.97 11.60
CA GLU A 91 8.63 5.66 10.37
C GLU A 91 7.58 6.69 9.97
N TRP A 92 6.32 6.26 9.97
CA TRP A 92 5.22 7.14 9.60
C TRP A 92 4.96 8.17 10.69
N GLU A 93 4.94 7.71 11.94
CA GLU A 93 4.70 8.60 13.07
C GLU A 93 5.42 9.93 12.88
N GLY A 94 6.64 9.87 12.36
CA GLY A 94 7.42 11.08 12.14
C GLY A 94 8.43 10.92 11.02
N LEU A 95 7.95 10.61 9.82
CA LEU A 95 8.83 10.43 8.67
C LEU A 95 9.58 11.71 8.35
N GLN A 96 8.84 12.81 8.23
CA GLN A 96 9.43 14.10 7.92
C GLN A 96 9.70 14.89 9.20
N ASP A 97 8.79 14.81 10.15
CA ASP A 97 8.93 15.51 11.42
C ASP A 97 9.61 14.63 12.46
N THR A 98 10.18 15.25 13.49
CA THR A 98 10.86 14.52 14.55
C THR A 98 10.74 15.24 15.88
N VAL A 99 9.94 14.67 16.78
CA VAL A 99 9.74 15.26 18.10
C VAL A 99 10.22 14.32 19.20
N PHE A 100 10.73 14.89 20.28
CA PHE A 100 11.24 14.11 21.40
C PHE A 100 10.78 14.70 22.73
N ALA A 101 10.73 13.88 23.77
CA ALA A 101 10.32 14.33 25.09
C ALA A 101 11.14 13.65 26.18
N SER A 102 11.31 14.35 27.30
CA SER A 102 12.08 13.82 28.42
C SER A 102 11.39 14.13 29.75
N PRO A 103 11.49 13.18 30.69
CA PRO A 103 10.89 13.34 32.03
C PRO A 103 11.60 14.39 32.87
N PRO A 104 10.83 15.07 33.74
CA PRO A 104 11.36 16.11 34.61
C PRO A 104 12.26 15.55 35.70
N CYS A 105 13.50 16.04 35.74
CA CYS A 105 14.46 15.58 36.74
C CYS A 105 14.42 16.46 37.99
N ARG A 106 15.11 16.02 39.04
CA ARG A 106 15.14 16.77 40.29
C ARG A 106 15.10 18.27 40.04
N GLY A 107 16.03 18.76 39.22
CA GLY A 107 16.09 20.17 38.91
C GLY A 107 16.29 20.43 37.42
N GLY A 1 -33.01 -1.52 -8.23
CA GLY A 1 -32.00 -0.58 -8.69
C GLY A 1 -31.03 -1.22 -9.68
N SER A 2 -30.37 -0.38 -10.47
CA SER A 2 -29.42 -0.86 -11.46
C SER A 2 -28.31 0.16 -11.69
N SER A 3 -27.32 -0.22 -12.50
CA SER A 3 -26.19 0.67 -12.78
C SER A 3 -25.89 0.66 -14.28
N GLY A 4 -25.89 1.85 -14.88
CA GLY A 4 -25.60 1.97 -16.30
C GLY A 4 -24.16 2.35 -16.57
N SER A 5 -23.24 1.74 -15.82
CA SER A 5 -21.82 2.02 -15.99
C SER A 5 -20.98 0.79 -15.65
N SER A 6 -19.83 0.67 -16.31
CA SER A 6 -18.94 -0.47 -16.08
C SER A 6 -18.73 -0.70 -14.58
N GLY A 7 -18.46 -1.94 -14.21
CA GLY A 7 -18.23 -2.27 -12.82
C GLY A 7 -16.84 -2.82 -12.57
N MET A 8 -15.83 -1.97 -12.75
CA MET A 8 -14.44 -2.37 -12.54
C MET A 8 -13.94 -1.90 -11.18
N MET A 9 -14.29 -2.64 -10.14
CA MET A 9 -13.87 -2.29 -8.78
C MET A 9 -12.54 -2.95 -8.45
N ILE A 10 -11.44 -2.25 -8.73
CA ILE A 10 -10.11 -2.76 -8.45
C ILE A 10 -9.58 -2.22 -7.13
N ARG A 11 -9.61 -0.89 -6.98
CA ARG A 11 -9.13 -0.26 -5.76
C ARG A 11 -9.87 -0.79 -4.54
N GLU A 12 -11.05 -1.37 -4.77
CA GLU A 12 -11.86 -1.91 -3.68
C GLU A 12 -11.48 -3.37 -3.41
N ARG A 13 -11.36 -4.16 -4.47
CA ARG A 13 -11.02 -5.56 -4.35
C ARG A 13 -9.63 -5.72 -3.73
N ILE A 14 -8.72 -4.82 -4.07
CA ILE A 14 -7.36 -4.86 -3.55
C ILE A 14 -7.36 -4.74 -2.03
N GLU A 15 -7.73 -3.57 -1.53
CA GLU A 15 -7.77 -3.32 -0.09
C GLU A 15 -8.64 -4.37 0.61
N GLU A 16 -9.88 -4.49 0.17
CA GLU A 16 -10.81 -5.45 0.76
C GLU A 16 -10.09 -6.73 1.15
N LYS A 17 -9.02 -7.05 0.41
CA LYS A 17 -8.24 -8.26 0.67
C LYS A 17 -7.18 -8.00 1.73
N LEU A 18 -6.40 -6.95 1.54
CA LEU A 18 -5.34 -6.59 2.48
C LEU A 18 -5.91 -6.36 3.87
N ARG A 19 -7.20 -6.02 3.94
CA ARG A 19 -7.86 -5.78 5.21
C ARG A 19 -7.80 -7.01 6.11
N ALA A 20 -8.20 -8.15 5.56
CA ALA A 20 -8.18 -9.40 6.31
C ALA A 20 -6.86 -10.13 6.14
N ALA A 21 -6.19 -9.88 5.01
CA ALA A 21 -4.91 -10.51 4.73
C ALA A 21 -3.92 -10.29 5.87
N PHE A 22 -3.62 -9.03 6.15
CA PHE A 22 -2.68 -8.69 7.22
C PHE A 22 -3.40 -7.95 8.36
N GLN A 23 -4.34 -7.08 7.99
CA GLN A 23 -5.10 -6.32 8.98
C GLN A 23 -4.21 -5.27 9.64
N PRO A 24 -3.52 -4.47 8.82
CA PRO A 24 -2.63 -3.41 9.31
C PRO A 24 -3.40 -2.26 9.96
N VAL A 25 -2.71 -1.14 10.17
CA VAL A 25 -3.33 0.03 10.78
C VAL A 25 -3.69 1.06 9.72
N PHE A 26 -2.82 1.24 8.74
CA PHE A 26 -3.04 2.19 7.66
C PHE A 26 -3.35 1.48 6.35
N LEU A 27 -4.15 2.11 5.50
CA LEU A 27 -4.52 1.54 4.21
C LEU A 27 -5.05 2.61 3.27
N GLU A 28 -4.35 2.79 2.14
CA GLU A 28 -4.76 3.78 1.15
C GLU A 28 -4.15 3.46 -0.21
N VAL A 29 -5.01 3.38 -1.24
CA VAL A 29 -4.56 3.09 -2.58
C VAL A 29 -4.83 4.26 -3.52
N VAL A 30 -3.85 4.57 -4.37
CA VAL A 30 -3.98 5.67 -5.32
C VAL A 30 -4.10 5.15 -6.75
N ASP A 31 -5.26 5.37 -7.35
CA ASP A 31 -5.52 4.93 -8.71
C ASP A 31 -5.10 6.01 -9.72
N GLU A 32 -4.74 5.57 -10.92
CA GLU A 32 -4.31 6.49 -11.97
C GLU A 32 -5.07 6.22 -13.26
N SER A 33 -6.29 6.72 -13.35
CA SER A 33 -7.13 6.53 -14.53
C SER A 33 -6.28 6.56 -15.80
N TYR A 34 -6.53 5.61 -16.69
CA TYR A 34 -5.80 5.52 -17.94
C TYR A 34 -6.70 5.83 -19.13
N ARG A 35 -7.47 6.90 -19.02
CA ARG A 35 -8.39 7.30 -20.10
C ARG A 35 -7.65 8.12 -21.16
N HIS A 36 -6.38 7.78 -21.39
CA HIS A 36 -5.58 8.47 -22.39
C HIS A 36 -5.42 7.63 -23.65
N ASN A 37 -4.96 6.40 -23.47
CA ASN A 37 -4.75 5.49 -24.60
C ASN A 37 -3.78 6.09 -25.61
N VAL A 38 -2.59 6.46 -25.14
CA VAL A 38 -1.57 7.04 -26.01
C VAL A 38 -0.18 6.66 -25.53
N PRO A 39 0.78 6.61 -26.48
CA PRO A 39 2.17 6.26 -26.18
C PRO A 39 2.89 7.36 -25.40
N ALA A 40 3.04 7.14 -24.10
CA ALA A 40 3.72 8.11 -23.24
C ALA A 40 4.33 7.43 -22.02
N GLY A 41 5.37 8.06 -21.46
CA GLY A 41 6.03 7.50 -20.30
C GLY A 41 5.05 7.06 -19.23
N SER A 42 4.17 7.98 -18.83
CA SER A 42 3.18 7.67 -17.80
C SER A 42 1.90 7.13 -18.42
N GLU A 43 1.81 5.80 -18.50
CA GLU A 43 0.63 5.14 -19.08
C GLU A 43 -0.15 4.39 -18.01
N SER A 44 0.50 3.43 -17.37
CA SER A 44 -0.13 2.64 -16.33
C SER A 44 0.62 2.77 -15.00
N HIS A 45 0.09 3.56 -14.09
CA HIS A 45 0.71 3.77 -12.79
C HIS A 45 -0.21 3.28 -11.67
N PHE A 46 0.40 2.83 -10.58
CA PHE A 46 -0.35 2.33 -9.43
C PHE A 46 0.49 2.38 -8.16
N LYS A 47 -0.16 2.71 -7.05
CA LYS A 47 0.52 2.79 -5.76
C LYS A 47 -0.38 2.32 -4.63
N VAL A 48 0.22 1.71 -3.62
CA VAL A 48 -0.53 1.20 -2.47
C VAL A 48 0.24 1.44 -1.16
N VAL A 49 -0.37 2.19 -0.26
CA VAL A 49 0.25 2.48 1.04
C VAL A 49 -0.32 1.59 2.14
N LEU A 50 0.54 0.75 2.70
CA LEU A 50 0.13 -0.16 3.76
C LEU A 50 1.14 -0.16 4.91
N VAL A 51 0.72 0.41 6.05
CA VAL A 51 1.59 0.47 7.22
C VAL A 51 1.37 -0.72 8.14
N SER A 52 2.35 -1.61 8.17
CA SER A 52 2.26 -2.81 9.01
C SER A 52 3.46 -2.91 9.95
N ASP A 53 3.26 -3.55 11.09
CA ASP A 53 4.33 -3.71 12.07
C ASP A 53 5.22 -4.89 11.72
N ARG A 54 4.61 -5.96 11.21
CA ARG A 54 5.35 -7.16 10.84
C ARG A 54 6.68 -6.79 10.18
N PHE A 55 6.72 -5.62 9.55
CA PHE A 55 7.93 -5.15 8.88
C PHE A 55 8.79 -4.33 9.83
N THR A 56 8.84 -4.75 11.09
CA THR A 56 9.63 -4.05 12.10
C THR A 56 11.11 -4.07 11.75
N GLY A 57 11.53 -5.10 11.01
CA GLY A 57 12.93 -5.22 10.63
C GLY A 57 13.12 -6.19 9.48
N GLU A 58 12.13 -6.29 8.62
CA GLU A 58 12.20 -7.19 7.47
C GLU A 58 12.87 -6.51 6.28
N ARG A 59 13.29 -7.31 5.31
CA ARG A 59 13.94 -6.79 4.12
C ARG A 59 12.91 -6.21 3.14
N PHE A 60 13.37 -5.36 2.23
CA PHE A 60 12.50 -4.75 1.24
C PHE A 60 11.72 -5.80 0.47
N LEU A 61 12.41 -6.88 0.09
CA LEU A 61 11.78 -7.95 -0.65
C LEU A 61 10.85 -8.76 0.24
N ASN A 62 11.36 -9.15 1.41
CA ASN A 62 10.56 -9.93 2.36
C ASN A 62 9.22 -9.28 2.62
N ARG A 63 9.20 -7.95 2.64
CA ARG A 63 7.98 -7.20 2.87
C ARG A 63 7.06 -7.24 1.65
N HIS A 64 7.67 -7.13 0.47
CA HIS A 64 6.92 -7.15 -0.78
C HIS A 64 6.33 -8.54 -1.03
N ARG A 65 7.20 -9.54 -1.10
CA ARG A 65 6.76 -10.91 -1.33
C ARG A 65 5.46 -11.21 -0.59
N MET A 66 5.36 -10.71 0.64
CA MET A 66 4.18 -10.91 1.46
C MET A 66 2.94 -10.30 0.80
N ILE A 67 3.03 -9.01 0.49
CA ILE A 67 1.92 -8.30 -0.14
C ILE A 67 1.53 -8.97 -1.46
N TYR A 68 2.48 -9.10 -2.37
CA TYR A 68 2.23 -9.73 -3.66
C TYR A 68 1.55 -11.08 -3.49
N SER A 69 2.19 -11.97 -2.74
CA SER A 69 1.65 -13.30 -2.50
C SER A 69 0.13 -13.26 -2.40
N THR A 70 -0.39 -12.18 -1.82
CA THR A 70 -1.83 -12.02 -1.67
C THR A 70 -2.48 -11.60 -2.99
N LEU A 71 -1.87 -10.65 -3.67
CA LEU A 71 -2.38 -10.15 -4.95
C LEU A 71 -1.42 -10.47 -6.08
N ALA A 72 -0.84 -11.67 -6.05
CA ALA A 72 0.09 -12.10 -7.08
C ALA A 72 -0.51 -11.92 -8.47
N GLU A 73 -1.54 -12.72 -8.76
CA GLU A 73 -2.20 -12.65 -10.06
C GLU A 73 -3.18 -11.49 -10.12
N GLU A 74 -3.88 -11.25 -9.01
CA GLU A 74 -4.85 -10.17 -8.94
C GLU A 74 -4.33 -8.92 -9.65
N LEU A 75 -3.11 -8.53 -9.33
CA LEU A 75 -2.50 -7.36 -9.94
C LEU A 75 -2.15 -7.62 -11.40
N SER A 76 -1.89 -8.89 -11.72
CA SER A 76 -1.53 -9.28 -13.08
C SER A 76 -2.79 -9.42 -13.95
N THR A 77 -3.90 -8.89 -13.45
CA THR A 77 -5.16 -8.97 -14.18
C THR A 77 -5.35 -7.74 -15.07
N THR A 78 -5.35 -6.56 -14.46
CA THR A 78 -5.53 -5.31 -15.20
C THR A 78 -4.37 -4.36 -14.94
N VAL A 79 -4.05 -4.14 -13.67
CA VAL A 79 -2.96 -3.25 -13.30
C VAL A 79 -1.63 -3.77 -13.82
N HIS A 80 -0.92 -2.92 -14.56
CA HIS A 80 0.38 -3.30 -15.12
C HIS A 80 1.47 -3.19 -14.06
N ALA A 81 1.84 -1.96 -13.72
CA ALA A 81 2.88 -1.71 -12.73
C ALA A 81 2.27 -1.22 -11.42
N LEU A 82 2.98 -1.44 -10.32
CA LEU A 82 2.52 -1.01 -9.01
C LEU A 82 3.70 -0.74 -8.07
N ALA A 83 3.57 0.31 -7.26
CA ALA A 83 4.62 0.67 -6.32
C ALA A 83 4.12 0.58 -4.88
N LEU A 84 4.53 -0.48 -4.19
CA LEU A 84 4.13 -0.69 -2.80
C LEU A 84 4.96 0.18 -1.85
N HIS A 85 4.29 0.87 -0.94
CA HIS A 85 4.96 1.73 0.02
C HIS A 85 4.67 1.27 1.45
N THR A 86 5.41 0.26 1.89
CA THR A 86 5.23 -0.28 3.24
C THR A 86 6.07 0.51 4.25
N TYR A 87 5.40 1.06 5.26
CA TYR A 87 6.08 1.83 6.30
C TYR A 87 5.62 1.40 7.69
N THR A 88 6.58 1.30 8.61
CA THR A 88 6.28 0.89 9.98
C THR A 88 5.55 2.00 10.73
N ILE A 89 5.13 1.70 11.96
CA ILE A 89 4.42 2.68 12.78
C ILE A 89 5.33 3.83 13.17
N LYS A 90 6.61 3.54 13.36
CA LYS A 90 7.59 4.55 13.73
C LYS A 90 8.07 5.31 12.50
N GLU A 91 8.64 4.59 11.54
CA GLU A 91 9.14 5.19 10.32
C GLU A 91 8.10 6.12 9.70
N TRP A 92 6.84 5.92 10.08
CA TRP A 92 5.75 6.74 9.57
C TRP A 92 5.48 7.92 10.49
N GLU A 93 5.64 7.70 11.80
CA GLU A 93 5.40 8.75 12.79
C GLU A 93 5.91 10.09 12.29
N GLY A 94 7.02 10.06 11.56
CA GLY A 94 7.59 11.28 11.02
C GLY A 94 8.74 11.03 10.06
N LEU A 95 8.43 10.38 8.94
CA LEU A 95 9.44 10.07 7.94
C LEU A 95 10.39 11.25 7.74
N GLN A 96 9.82 12.44 7.55
CA GLN A 96 10.60 13.64 7.35
C GLN A 96 11.52 13.91 8.55
N ASP A 97 10.93 13.91 9.73
CA ASP A 97 11.68 14.15 10.96
C ASP A 97 12.50 15.42 10.85
N THR A 98 11.90 16.46 10.29
CA THR A 98 12.57 17.74 10.12
C THR A 98 12.92 18.37 11.47
N VAL A 99 11.96 18.33 12.39
CA VAL A 99 12.16 18.89 13.72
C VAL A 99 13.43 18.33 14.37
N PHE A 100 14.22 19.22 14.96
CA PHE A 100 15.46 18.82 15.62
C PHE A 100 15.25 18.64 17.13
N ALA A 101 14.63 19.64 17.75
CA ALA A 101 14.37 19.61 19.18
C ALA A 101 13.67 18.30 19.58
N SER A 102 14.02 17.80 20.76
CA SER A 102 13.43 16.55 21.25
C SER A 102 13.64 16.42 22.75
N PRO A 103 12.64 15.82 23.44
CA PRO A 103 12.70 15.61 24.88
C PRO A 103 13.73 14.55 25.28
N PRO A 104 14.32 14.73 26.47
CA PRO A 104 15.34 13.80 26.99
C PRO A 104 14.75 12.45 27.36
N CYS A 105 15.58 11.58 27.93
CA CYS A 105 15.14 10.25 28.34
C CYS A 105 15.81 9.83 29.64
N ARG A 106 15.37 8.71 30.19
CA ARG A 106 15.93 8.20 31.43
C ARG A 106 15.76 6.68 31.53
N GLY A 107 16.57 6.05 32.37
CA GLY A 107 16.49 4.61 32.54
C GLY A 107 15.11 4.15 32.98
N GLY A 1 -21.06 -8.24 6.70
CA GLY A 1 -22.04 -7.76 5.73
C GLY A 1 -21.53 -6.58 4.93
N SER A 2 -21.34 -5.45 5.60
CA SER A 2 -20.86 -4.24 4.94
C SER A 2 -21.58 -4.03 3.61
N SER A 3 -22.89 -4.25 3.62
CA SER A 3 -23.69 -4.09 2.41
C SER A 3 -23.40 -2.75 1.73
N GLY A 4 -23.38 -2.75 0.41
CA GLY A 4 -23.10 -1.54 -0.33
C GLY A 4 -23.14 -1.74 -1.84
N SER A 5 -22.31 -1.00 -2.56
CA SER A 5 -22.25 -1.11 -4.01
C SER A 5 -20.82 -1.33 -4.48
N SER A 6 -20.67 -2.16 -5.51
CA SER A 6 -19.35 -2.46 -6.06
C SER A 6 -19.46 -2.94 -7.51
N GLY A 7 -18.32 -3.18 -8.14
CA GLY A 7 -18.30 -3.63 -9.51
C GLY A 7 -16.90 -3.85 -10.04
N MET A 8 -16.53 -3.09 -11.08
CA MET A 8 -15.20 -3.20 -11.67
C MET A 8 -14.26 -2.16 -11.08
N MET A 9 -14.13 -2.16 -9.75
CA MET A 9 -13.26 -1.23 -9.07
C MET A 9 -12.07 -1.96 -8.44
N ILE A 10 -11.07 -2.26 -9.24
CA ILE A 10 -9.87 -2.95 -8.76
C ILE A 10 -9.44 -2.40 -7.40
N ARG A 11 -9.31 -1.08 -7.31
CA ARG A 11 -8.89 -0.44 -6.08
C ARG A 11 -9.49 -1.15 -4.86
N GLU A 12 -10.82 -1.11 -4.75
CA GLU A 12 -11.52 -1.76 -3.64
C GLU A 12 -11.09 -3.21 -3.51
N ARG A 13 -11.10 -3.93 -4.63
CA ARG A 13 -10.72 -5.35 -4.64
C ARG A 13 -9.36 -5.54 -3.98
N ILE A 14 -8.42 -4.66 -4.30
CA ILE A 14 -7.08 -4.75 -3.74
C ILE A 14 -7.12 -4.67 -2.21
N GLU A 15 -7.44 -3.50 -1.69
CA GLU A 15 -7.51 -3.30 -0.24
C GLU A 15 -8.45 -4.32 0.40
N GLU A 16 -9.67 -4.38 -0.09
CA GLU A 16 -10.67 -5.31 0.43
C GLU A 16 -10.01 -6.61 0.87
N LYS A 17 -8.97 -7.02 0.13
CA LYS A 17 -8.26 -8.25 0.45
C LYS A 17 -7.25 -8.02 1.59
N LEU A 18 -6.38 -7.05 1.40
CA LEU A 18 -5.37 -6.73 2.41
C LEU A 18 -6.01 -6.55 3.78
N ARG A 19 -7.12 -5.82 3.82
CA ARG A 19 -7.83 -5.58 5.07
C ARG A 19 -7.79 -6.80 5.97
N ALA A 20 -8.29 -7.92 5.46
CA ALA A 20 -8.30 -9.17 6.22
C ALA A 20 -6.99 -9.93 6.05
N ALA A 21 -6.31 -9.68 4.94
CA ALA A 21 -5.04 -10.34 4.66
C ALA A 21 -4.06 -10.17 5.81
N PHE A 22 -3.71 -8.93 6.10
CA PHE A 22 -2.78 -8.62 7.19
C PHE A 22 -3.47 -7.85 8.31
N GLN A 23 -4.36 -6.93 7.92
CA GLN A 23 -5.09 -6.13 8.89
C GLN A 23 -4.17 -5.10 9.55
N PRO A 24 -3.47 -4.31 8.73
CA PRO A 24 -2.54 -3.29 9.22
C PRO A 24 -3.27 -2.11 9.88
N VAL A 25 -2.55 -1.02 10.08
CA VAL A 25 -3.13 0.16 10.71
C VAL A 25 -3.55 1.18 9.66
N PHE A 26 -2.65 1.46 8.72
CA PHE A 26 -2.94 2.42 7.66
C PHE A 26 -3.25 1.70 6.34
N LEU A 27 -4.05 2.36 5.50
CA LEU A 27 -4.44 1.78 4.21
C LEU A 27 -4.94 2.87 3.27
N GLU A 28 -4.41 2.85 2.05
CA GLU A 28 -4.81 3.84 1.05
C GLU A 28 -4.26 3.46 -0.33
N VAL A 29 -5.06 3.68 -1.36
CA VAL A 29 -4.65 3.37 -2.74
C VAL A 29 -4.89 4.56 -3.66
N VAL A 30 -3.92 4.83 -4.53
CA VAL A 30 -4.03 5.94 -5.48
C VAL A 30 -4.21 5.43 -6.90
N ASP A 31 -5.44 5.50 -7.39
CA ASP A 31 -5.75 5.04 -8.74
C ASP A 31 -5.66 6.20 -9.73
N GLU A 32 -4.83 6.03 -10.76
CA GLU A 32 -4.66 7.05 -11.77
C GLU A 32 -4.82 6.47 -13.17
N SER A 33 -6.02 6.57 -13.73
CA SER A 33 -6.30 6.05 -15.06
C SER A 33 -6.28 7.17 -16.10
N TYR A 34 -5.38 7.04 -17.08
CA TYR A 34 -5.26 8.04 -18.14
C TYR A 34 -5.82 7.51 -19.46
N ARG A 35 -7.11 7.69 -19.66
CA ARG A 35 -7.77 7.23 -20.87
C ARG A 35 -7.31 8.04 -22.08
N HIS A 36 -7.38 9.37 -21.95
CA HIS A 36 -6.97 10.25 -23.04
C HIS A 36 -5.78 9.67 -23.79
N ASN A 37 -5.93 9.55 -25.11
CA ASN A 37 -4.87 9.01 -25.95
C ASN A 37 -3.71 10.00 -26.06
N VAL A 38 -2.64 9.75 -25.31
CA VAL A 38 -1.47 10.61 -25.33
C VAL A 38 -0.25 9.87 -25.87
N PRO A 39 0.67 10.62 -26.50
CA PRO A 39 1.89 10.06 -27.08
C PRO A 39 2.87 9.58 -26.01
N ALA A 40 2.90 8.28 -25.78
CA ALA A 40 3.79 7.70 -24.78
C ALA A 40 3.83 8.54 -23.51
N GLY A 41 2.66 9.01 -23.08
CA GLY A 41 2.58 9.83 -21.88
C GLY A 41 2.62 9.00 -20.62
N SER A 42 1.45 8.64 -20.10
CA SER A 42 1.36 7.85 -18.88
C SER A 42 0.76 6.47 -19.16
N GLU A 43 1.62 5.47 -19.32
CA GLU A 43 1.16 4.11 -19.58
C GLU A 43 0.26 3.61 -18.45
N SER A 44 0.78 3.64 -17.23
CA SER A 44 0.03 3.17 -16.07
C SER A 44 0.69 3.64 -14.77
N HIS A 45 -0.04 4.42 -13.99
CA HIS A 45 0.48 4.93 -12.73
C HIS A 45 -0.35 4.40 -11.56
N PHE A 46 0.25 3.54 -10.76
CA PHE A 46 -0.43 2.96 -9.60
C PHE A 46 0.46 3.01 -8.36
N LYS A 47 -0.16 3.30 -7.21
CA LYS A 47 0.57 3.39 -5.96
C LYS A 47 -0.30 2.95 -4.79
N VAL A 48 0.23 2.07 -3.96
CA VAL A 48 -0.50 1.56 -2.80
C VAL A 48 0.27 1.82 -1.50
N VAL A 49 -0.44 2.28 -0.48
CA VAL A 49 0.18 2.56 0.81
C VAL A 49 -0.43 1.70 1.91
N LEU A 50 0.41 0.91 2.58
CA LEU A 50 -0.05 0.04 3.65
C LEU A 50 0.99 -0.03 4.77
N VAL A 51 0.68 0.58 5.91
CA VAL A 51 1.58 0.58 7.05
C VAL A 51 1.34 -0.63 7.95
N SER A 52 2.33 -1.50 8.04
CA SER A 52 2.22 -2.71 8.86
C SER A 52 3.52 -2.95 9.63
N ASP A 53 3.44 -3.80 10.65
CA ASP A 53 4.61 -4.14 11.45
C ASP A 53 5.43 -5.23 10.80
N ARG A 54 4.79 -6.03 9.95
CA ARG A 54 5.46 -7.12 9.26
C ARG A 54 6.74 -6.62 8.58
N PHE A 55 6.78 -5.34 8.29
CA PHE A 55 7.93 -4.73 7.63
C PHE A 55 8.98 -4.31 8.66
N THR A 56 9.15 -5.13 9.69
CA THR A 56 10.11 -4.83 10.75
C THR A 56 11.41 -4.28 10.17
N GLY A 57 11.75 -4.71 8.96
CA GLY A 57 12.96 -4.24 8.31
C GLY A 57 13.95 -5.37 8.06
N GLU A 58 13.82 -6.45 8.84
CA GLU A 58 14.72 -7.59 8.70
C GLU A 58 15.04 -7.85 7.24
N ARG A 59 14.01 -7.91 6.40
CA ARG A 59 14.20 -8.15 4.97
C ARG A 59 13.30 -7.24 4.15
N PHE A 60 13.90 -6.52 3.21
CA PHE A 60 13.16 -5.60 2.35
C PHE A 60 12.23 -6.36 1.42
N LEU A 61 12.71 -7.47 0.88
CA LEU A 61 11.93 -8.29 -0.03
C LEU A 61 10.68 -8.83 0.66
N ASN A 62 10.86 -9.35 1.87
CA ASN A 62 9.75 -9.90 2.64
C ASN A 62 8.50 -9.03 2.49
N ARG A 63 8.71 -7.72 2.52
CA ARG A 63 7.60 -6.77 2.39
C ARG A 63 6.79 -7.06 1.12
N HIS A 64 7.45 -6.98 -0.03
CA HIS A 64 6.79 -7.23 -1.30
C HIS A 64 6.15 -8.62 -1.32
N ARG A 65 6.96 -9.63 -1.07
CA ARG A 65 6.48 -11.01 -1.06
C ARG A 65 5.06 -11.08 -0.51
N MET A 66 4.92 -10.81 0.78
CA MET A 66 3.61 -10.85 1.44
C MET A 66 2.55 -10.20 0.56
N ILE A 67 2.82 -8.96 0.13
CA ILE A 67 1.88 -8.23 -0.72
C ILE A 67 1.53 -9.03 -1.97
N TYR A 68 2.46 -9.10 -2.90
CA TYR A 68 2.25 -9.83 -4.15
C TYR A 68 1.54 -11.15 -3.88
N SER A 69 2.19 -12.03 -3.12
CA SER A 69 1.61 -13.33 -2.79
C SER A 69 0.10 -13.23 -2.61
N THR A 70 -0.33 -12.22 -1.86
CA THR A 70 -1.75 -12.01 -1.60
C THR A 70 -2.51 -11.75 -2.90
N LEU A 71 -2.08 -10.73 -3.64
CA LEU A 71 -2.72 -10.38 -4.89
C LEU A 71 -1.99 -11.01 -6.07
N ALA A 72 -1.43 -12.20 -5.84
CA ALA A 72 -0.71 -12.92 -6.88
C ALA A 72 -1.48 -12.89 -8.20
N GLU A 73 -2.71 -13.40 -8.17
CA GLU A 73 -3.54 -13.44 -9.37
C GLU A 73 -4.28 -12.12 -9.56
N GLU A 74 -5.00 -11.70 -8.52
CA GLU A 74 -5.75 -10.45 -8.58
C GLU A 74 -4.93 -9.35 -9.25
N LEU A 75 -3.68 -9.20 -8.80
CA LEU A 75 -2.79 -8.19 -9.36
C LEU A 75 -2.40 -8.52 -10.80
N SER A 76 -2.40 -9.82 -11.12
CA SER A 76 -2.05 -10.27 -12.46
C SER A 76 -3.27 -10.23 -13.38
N THR A 77 -4.30 -9.50 -12.96
CA THR A 77 -5.52 -9.39 -13.74
C THR A 77 -5.44 -8.23 -14.74
N THR A 78 -5.29 -7.02 -14.21
CA THR A 78 -5.19 -5.83 -15.04
C THR A 78 -3.99 -4.97 -14.65
N VAL A 79 -3.70 -4.93 -13.35
CA VAL A 79 -2.57 -4.16 -12.85
C VAL A 79 -1.25 -4.78 -13.26
N HIS A 80 -0.41 -3.99 -13.93
CA HIS A 80 0.89 -4.47 -14.38
C HIS A 80 1.98 -4.08 -13.39
N ALA A 81 2.30 -2.78 -13.34
CA ALA A 81 3.32 -2.28 -12.43
C ALA A 81 2.69 -1.54 -11.25
N LEU A 82 3.36 -1.61 -10.11
CA LEU A 82 2.86 -0.95 -8.90
C LEU A 82 4.02 -0.55 -7.99
N ALA A 83 3.90 0.62 -7.36
CA ALA A 83 4.93 1.11 -6.46
C ALA A 83 4.52 0.91 -5.00
N LEU A 84 4.94 -0.21 -4.43
CA LEU A 84 4.62 -0.53 -3.04
C LEU A 84 5.40 0.38 -2.08
N HIS A 85 4.68 1.20 -1.32
CA HIS A 85 5.31 2.10 -0.37
C HIS A 85 4.92 1.74 1.05
N THR A 86 5.56 0.71 1.59
CA THR A 86 5.28 0.25 2.95
C THR A 86 6.21 0.94 3.95
N TYR A 87 5.61 1.46 5.02
CA TYR A 87 6.39 2.14 6.05
C TYR A 87 6.09 1.56 7.43
N THR A 88 7.11 1.55 8.30
CA THR A 88 6.96 1.02 9.64
C THR A 88 6.37 2.06 10.59
N ILE A 89 5.48 1.62 11.47
CA ILE A 89 4.86 2.52 12.43
C ILE A 89 5.82 3.61 12.88
N LYS A 90 6.92 3.20 13.51
CA LYS A 90 7.92 4.14 13.99
C LYS A 90 8.18 5.23 12.96
N GLU A 91 8.68 4.83 11.79
CA GLU A 91 8.97 5.77 10.72
C GLU A 91 7.85 6.80 10.59
N TRP A 92 6.62 6.32 10.48
CA TRP A 92 5.47 7.20 10.34
C TRP A 92 5.34 8.13 11.53
N GLU A 93 5.44 7.57 12.74
CA GLU A 93 5.35 8.36 13.96
C GLU A 93 6.06 9.70 13.79
N GLY A 94 7.19 9.69 13.11
CA GLY A 94 7.94 10.92 12.89
C GLY A 94 8.65 10.93 11.56
N LEU A 95 7.91 10.61 10.50
CA LEU A 95 8.48 10.60 9.16
C LEU A 95 8.64 12.01 8.61
N GLN A 96 7.57 12.80 8.70
CA GLN A 96 7.60 14.18 8.21
C GLN A 96 8.52 15.04 9.07
N ASP A 97 8.37 14.93 10.39
CA ASP A 97 9.18 15.69 11.31
C ASP A 97 10.66 15.33 11.17
N THR A 98 11.49 16.33 10.88
CA THR A 98 12.91 16.11 10.71
C THR A 98 13.54 15.58 12.00
N VAL A 99 13.25 16.26 13.12
CA VAL A 99 13.78 15.85 14.41
C VAL A 99 12.89 14.80 15.08
N PHE A 100 13.29 13.54 14.98
CA PHE A 100 12.53 12.45 15.57
C PHE A 100 12.95 12.22 17.02
N ALA A 101 12.03 12.49 17.94
CA ALA A 101 12.30 12.32 19.37
C ALA A 101 11.21 11.48 20.03
N SER A 102 11.61 10.67 21.01
CA SER A 102 10.68 9.81 21.72
C SER A 102 11.29 9.30 23.02
N PRO A 103 10.42 9.00 24.00
CA PRO A 103 10.85 8.50 25.31
C PRO A 103 11.40 7.08 25.23
N PRO A 104 12.70 6.93 25.56
CA PRO A 104 13.37 5.62 25.53
C PRO A 104 12.87 4.70 26.64
N CYS A 105 12.21 3.62 26.25
CA CYS A 105 11.68 2.65 27.21
C CYS A 105 12.16 1.24 26.88
N ARG A 106 12.87 0.63 27.82
CA ARG A 106 13.38 -0.72 27.63
C ARG A 106 12.36 -1.76 28.07
N GLY A 107 11.76 -1.56 29.24
CA GLY A 107 10.77 -2.49 29.75
C GLY A 107 11.40 -3.70 30.39
N GLY A 1 -34.05 -2.94 7.98
CA GLY A 1 -33.93 -3.63 6.71
C GLY A 1 -32.49 -3.82 6.28
N SER A 2 -32.27 -3.92 4.97
CA SER A 2 -30.93 -4.11 4.43
C SER A 2 -30.74 -3.29 3.16
N SER A 3 -29.61 -2.58 3.10
CA SER A 3 -29.30 -1.74 1.95
C SER A 3 -28.39 -2.48 0.97
N GLY A 4 -27.23 -2.91 1.46
CA GLY A 4 -26.29 -3.62 0.62
C GLY A 4 -25.97 -2.88 -0.67
N SER A 5 -24.93 -2.04 -0.61
CA SER A 5 -24.53 -1.26 -1.78
C SER A 5 -23.03 -1.00 -1.77
N SER A 6 -22.39 -1.19 -2.92
CA SER A 6 -20.95 -0.98 -3.05
C SER A 6 -20.50 -1.13 -4.50
N GLY A 7 -19.24 -0.81 -4.75
CA GLY A 7 -18.71 -0.92 -6.10
C GLY A 7 -17.76 -2.10 -6.25
N MET A 8 -17.27 -2.30 -7.46
CA MET A 8 -16.35 -3.40 -7.74
C MET A 8 -15.09 -2.90 -8.46
N MET A 9 -14.61 -1.73 -8.05
CA MET A 9 -13.42 -1.14 -8.65
C MET A 9 -12.16 -1.90 -8.23
N ILE A 10 -11.09 -1.74 -8.99
CA ILE A 10 -9.83 -2.42 -8.70
C ILE A 10 -9.34 -2.05 -7.30
N ARG A 11 -9.54 -0.79 -6.92
CA ARG A 11 -9.12 -0.31 -5.61
C ARG A 11 -9.76 -1.13 -4.49
N GLU A 12 -10.96 -1.65 -4.77
CA GLU A 12 -11.68 -2.45 -3.78
C GLU A 12 -11.14 -3.88 -3.73
N ARG A 13 -11.13 -4.54 -4.88
CA ARG A 13 -10.64 -5.91 -4.97
C ARG A 13 -9.27 -6.04 -4.30
N ILE A 14 -8.48 -4.98 -4.39
CA ILE A 14 -7.15 -4.97 -3.79
C ILE A 14 -7.22 -4.85 -2.27
N GLU A 15 -7.72 -3.73 -1.80
CA GLU A 15 -7.85 -3.49 -0.36
C GLU A 15 -8.69 -4.58 0.30
N GLU A 16 -9.90 -4.78 -0.21
CA GLU A 16 -10.79 -5.80 0.33
C GLU A 16 -10.02 -7.02 0.79
N LYS A 17 -8.91 -7.30 0.12
CA LYS A 17 -8.07 -8.45 0.46
C LYS A 17 -7.08 -8.08 1.57
N LEU A 18 -6.35 -6.99 1.36
CA LEU A 18 -5.37 -6.53 2.34
C LEU A 18 -6.02 -6.28 3.69
N ARG A 19 -7.34 -6.08 3.68
CA ARG A 19 -8.08 -5.83 4.91
C ARG A 19 -7.98 -7.01 5.86
N ALA A 20 -8.48 -8.16 5.42
CA ALA A 20 -8.44 -9.37 6.23
C ALA A 20 -7.10 -10.08 6.11
N ALA A 21 -6.51 -10.02 4.92
CA ALA A 21 -5.22 -10.64 4.67
C ALA A 21 -4.24 -10.38 5.82
N PHE A 22 -4.07 -9.12 6.16
CA PHE A 22 -3.16 -8.74 7.23
C PHE A 22 -3.91 -7.98 8.33
N GLN A 23 -4.74 -7.01 7.92
CA GLN A 23 -5.50 -6.22 8.86
C GLN A 23 -4.61 -5.19 9.56
N PRO A 24 -3.92 -4.37 8.77
CA PRO A 24 -3.02 -3.34 9.29
C PRO A 24 -3.79 -2.20 9.97
N VAL A 25 -3.06 -1.18 10.40
CA VAL A 25 -3.66 -0.03 11.07
C VAL A 25 -4.10 1.02 10.05
N PHE A 26 -3.37 1.10 8.93
CA PHE A 26 -3.70 2.06 7.89
C PHE A 26 -3.81 1.37 6.53
N LEU A 27 -4.66 1.91 5.66
CA LEU A 27 -4.86 1.35 4.33
C LEU A 27 -5.42 2.40 3.37
N GLU A 28 -4.87 2.42 2.16
CA GLU A 28 -5.31 3.38 1.15
C GLU A 28 -4.73 3.03 -0.22
N VAL A 29 -5.37 3.53 -1.27
CA VAL A 29 -4.92 3.28 -2.63
C VAL A 29 -5.03 4.53 -3.49
N VAL A 30 -4.08 4.70 -4.40
CA VAL A 30 -4.07 5.85 -5.29
C VAL A 30 -4.15 5.43 -6.75
N ASP A 31 -5.24 5.79 -7.42
CA ASP A 31 -5.43 5.45 -8.82
C ASP A 31 -5.04 6.62 -9.72
N GLU A 32 -4.00 6.42 -10.53
CA GLU A 32 -3.53 7.45 -11.44
C GLU A 32 -3.28 6.88 -12.82
N SER A 33 -4.34 6.74 -13.60
CA SER A 33 -4.24 6.20 -14.96
C SER A 33 -4.94 7.10 -15.96
N TYR A 34 -4.17 7.94 -16.64
CA TYR A 34 -4.72 8.87 -17.62
C TYR A 34 -4.09 8.64 -18.99
N ARG A 35 -2.79 8.36 -18.99
CA ARG A 35 -2.06 8.12 -20.23
C ARG A 35 -2.72 7.02 -21.05
N HIS A 36 -3.54 6.20 -20.38
CA HIS A 36 -4.23 5.10 -21.04
C HIS A 36 -4.76 5.54 -22.40
N ASN A 37 -5.12 6.82 -22.51
CA ASN A 37 -5.64 7.36 -23.76
C ASN A 37 -4.55 7.44 -24.82
N VAL A 38 -4.12 6.28 -25.31
CA VAL A 38 -3.08 6.22 -26.33
C VAL A 38 -3.10 4.87 -27.05
N PRO A 39 -2.65 4.87 -28.31
CA PRO A 39 -2.60 3.67 -29.14
C PRO A 39 -1.55 2.67 -28.67
N ALA A 40 -1.24 1.69 -29.50
CA ALA A 40 -0.24 0.68 -29.16
C ALA A 40 0.87 1.27 -28.30
N GLY A 41 1.07 0.68 -27.13
CA GLY A 41 2.10 1.16 -26.23
C GLY A 41 1.55 2.03 -25.11
N SER A 42 1.53 1.49 -23.90
CA SER A 42 1.02 2.21 -22.75
C SER A 42 1.23 1.43 -21.46
N GLU A 43 1.50 2.14 -20.37
CA GLU A 43 1.72 1.49 -19.08
C GLU A 43 0.63 1.88 -18.09
N SER A 44 0.62 1.22 -16.93
CA SER A 44 -0.37 1.48 -15.90
C SER A 44 0.28 1.56 -14.53
N HIS A 45 0.30 2.75 -13.95
CA HIS A 45 0.90 2.96 -12.63
C HIS A 45 -0.13 2.72 -11.53
N PHE A 46 0.35 2.35 -10.36
CA PHE A 46 -0.52 2.09 -9.22
C PHE A 46 0.25 2.20 -7.90
N LYS A 47 -0.36 2.86 -6.92
CA LYS A 47 0.26 3.04 -5.61
C LYS A 47 -0.68 2.61 -4.50
N VAL A 48 -0.12 1.97 -3.47
CA VAL A 48 -0.91 1.51 -2.34
C VAL A 48 -0.19 1.77 -1.01
N VAL A 49 -0.92 2.31 -0.05
CA VAL A 49 -0.35 2.61 1.26
C VAL A 49 -0.85 1.63 2.31
N LEU A 50 0.08 1.16 3.16
CA LEU A 50 -0.27 0.21 4.21
C LEU A 50 0.76 0.26 5.33
N VAL A 51 0.35 0.78 6.48
CA VAL A 51 1.23 0.89 7.63
C VAL A 51 1.18 -0.39 8.48
N SER A 52 2.35 -0.98 8.70
CA SER A 52 2.44 -2.21 9.49
C SER A 52 3.82 -2.34 10.13
N ASP A 53 3.89 -3.11 11.21
CA ASP A 53 5.16 -3.33 11.92
C ASP A 53 5.87 -4.56 11.38
N ARG A 54 5.10 -5.56 10.98
CA ARG A 54 5.66 -6.79 10.45
C ARG A 54 6.85 -6.51 9.54
N PHE A 55 6.87 -5.30 8.97
CA PHE A 55 7.96 -4.91 8.07
C PHE A 55 9.10 -4.27 8.86
N THR A 56 9.39 -4.83 10.03
CA THR A 56 10.46 -4.32 10.87
C THR A 56 11.71 -5.18 10.77
N GLY A 57 12.82 -4.56 10.35
CA GLY A 57 14.06 -5.30 10.20
C GLY A 57 14.13 -6.11 8.93
N GLU A 58 13.22 -7.08 8.81
CA GLU A 58 13.17 -7.93 7.63
C GLU A 58 13.54 -7.15 6.38
N ARG A 59 14.20 -7.82 5.43
CA ARG A 59 14.62 -7.19 4.19
C ARG A 59 13.41 -6.58 3.46
N PHE A 60 13.69 -5.88 2.37
CA PHE A 60 12.63 -5.25 1.58
C PHE A 60 12.13 -6.19 0.49
N LEU A 61 13.05 -6.71 -0.31
CA LEU A 61 12.69 -7.62 -1.39
C LEU A 61 11.65 -8.63 -0.93
N ASN A 62 11.91 -9.25 0.21
CA ASN A 62 10.99 -10.24 0.76
C ASN A 62 9.67 -9.59 1.18
N ARG A 63 9.77 -8.53 1.97
CA ARG A 63 8.59 -7.81 2.44
C ARG A 63 7.53 -7.75 1.35
N HIS A 64 7.94 -7.36 0.15
CA HIS A 64 7.02 -7.26 -0.98
C HIS A 64 6.39 -8.61 -1.30
N ARG A 65 7.23 -9.64 -1.35
CA ARG A 65 6.75 -10.99 -1.65
C ARG A 65 5.43 -11.27 -0.95
N MET A 66 5.42 -11.15 0.38
CA MET A 66 4.22 -11.39 1.16
C MET A 66 3.01 -10.67 0.54
N ILE A 67 3.13 -9.36 0.37
CA ILE A 67 2.06 -8.56 -0.21
C ILE A 67 1.62 -9.13 -1.55
N TYR A 68 2.58 -9.34 -2.44
CA TYR A 68 2.30 -9.88 -3.77
C TYR A 68 1.47 -11.16 -3.66
N SER A 69 1.91 -12.07 -2.79
CA SER A 69 1.21 -13.34 -2.60
C SER A 69 -0.29 -13.12 -2.48
N THR A 70 -0.68 -12.08 -1.75
CA THR A 70 -2.09 -11.76 -1.56
C THR A 70 -2.77 -11.46 -2.89
N LEU A 71 -2.19 -10.55 -3.66
CA LEU A 71 -2.73 -10.17 -4.95
C LEU A 71 -1.88 -10.71 -6.09
N ALA A 72 -1.35 -11.92 -5.92
CA ALA A 72 -0.52 -12.55 -6.93
C ALA A 72 -1.13 -12.40 -8.31
N GLU A 73 -2.34 -12.92 -8.49
CA GLU A 73 -3.03 -12.84 -9.77
C GLU A 73 -3.81 -11.54 -9.89
N GLU A 74 -4.61 -11.25 -8.87
CA GLU A 74 -5.42 -10.03 -8.85
C GLU A 74 -4.65 -8.86 -9.45
N LEU A 75 -3.43 -8.66 -8.97
CA LEU A 75 -2.58 -7.57 -9.46
C LEU A 75 -2.12 -7.84 -10.88
N SER A 76 -1.94 -9.12 -11.22
CA SER A 76 -1.49 -9.51 -12.54
C SER A 76 -2.67 -9.56 -13.52
N THR A 77 -3.77 -8.92 -13.14
CA THR A 77 -4.96 -8.89 -13.98
C THR A 77 -4.91 -7.74 -14.97
N THR A 78 -4.94 -6.51 -14.45
CA THR A 78 -4.89 -5.32 -15.30
C THR A 78 -3.79 -4.37 -14.84
N VAL A 79 -3.50 -4.39 -13.55
CA VAL A 79 -2.46 -3.52 -13.00
C VAL A 79 -1.07 -4.09 -13.26
N HIS A 80 -0.31 -3.41 -14.12
CA HIS A 80 1.04 -3.86 -14.45
C HIS A 80 2.03 -3.44 -13.37
N ALA A 81 2.25 -2.14 -13.24
CA ALA A 81 3.17 -1.62 -12.24
C ALA A 81 2.47 -1.37 -10.92
N LEU A 82 3.24 -1.34 -9.83
CA LEU A 82 2.68 -1.12 -8.50
C LEU A 82 3.79 -0.76 -7.51
N ALA A 83 3.62 0.37 -6.83
CA ALA A 83 4.59 0.83 -5.85
C ALA A 83 4.06 0.65 -4.43
N LEU A 84 4.51 -0.41 -3.76
CA LEU A 84 4.08 -0.70 -2.39
C LEU A 84 4.79 0.22 -1.41
N HIS A 85 4.01 1.07 -0.73
CA HIS A 85 4.57 1.99 0.26
C HIS A 85 4.24 1.54 1.67
N THR A 86 5.00 0.59 2.18
CA THR A 86 4.79 0.07 3.52
C THR A 86 5.65 0.81 4.55
N TYR A 87 5.01 1.58 5.41
CA TYR A 87 5.71 2.34 6.44
C TYR A 87 5.34 1.85 7.83
N THR A 88 6.35 1.67 8.68
CA THR A 88 6.13 1.20 10.04
C THR A 88 5.48 2.29 10.89
N ILE A 89 5.03 1.91 12.08
CA ILE A 89 4.39 2.85 12.99
C ILE A 89 5.24 4.10 13.17
N LYS A 90 6.53 3.90 13.43
CA LYS A 90 7.45 5.01 13.62
C LYS A 90 7.73 5.72 12.30
N GLU A 91 8.08 4.94 11.28
CA GLU A 91 8.37 5.50 9.96
C GLU A 91 7.36 6.56 9.58
N TRP A 92 6.11 6.35 9.99
CA TRP A 92 5.03 7.29 9.68
C TRP A 92 5.06 8.47 10.66
N GLU A 93 5.28 8.18 11.93
CA GLU A 93 5.33 9.21 12.96
C GLU A 93 6.13 10.42 12.47
N GLY A 94 7.05 10.18 11.55
CA GLY A 94 7.87 11.26 11.02
C GLY A 94 8.72 10.82 9.85
N LEU A 95 8.07 10.49 8.74
CA LEU A 95 8.78 10.04 7.54
C LEU A 95 10.11 10.77 7.39
N GLN A 96 10.07 12.09 7.53
CA GLN A 96 11.28 12.90 7.42
C GLN A 96 12.15 12.76 8.66
N ASP A 97 11.54 12.97 9.82
CA ASP A 97 12.26 12.87 11.09
C ASP A 97 13.50 13.76 11.07
N THR A 98 13.36 14.97 10.56
CA THR A 98 14.47 15.92 10.49
C THR A 98 14.98 16.27 11.89
N VAL A 99 14.05 16.59 12.79
CA VAL A 99 14.40 16.95 14.15
C VAL A 99 14.58 15.71 15.02
N PHE A 100 15.59 15.74 15.88
CA PHE A 100 15.87 14.61 16.76
C PHE A 100 15.52 14.96 18.20
N ALA A 101 15.42 13.93 19.05
CA ALA A 101 15.09 14.12 20.46
C ALA A 101 15.25 12.83 21.24
N SER A 102 15.84 12.92 22.42
CA SER A 102 16.06 11.74 23.26
C SER A 102 15.99 12.13 24.75
N PRO A 103 14.90 11.70 25.41
CA PRO A 103 14.69 11.98 26.83
C PRO A 103 15.65 11.22 27.73
N PRO A 104 16.36 11.95 28.60
CA PRO A 104 17.33 11.36 29.52
C PRO A 104 16.67 10.53 30.61
N CYS A 105 17.45 9.68 31.26
CA CYS A 105 16.93 8.83 32.34
C CYS A 105 17.82 8.91 33.57
N ARG A 106 17.28 8.50 34.71
CA ARG A 106 18.02 8.52 35.96
C ARG A 106 17.69 7.31 36.82
N GLY A 107 18.35 7.19 37.96
CA GLY A 107 18.11 6.06 38.85
C GLY A 107 16.64 5.74 38.98
N GLY A 1 -17.68 -8.59 8.68
CA GLY A 1 -18.05 -8.47 7.28
C GLY A 1 -19.38 -7.75 7.10
N SER A 2 -20.32 -8.43 6.45
CA SER A 2 -21.64 -7.85 6.19
C SER A 2 -21.53 -6.62 5.30
N SER A 3 -20.70 -6.71 4.28
CA SER A 3 -20.50 -5.60 3.34
C SER A 3 -20.66 -6.07 1.90
N GLY A 4 -21.21 -5.20 1.07
CA GLY A 4 -21.41 -5.54 -0.34
C GLY A 4 -21.28 -4.33 -1.25
N SER A 5 -21.16 -4.58 -2.55
CA SER A 5 -21.02 -3.52 -3.52
C SER A 5 -21.37 -4.01 -4.93
N SER A 6 -21.33 -3.11 -5.89
CA SER A 6 -21.65 -3.44 -7.28
C SER A 6 -20.49 -3.05 -8.20
N GLY A 7 -20.58 -3.50 -9.45
CA GLY A 7 -19.53 -3.20 -10.42
C GLY A 7 -18.26 -3.97 -10.16
N MET A 8 -17.21 -3.64 -10.91
CA MET A 8 -15.93 -4.30 -10.76
C MET A 8 -14.82 -3.29 -10.47
N MET A 9 -14.61 -3.01 -9.19
CA MET A 9 -13.58 -2.05 -8.78
C MET A 9 -12.33 -2.77 -8.33
N ILE A 10 -11.22 -2.53 -9.03
CA ILE A 10 -9.95 -3.15 -8.70
C ILE A 10 -9.48 -2.75 -7.30
N ARG A 11 -9.40 -1.45 -7.06
CA ARG A 11 -8.97 -0.93 -5.77
C ARG A 11 -9.61 -1.72 -4.63
N GLU A 12 -10.94 -1.69 -4.57
CA GLU A 12 -11.67 -2.39 -3.52
C GLU A 12 -11.12 -3.81 -3.35
N ARG A 13 -11.03 -4.54 -4.46
CA ARG A 13 -10.54 -5.92 -4.42
C ARG A 13 -9.18 -5.98 -3.74
N ILE A 14 -8.34 -4.97 -3.99
CA ILE A 14 -7.02 -4.93 -3.39
C ILE A 14 -7.09 -4.81 -1.88
N GLU A 15 -7.56 -3.66 -1.40
CA GLU A 15 -7.68 -3.42 0.04
C GLU A 15 -8.53 -4.52 0.69
N GLU A 16 -9.73 -4.73 0.17
CA GLU A 16 -10.63 -5.75 0.70
C GLU A 16 -9.84 -6.95 1.22
N LYS A 17 -8.82 -7.34 0.47
CA LYS A 17 -7.99 -8.48 0.85
C LYS A 17 -6.99 -8.09 1.93
N LEU A 18 -6.06 -7.20 1.59
CA LEU A 18 -5.05 -6.75 2.53
C LEU A 18 -5.63 -6.65 3.94
N ARG A 19 -6.83 -6.08 4.04
CA ARG A 19 -7.49 -5.93 5.34
C ARG A 19 -7.30 -7.17 6.20
N ALA A 20 -7.63 -8.32 5.62
CA ALA A 20 -7.50 -9.59 6.33
C ALA A 20 -6.13 -10.22 6.09
N ALA A 21 -5.56 -9.92 4.94
CA ALA A 21 -4.25 -10.47 4.58
C ALA A 21 -3.23 -10.21 5.68
N PHE A 22 -2.97 -8.94 5.96
CA PHE A 22 -2.02 -8.55 6.99
C PHE A 22 -2.73 -7.89 8.17
N GLN A 23 -3.74 -7.08 7.86
CA GLN A 23 -4.49 -6.39 8.90
C GLN A 23 -3.66 -5.27 9.53
N PRO A 24 -3.11 -4.39 8.70
CA PRO A 24 -2.28 -3.27 9.15
C PRO A 24 -3.10 -2.21 9.88
N VAL A 25 -2.47 -1.06 10.14
CA VAL A 25 -3.14 0.03 10.84
C VAL A 25 -3.61 1.10 9.86
N PHE A 26 -2.90 1.22 8.73
CA PHE A 26 -3.24 2.20 7.72
C PHE A 26 -3.54 1.53 6.38
N LEU A 27 -4.39 2.14 5.58
CA LEU A 27 -4.76 1.60 4.27
C LEU A 27 -5.35 2.69 3.38
N GLU A 28 -4.80 2.83 2.18
CA GLU A 28 -5.27 3.83 1.23
C GLU A 28 -4.74 3.54 -0.17
N VAL A 29 -5.64 3.54 -1.15
CA VAL A 29 -5.27 3.28 -2.53
C VAL A 29 -5.45 4.53 -3.39
N VAL A 30 -4.50 4.77 -4.28
CA VAL A 30 -4.55 5.93 -5.17
C VAL A 30 -4.60 5.49 -6.63
N ASP A 31 -5.68 5.88 -7.32
CA ASP A 31 -5.85 5.53 -8.72
C ASP A 31 -5.48 6.71 -9.62
N GLU A 32 -4.83 6.40 -10.74
CA GLU A 32 -4.41 7.44 -11.68
C GLU A 32 -4.75 7.04 -13.12
N SER A 33 -5.80 7.66 -13.66
CA SER A 33 -6.23 7.36 -15.02
C SER A 33 -6.82 8.61 -15.68
N TYR A 34 -6.29 8.94 -16.85
CA TYR A 34 -6.75 10.11 -17.59
C TYR A 34 -7.89 9.75 -18.54
N ARG A 35 -9.06 10.32 -18.30
CA ARG A 35 -10.23 10.05 -19.14
C ARG A 35 -10.02 10.58 -20.56
N HIS A 36 -9.45 11.78 -20.66
CA HIS A 36 -9.19 12.39 -21.96
C HIS A 36 -8.64 11.36 -22.95
N ASN A 37 -8.96 11.55 -24.22
CA ASN A 37 -8.50 10.64 -25.27
C ASN A 37 -7.10 11.02 -25.74
N VAL A 38 -6.22 11.31 -24.79
CA VAL A 38 -4.85 11.69 -25.12
C VAL A 38 -3.91 11.42 -23.94
N PRO A 39 -2.64 11.11 -24.25
CA PRO A 39 -1.63 10.82 -23.23
C PRO A 39 -1.22 12.08 -22.45
N ALA A 40 -1.03 11.92 -21.15
CA ALA A 40 -0.64 13.04 -20.30
C ALA A 40 0.77 12.83 -19.74
N GLY A 41 1.26 11.60 -19.82
CA GLY A 41 2.58 11.30 -19.32
C GLY A 41 2.65 9.96 -18.61
N SER A 42 2.00 9.87 -17.45
CA SER A 42 1.99 8.64 -16.68
C SER A 42 0.59 8.00 -16.68
N GLU A 43 0.27 7.30 -17.76
CA GLU A 43 -1.02 6.65 -17.89
C GLU A 43 -1.22 5.59 -16.80
N SER A 44 -0.18 4.78 -16.58
CA SER A 44 -0.23 3.74 -15.57
C SER A 44 0.52 4.16 -14.31
N HIS A 45 -0.18 4.85 -13.42
CA HIS A 45 0.41 5.31 -12.17
C HIS A 45 -0.38 4.84 -10.97
N PHE A 46 -0.18 3.57 -10.58
CA PHE A 46 -0.89 3.00 -9.45
C PHE A 46 0.02 2.94 -8.22
N LYS A 47 -0.56 3.25 -7.05
CA LYS A 47 0.19 3.24 -5.81
C LYS A 47 -0.73 2.90 -4.63
N VAL A 48 -0.22 2.11 -3.69
CA VAL A 48 -0.98 1.73 -2.52
C VAL A 48 -0.21 2.00 -1.24
N VAL A 49 -0.86 2.64 -0.27
CA VAL A 49 -0.24 2.95 1.01
C VAL A 49 -0.68 1.99 2.09
N LEU A 50 0.28 1.33 2.73
CA LEU A 50 -0.01 0.38 3.79
C LEU A 50 1.03 0.46 4.90
N VAL A 51 0.60 0.86 6.09
CA VAL A 51 1.49 0.97 7.24
C VAL A 51 1.31 -0.20 8.19
N SER A 52 2.39 -0.97 8.39
CA SER A 52 2.34 -2.12 9.29
C SER A 52 3.60 -2.18 10.16
N ASP A 53 3.44 -2.66 11.39
CA ASP A 53 4.55 -2.77 12.32
C ASP A 53 5.14 -4.17 12.29
N ARG A 54 4.38 -5.12 11.76
CA ARG A 54 4.83 -6.50 11.68
C ARG A 54 6.03 -6.64 10.74
N PHE A 55 6.28 -5.58 9.96
CA PHE A 55 7.40 -5.58 9.02
C PHE A 55 8.72 -5.50 9.76
N THR A 56 8.70 -4.91 10.95
CA THR A 56 9.91 -4.77 11.75
C THR A 56 10.71 -6.06 11.79
N GLY A 57 12.03 -5.94 11.75
CA GLY A 57 12.88 -7.11 11.78
C GLY A 57 12.90 -7.86 10.46
N GLU A 58 11.71 -8.26 10.01
CA GLU A 58 11.59 -8.99 8.75
C GLU A 58 12.51 -8.41 7.68
N ARG A 59 12.90 -9.24 6.72
CA ARG A 59 13.79 -8.81 5.65
C ARG A 59 13.07 -7.83 4.71
N PHE A 60 13.85 -7.17 3.86
CA PHE A 60 13.29 -6.21 2.91
C PHE A 60 12.59 -6.93 1.76
N LEU A 61 13.26 -7.94 1.21
CA LEU A 61 12.71 -8.70 0.10
C LEU A 61 11.29 -9.16 0.41
N ASN A 62 11.17 -10.11 1.34
CA ASN A 62 9.87 -10.64 1.73
C ASN A 62 8.85 -9.51 1.89
N ARG A 63 9.31 -8.37 2.41
CA ARG A 63 8.45 -7.22 2.62
C ARG A 63 7.46 -7.06 1.47
N HIS A 64 7.98 -6.73 0.29
CA HIS A 64 7.14 -6.54 -0.89
C HIS A 64 6.56 -7.88 -1.35
N ARG A 65 7.43 -8.85 -1.56
CA ARG A 65 7.00 -10.18 -2.01
C ARG A 65 5.66 -10.54 -1.41
N MET A 66 5.60 -10.60 -0.08
CA MET A 66 4.36 -10.94 0.62
C MET A 66 3.16 -10.27 -0.04
N ILE A 67 3.28 -8.97 -0.29
CA ILE A 67 2.21 -8.21 -0.92
C ILE A 67 1.86 -8.79 -2.29
N TYR A 68 2.86 -8.93 -3.15
CA TYR A 68 2.66 -9.46 -4.48
C TYR A 68 2.08 -10.87 -4.42
N SER A 69 2.39 -11.59 -3.35
CA SER A 69 1.89 -12.96 -3.18
C SER A 69 0.38 -12.97 -3.03
N THR A 70 -0.13 -12.09 -2.16
CA THR A 70 -1.56 -12.01 -1.93
C THR A 70 -2.29 -11.46 -3.15
N LEU A 71 -1.60 -10.63 -3.92
CA LEU A 71 -2.18 -10.03 -5.12
C LEU A 71 -1.44 -10.50 -6.37
N ALA A 72 -0.85 -11.69 -6.29
CA ALA A 72 -0.12 -12.25 -7.43
C ALA A 72 -1.01 -12.39 -8.64
N GLU A 73 -2.32 -12.43 -8.41
CA GLU A 73 -3.29 -12.56 -9.50
C GLU A 73 -3.78 -11.19 -9.96
N GLU A 74 -3.79 -10.23 -9.04
CA GLU A 74 -4.24 -8.88 -9.35
C GLU A 74 -3.53 -8.33 -10.58
N LEU A 75 -2.20 -8.36 -10.55
CA LEU A 75 -1.40 -7.87 -11.66
C LEU A 75 -1.55 -8.78 -12.89
N SER A 76 -1.96 -10.02 -12.64
CA SER A 76 -2.15 -10.99 -13.72
C SER A 76 -3.56 -10.89 -14.31
N THR A 77 -4.33 -9.93 -13.80
CA THR A 77 -5.70 -9.74 -14.26
C THR A 77 -5.82 -8.46 -15.07
N THR A 78 -5.73 -7.31 -14.40
CA THR A 78 -5.84 -6.01 -15.06
C THR A 78 -4.62 -5.15 -14.74
N VAL A 79 -4.38 -4.93 -13.45
CA VAL A 79 -3.25 -4.12 -13.01
C VAL A 79 -1.96 -4.54 -13.70
N HIS A 80 -1.18 -3.56 -14.17
CA HIS A 80 0.08 -3.83 -14.85
C HIS A 80 1.26 -3.55 -13.93
N ALA A 81 1.36 -2.32 -13.46
CA ALA A 81 2.44 -1.92 -12.57
C ALA A 81 1.91 -1.16 -11.37
N LEU A 82 2.38 -1.52 -10.19
CA LEU A 82 1.96 -0.88 -8.95
C LEU A 82 3.16 -0.56 -8.06
N ALA A 83 3.13 0.61 -7.44
CA ALA A 83 4.21 1.04 -6.55
C ALA A 83 3.82 0.88 -5.08
N LEU A 84 4.19 -0.26 -4.50
CA LEU A 84 3.87 -0.54 -3.11
C LEU A 84 4.70 0.33 -2.17
N HIS A 85 4.02 1.12 -1.34
CA HIS A 85 4.69 2.00 -0.40
C HIS A 85 4.40 1.58 1.04
N THR A 86 5.11 0.57 1.52
CA THR A 86 4.93 0.07 2.88
C THR A 86 5.81 0.83 3.86
N TYR A 87 5.20 1.34 4.92
CA TYR A 87 5.93 2.09 5.94
C TYR A 87 5.59 1.58 7.34
N THR A 88 6.39 1.98 8.32
CA THR A 88 6.17 1.57 9.70
C THR A 88 5.70 2.74 10.55
N ILE A 89 4.85 2.46 11.52
CA ILE A 89 4.33 3.49 12.41
C ILE A 89 5.42 4.47 12.81
N LYS A 90 6.64 3.96 12.98
CA LYS A 90 7.77 4.80 13.35
C LYS A 90 8.16 5.73 12.22
N GLU A 91 8.58 5.14 11.09
CA GLU A 91 8.98 5.91 9.92
C GLU A 91 7.94 6.98 9.59
N TRP A 92 6.66 6.63 9.76
CA TRP A 92 5.58 7.57 9.48
C TRP A 92 5.45 8.60 10.59
N GLU A 93 5.60 8.16 11.83
CA GLU A 93 5.48 9.04 12.98
C GLU A 93 6.27 10.33 12.74
N GLY A 94 7.23 10.27 11.83
CA GLY A 94 8.04 11.44 11.53
C GLY A 94 9.12 11.15 10.49
N LEU A 95 8.70 10.66 9.33
CA LEU A 95 9.64 10.34 8.26
C LEU A 95 10.61 11.48 8.03
N GLN A 96 10.08 12.70 7.96
CA GLN A 96 10.91 13.88 7.74
C GLN A 96 12.18 13.82 8.58
N ASP A 97 12.02 13.61 9.88
CA ASP A 97 13.15 13.53 10.79
C ASP A 97 14.28 12.71 10.18
N THR A 98 15.49 12.90 10.71
CA THR A 98 16.65 12.18 10.22
C THR A 98 17.30 11.34 11.32
N VAL A 99 17.58 11.98 12.45
CA VAL A 99 18.19 11.30 13.59
C VAL A 99 17.53 9.95 13.84
N PHE A 100 18.35 8.94 14.12
CA PHE A 100 17.84 7.59 14.38
C PHE A 100 17.86 7.28 15.87
N ALA A 101 16.75 6.73 16.37
CA ALA A 101 16.64 6.40 17.78
C ALA A 101 16.16 4.96 17.96
N SER A 102 17.07 4.06 18.29
CA SER A 102 16.74 2.65 18.49
C SER A 102 15.81 2.48 19.69
N PRO A 103 14.88 1.52 19.58
CA PRO A 103 13.92 1.24 20.65
C PRO A 103 14.58 0.59 21.87
N PRO A 104 14.45 1.24 23.02
CA PRO A 104 15.02 0.75 24.28
C PRO A 104 14.31 -0.50 24.80
N CYS A 105 14.99 -1.64 24.68
CA CYS A 105 14.41 -2.91 25.14
C CYS A 105 15.51 -3.91 25.48
N ARG A 106 15.12 -5.03 26.05
CA ARG A 106 16.07 -6.08 26.43
C ARG A 106 16.90 -6.51 25.22
N GLY A 107 18.07 -7.09 25.49
CA GLY A 107 18.94 -7.54 24.42
C GLY A 107 19.90 -8.62 24.87
N GLY A 1 -25.30 4.80 8.19
CA GLY A 1 -24.73 4.04 7.10
C GLY A 1 -25.66 3.91 5.91
N SER A 2 -25.19 4.33 4.74
CA SER A 2 -26.00 4.27 3.53
C SER A 2 -25.67 3.01 2.72
N SER A 3 -26.47 2.76 1.69
CA SER A 3 -26.27 1.59 0.84
C SER A 3 -24.89 1.61 0.20
N GLY A 4 -24.31 0.43 0.01
CA GLY A 4 -22.99 0.33 -0.59
C GLY A 4 -22.98 0.76 -2.04
N SER A 5 -22.09 1.70 -2.36
CA SER A 5 -21.98 2.21 -3.72
C SER A 5 -21.62 1.08 -4.70
N SER A 6 -22.19 1.13 -5.89
CA SER A 6 -21.94 0.13 -6.90
C SER A 6 -20.66 0.44 -7.69
N GLY A 7 -19.72 -0.50 -7.67
CA GLY A 7 -18.46 -0.30 -8.38
C GLY A 7 -17.45 -1.37 -8.06
N MET A 8 -16.84 -1.93 -9.10
CA MET A 8 -15.83 -2.98 -8.92
C MET A 8 -14.47 -2.51 -9.42
N MET A 9 -13.76 -1.79 -8.56
CA MET A 9 -12.44 -1.28 -8.91
C MET A 9 -11.34 -2.14 -8.28
N ILE A 10 -10.36 -2.53 -9.09
CA ILE A 10 -9.26 -3.35 -8.61
C ILE A 10 -8.78 -2.88 -7.24
N ARG A 11 -8.63 -1.57 -7.10
CA ARG A 11 -8.18 -0.98 -5.84
C ARG A 11 -8.98 -1.53 -4.66
N GLU A 12 -10.27 -1.70 -4.87
CA GLU A 12 -11.15 -2.21 -3.82
C GLU A 12 -10.75 -3.62 -3.41
N ARG A 13 -10.88 -4.56 -4.35
CA ARG A 13 -10.53 -5.95 -4.09
C ARG A 13 -9.15 -6.06 -3.46
N ILE A 14 -8.20 -5.28 -3.98
CA ILE A 14 -6.84 -5.28 -3.46
C ILE A 14 -6.83 -5.06 -1.96
N GLU A 15 -7.42 -3.95 -1.53
CA GLU A 15 -7.47 -3.62 -0.11
C GLU A 15 -8.33 -4.62 0.65
N GLU A 16 -9.56 -4.82 0.19
CA GLU A 16 -10.48 -5.75 0.83
C GLU A 16 -9.72 -6.95 1.40
N LYS A 17 -8.68 -7.38 0.69
CA LYS A 17 -7.87 -8.51 1.13
C LYS A 17 -6.86 -8.10 2.20
N LEU A 18 -5.92 -7.24 1.82
CA LEU A 18 -4.90 -6.76 2.74
C LEU A 18 -5.48 -6.57 4.14
N ARG A 19 -6.69 -6.03 4.20
CA ARG A 19 -7.36 -5.79 5.48
C ARG A 19 -7.19 -7.00 6.41
N ALA A 20 -7.73 -8.13 5.99
CA ALA A 20 -7.64 -9.35 6.79
C ALA A 20 -6.35 -10.11 6.50
N ALA A 21 -5.70 -9.74 5.39
CA ALA A 21 -4.45 -10.38 5.00
C ALA A 21 -3.34 -10.08 6.00
N PHE A 22 -3.24 -8.81 6.40
CA PHE A 22 -2.21 -8.39 7.35
C PHE A 22 -2.84 -7.66 8.53
N GLN A 23 -3.85 -6.83 8.24
CA GLN A 23 -4.54 -6.07 9.27
C GLN A 23 -3.63 -4.96 9.82
N PRO A 24 -3.08 -4.15 8.91
CA PRO A 24 -2.19 -3.05 9.27
C PRO A 24 -2.93 -1.91 9.98
N VAL A 25 -2.26 -0.77 10.11
CA VAL A 25 -2.87 0.39 10.77
C VAL A 25 -3.33 1.42 9.74
N PHE A 26 -2.68 1.42 8.58
CA PHE A 26 -3.02 2.36 7.52
C PHE A 26 -3.32 1.62 6.22
N LEU A 27 -4.18 2.21 5.40
CA LEU A 27 -4.56 1.60 4.13
C LEU A 27 -5.12 2.64 3.16
N GLU A 28 -4.53 2.75 1.99
CA GLU A 28 -4.97 3.71 0.99
C GLU A 28 -4.42 3.35 -0.40
N VAL A 29 -5.31 3.32 -1.39
CA VAL A 29 -4.92 2.99 -2.75
C VAL A 29 -5.05 4.20 -3.66
N VAL A 30 -4.03 4.43 -4.49
CA VAL A 30 -4.03 5.56 -5.41
C VAL A 30 -4.20 5.09 -6.86
N ASP A 31 -5.44 5.11 -7.34
CA ASP A 31 -5.74 4.69 -8.71
C ASP A 31 -5.61 5.85 -9.68
N GLU A 32 -5.46 5.54 -10.96
CA GLU A 32 -5.34 6.57 -11.99
C GLU A 32 -6.57 6.59 -12.89
N SER A 33 -7.18 7.76 -13.03
CA SER A 33 -8.36 7.91 -13.86
C SER A 33 -8.07 8.81 -15.07
N TYR A 34 -6.90 8.63 -15.66
CA TYR A 34 -6.49 9.43 -16.80
C TYR A 34 -7.28 9.02 -18.05
N ARG A 35 -7.97 9.99 -18.65
CA ARG A 35 -8.77 9.73 -19.84
C ARG A 35 -8.05 10.23 -21.09
N HIS A 36 -7.55 11.46 -21.02
CA HIS A 36 -6.84 12.07 -22.15
C HIS A 36 -5.54 11.32 -22.43
N ASN A 37 -5.23 11.14 -23.71
CA ASN A 37 -4.02 10.44 -24.12
C ASN A 37 -2.82 11.37 -24.07
N VAL A 38 -2.13 11.41 -22.93
CA VAL A 38 -0.96 12.25 -22.76
C VAL A 38 0.06 11.60 -21.84
N PRO A 39 1.35 11.87 -22.10
CA PRO A 39 2.45 11.31 -21.31
C PRO A 39 2.51 11.92 -19.90
N ALA A 40 2.02 11.16 -18.92
CA ALA A 40 2.02 11.62 -17.54
C ALA A 40 3.42 11.53 -16.93
N GLY A 41 3.53 11.86 -15.65
CA GLY A 41 4.81 11.82 -14.98
C GLY A 41 4.76 11.00 -13.70
N SER A 42 4.53 9.70 -13.84
CA SER A 42 4.46 8.80 -12.69
C SER A 42 5.05 7.44 -13.02
N GLU A 43 6.04 7.02 -12.24
CA GLU A 43 6.68 5.73 -12.46
C GLU A 43 5.65 4.61 -12.53
N SER A 44 4.67 4.65 -11.63
CA SER A 44 3.62 3.64 -11.59
C SER A 44 2.25 4.28 -11.44
N HIS A 45 1.46 4.23 -12.52
CA HIS A 45 0.13 4.80 -12.52
C HIS A 45 -0.71 4.24 -11.36
N PHE A 46 -0.23 3.16 -10.77
CA PHE A 46 -0.92 2.52 -9.66
C PHE A 46 0.01 2.34 -8.46
N LYS A 47 -0.41 2.85 -7.31
CA LYS A 47 0.38 2.73 -6.09
C LYS A 47 -0.50 2.44 -4.88
N VAL A 48 0.01 1.64 -3.96
CA VAL A 48 -0.74 1.27 -2.76
C VAL A 48 0.06 1.60 -1.51
N VAL A 49 -0.61 2.24 -0.54
CA VAL A 49 0.03 2.62 0.71
C VAL A 49 -0.46 1.75 1.86
N LEU A 50 0.45 0.98 2.45
CA LEU A 50 0.12 0.10 3.57
C LEU A 50 1.16 0.21 4.68
N VAL A 51 0.75 0.79 5.80
CA VAL A 51 1.65 0.95 6.94
C VAL A 51 1.43 -0.15 7.97
N SER A 52 2.49 -0.88 8.29
CA SER A 52 2.41 -1.96 9.27
C SER A 52 3.75 -2.17 9.97
N ASP A 53 3.71 -2.61 11.22
CA ASP A 53 4.91 -2.85 11.99
C ASP A 53 5.63 -4.11 11.50
N ARG A 54 4.86 -5.08 11.04
CA ARG A 54 5.42 -6.34 10.55
C ARG A 54 6.69 -6.08 9.75
N PHE A 55 6.79 -4.88 9.16
CA PHE A 55 7.96 -4.52 8.37
C PHE A 55 8.98 -3.78 9.22
N THR A 56 9.16 -4.24 10.46
CA THR A 56 10.11 -3.63 11.37
C THR A 56 11.36 -4.50 11.53
N GLY A 57 11.84 -5.05 10.42
CA GLY A 57 13.03 -5.88 10.45
C GLY A 57 13.14 -6.79 9.24
N GLU A 58 11.99 -7.19 8.70
CA GLU A 58 11.97 -8.06 7.53
C GLU A 58 12.81 -7.48 6.40
N ARG A 59 12.89 -8.21 5.29
CA ARG A 59 13.67 -7.77 4.15
C ARG A 59 12.78 -7.09 3.11
N PHE A 60 13.38 -6.67 2.00
CA PHE A 60 12.64 -6.00 0.94
C PHE A 60 11.97 -7.03 0.02
N LEU A 61 12.64 -8.15 -0.21
CA LEU A 61 12.11 -9.19 -1.07
C LEU A 61 10.94 -9.91 -0.41
N ASN A 62 11.14 -10.34 0.84
CA ASN A 62 10.10 -11.03 1.59
C ASN A 62 8.88 -10.13 1.78
N ARG A 63 9.07 -9.04 2.52
CA ARG A 63 7.99 -8.10 2.79
C ARG A 63 7.11 -7.92 1.56
N HIS A 64 7.69 -8.14 0.39
CA HIS A 64 6.97 -8.00 -0.87
C HIS A 64 6.36 -9.34 -1.29
N ARG A 65 7.12 -10.41 -1.14
CA ARG A 65 6.66 -11.74 -1.51
C ARG A 65 5.34 -12.07 -0.82
N MET A 66 5.15 -11.51 0.37
CA MET A 66 3.93 -11.75 1.14
C MET A 66 2.78 -10.91 0.60
N ILE A 67 3.07 -9.66 0.26
CA ILE A 67 2.06 -8.76 -0.28
C ILE A 67 1.54 -9.25 -1.63
N TYR A 68 2.47 -9.49 -2.56
CA TYR A 68 2.11 -9.96 -3.89
C TYR A 68 1.28 -11.23 -3.82
N SER A 69 1.89 -12.29 -3.27
CA SER A 69 1.21 -13.57 -3.14
C SER A 69 -0.27 -13.38 -2.80
N THR A 70 -0.55 -12.33 -2.03
CA THR A 70 -1.93 -12.03 -1.64
C THR A 70 -2.77 -11.63 -2.84
N LEU A 71 -2.27 -10.70 -3.65
CA LEU A 71 -2.98 -10.24 -4.83
C LEU A 71 -2.08 -10.30 -6.06
N ALA A 72 -1.36 -11.40 -6.21
CA ALA A 72 -0.46 -11.58 -7.36
C ALA A 72 -1.25 -11.74 -8.65
N GLU A 73 -2.48 -12.23 -8.54
CA GLU A 73 -3.34 -12.43 -9.70
C GLU A 73 -4.17 -11.19 -9.99
N GLU A 74 -4.69 -10.58 -8.93
CA GLU A 74 -5.51 -9.38 -9.06
C GLU A 74 -4.73 -8.26 -9.76
N LEU A 75 -3.49 -8.05 -9.31
CA LEU A 75 -2.64 -7.01 -9.88
C LEU A 75 -2.26 -7.35 -11.32
N SER A 76 -2.50 -8.60 -11.71
CA SER A 76 -2.18 -9.06 -13.06
C SER A 76 -3.41 -9.01 -13.96
N THR A 77 -4.45 -8.32 -13.49
CA THR A 77 -5.69 -8.20 -14.25
C THR A 77 -5.60 -7.06 -15.26
N THR A 78 -5.37 -5.85 -14.77
CA THR A 78 -5.26 -4.68 -15.62
C THR A 78 -3.98 -3.91 -15.34
N VAL A 79 -3.53 -3.96 -14.09
CA VAL A 79 -2.31 -3.26 -13.70
C VAL A 79 -1.07 -3.98 -14.20
N HIS A 80 -0.04 -3.21 -14.54
CA HIS A 80 1.21 -3.78 -15.05
C HIS A 80 2.32 -3.62 -14.02
N ALA A 81 2.56 -2.38 -13.59
CA ALA A 81 3.60 -2.10 -12.61
C ALA A 81 3.02 -1.40 -11.39
N LEU A 82 3.09 -2.07 -10.24
CA LEU A 82 2.57 -1.51 -9.00
C LEU A 82 3.70 -1.22 -8.02
N ALA A 83 3.53 -0.18 -7.21
CA ALA A 83 4.53 0.22 -6.24
C ALA A 83 4.03 0.00 -4.82
N LEU A 84 4.73 -0.85 -4.07
CA LEU A 84 4.36 -1.14 -2.69
C LEU A 84 5.12 -0.25 -1.71
N HIS A 85 4.45 0.75 -1.18
CA HIS A 85 5.05 1.67 -0.22
C HIS A 85 4.74 1.26 1.21
N THR A 86 5.43 0.24 1.70
CA THR A 86 5.23 -0.24 3.06
C THR A 86 6.06 0.55 4.06
N TYR A 87 5.39 1.06 5.09
CA TYR A 87 6.06 1.84 6.13
C TYR A 87 5.70 1.33 7.52
N THR A 88 6.38 1.85 8.53
CA THR A 88 6.14 1.46 9.91
C THR A 88 5.44 2.56 10.69
N ILE A 89 4.61 2.18 11.64
CA ILE A 89 3.88 3.15 12.47
C ILE A 89 4.80 4.27 12.93
N LYS A 90 5.84 3.92 13.66
CA LYS A 90 6.79 4.89 14.17
C LYS A 90 7.28 5.81 13.05
N GLU A 91 7.76 5.21 11.96
CA GLU A 91 8.25 5.98 10.82
C GLU A 91 7.25 7.05 10.42
N TRP A 92 5.98 6.69 10.41
CA TRP A 92 4.92 7.63 10.05
C TRP A 92 4.74 8.70 11.11
N GLU A 93 4.79 8.28 12.37
CA GLU A 93 4.63 9.21 13.49
C GLU A 93 5.42 10.49 13.25
N GLY A 94 6.50 10.38 12.47
CA GLY A 94 7.32 11.54 12.17
C GLY A 94 8.40 11.24 11.15
N LEU A 95 7.99 11.00 9.91
CA LEU A 95 8.94 10.68 8.85
C LEU A 95 9.86 11.87 8.58
N GLN A 96 9.27 13.04 8.41
CA GLN A 96 10.05 14.25 8.15
C GLN A 96 11.35 14.26 8.95
N ASP A 97 11.21 14.29 10.27
CA ASP A 97 12.38 14.29 11.15
C ASP A 97 11.97 13.96 12.58
N THR A 98 12.96 13.70 13.43
CA THR A 98 12.72 13.37 14.83
C THR A 98 13.39 14.36 15.76
N VAL A 99 12.60 15.18 16.44
CA VAL A 99 13.13 16.18 17.36
C VAL A 99 12.71 15.87 18.80
N PHE A 100 13.62 15.27 19.55
CA PHE A 100 13.36 14.92 20.94
C PHE A 100 14.39 15.54 21.87
N ALA A 101 14.02 16.65 22.51
CA ALA A 101 14.90 17.34 23.42
C ALA A 101 14.36 17.31 24.85
N SER A 102 15.23 16.98 25.80
CA SER A 102 14.84 16.92 27.21
C SER A 102 14.76 18.31 27.82
N PRO A 103 13.69 18.56 28.59
CA PRO A 103 13.48 19.85 29.25
C PRO A 103 14.48 20.10 30.37
N PRO A 104 15.11 21.28 30.36
CA PRO A 104 16.09 21.68 31.36
C PRO A 104 15.46 21.94 32.72
N CYS A 105 16.28 22.33 33.69
CA CYS A 105 15.80 22.60 35.04
C CYS A 105 14.81 23.76 35.04
N ARG A 106 13.61 23.49 35.56
CA ARG A 106 12.57 24.50 35.62
C ARG A 106 12.78 25.44 36.81
N GLY A 107 13.00 24.85 37.98
CA GLY A 107 13.21 25.65 39.18
C GLY A 107 12.72 24.95 40.43
#